data_2JVF
#
_entry.id   2JVF
#
_entity_poly.entity_id   1
_entity_poly.type   'polypeptide(L)'
_entity_poly.pdbx_seq_one_letter_code
;GSHMKVDITIKIQRDGQEIEIDIRVSTGKELERALQELEKALARAGARNVQITISAENDEQAKELLELIARLLQKLGYKD
INVRVNGTEVKIEVRV
;
_entity_poly.pdbx_strand_id   A
#
# COMPACT_ATOMS: atom_id res chain seq x y z
N HIS A 3 -17.60 5.53 0.89
CA HIS A 3 -16.50 4.74 0.26
C HIS A 3 -16.70 3.17 0.17
N MET A 4 -17.82 2.60 0.66
CA MET A 4 -18.06 1.12 0.72
C MET A 4 -17.05 0.39 1.67
N LYS A 5 -16.02 -0.29 1.11
CA LYS A 5 -14.89 -0.85 1.90
C LYS A 5 -13.60 -0.89 1.01
N VAL A 6 -13.04 0.29 0.69
CA VAL A 6 -11.79 0.42 -0.12
C VAL A 6 -11.00 1.62 0.51
N ASP A 7 -10.14 1.36 1.52
CA ASP A 7 -9.24 2.40 2.13
C ASP A 7 -7.76 2.09 1.72
N ILE A 8 -7.15 2.95 0.90
CA ILE A 8 -5.71 2.81 0.50
C ILE A 8 -4.85 3.60 1.54
N THR A 9 -4.41 2.93 2.63
CA THR A 9 -3.77 3.61 3.79
C THR A 9 -2.22 3.38 3.78
N ILE A 10 -1.42 4.44 3.64
CA ILE A 10 0.06 4.35 3.53
C ILE A 10 0.69 4.94 4.84
N LYS A 11 1.22 4.11 5.76
CA LYS A 11 2.12 4.59 6.86
C LYS A 11 3.61 4.44 6.40
N ILE A 12 4.29 5.56 6.14
CA ILE A 12 5.79 5.61 5.97
C ILE A 12 6.41 5.85 7.38
N GLN A 13 7.10 4.83 7.93
CA GLN A 13 7.97 5.01 9.12
C GLN A 13 9.40 5.45 8.65
N ARG A 14 9.73 6.72 8.90
CA ARG A 14 11.00 7.33 8.45
C ARG A 14 12.02 7.47 9.63
N ASP A 15 13.16 8.11 9.34
CA ASP A 15 14.17 8.56 10.35
C ASP A 15 13.62 9.67 11.33
N GLY A 16 13.05 9.23 12.47
CA GLY A 16 12.41 10.14 13.46
C GLY A 16 11.00 10.73 13.17
N GLN A 17 10.21 10.16 12.25
CA GLN A 17 8.89 10.71 11.84
C GLN A 17 8.03 9.59 11.17
N GLU A 18 6.77 9.43 11.60
CA GLU A 18 5.76 8.72 10.77
C GLU A 18 4.97 9.70 9.84
N ILE A 19 4.78 9.29 8.58
CA ILE A 19 4.01 10.07 7.56
C ILE A 19 2.84 9.15 7.11
N GLU A 20 1.61 9.46 7.57
CA GLU A 20 0.39 8.70 7.21
C GLU A 20 -0.50 9.47 6.19
N ILE A 21 -0.82 8.83 5.06
CA ILE A 21 -1.78 9.37 4.05
C ILE A 21 -2.80 8.27 3.64
N ASP A 22 -4.11 8.56 3.74
CA ASP A 22 -5.19 7.62 3.34
C ASP A 22 -5.96 8.13 2.08
N ILE A 23 -6.11 7.25 1.07
CA ILE A 23 -6.90 7.55 -0.17
C ILE A 23 -8.12 6.55 -0.20
N ARG A 24 -9.22 6.84 0.52
CA ARG A 24 -10.40 5.93 0.59
C ARG A 24 -11.54 6.32 -0.41
N VAL A 25 -11.90 5.39 -1.31
CA VAL A 25 -12.61 5.73 -2.59
C VAL A 25 -13.53 4.56 -3.07
N SER A 26 -14.75 4.86 -3.56
CA SER A 26 -15.56 3.89 -4.36
C SER A 26 -15.86 4.51 -5.76
N THR A 27 -15.17 4.01 -6.80
CA THR A 27 -15.30 4.57 -8.19
C THR A 27 -14.81 3.55 -9.28
N GLY A 28 -13.51 3.23 -9.30
CA GLY A 28 -12.84 2.74 -10.53
C GLY A 28 -11.81 3.76 -11.05
N LYS A 29 -10.58 3.30 -11.34
CA LYS A 29 -9.54 4.10 -12.08
C LYS A 29 -8.76 5.21 -11.31
N GLU A 30 -9.40 5.90 -10.35
CA GLU A 30 -8.69 6.68 -9.30
C GLU A 30 -7.76 5.87 -8.33
N LEU A 31 -8.05 4.61 -8.01
CA LEU A 31 -7.06 3.67 -7.39
C LEU A 31 -5.73 3.53 -8.21
N GLU A 32 -5.82 3.19 -9.51
CA GLU A 32 -4.69 3.24 -10.49
C GLU A 32 -3.97 4.63 -10.69
N ARG A 33 -4.70 5.74 -10.90
CA ARG A 33 -4.10 7.11 -10.94
C ARG A 33 -3.34 7.54 -9.64
N ALA A 34 -3.94 7.37 -8.44
CA ALA A 34 -3.21 7.46 -7.15
C ALA A 34 -2.01 6.46 -6.97
N LEU A 35 -2.17 5.15 -7.27
CA LEU A 35 -1.05 4.16 -7.28
C LEU A 35 0.21 4.54 -8.14
N GLN A 36 0.04 5.09 -9.36
CA GLN A 36 1.14 5.69 -10.16
C GLN A 36 1.91 6.88 -9.48
N GLU A 37 1.20 7.91 -8.96
CA GLU A 37 1.84 8.99 -8.14
C GLU A 37 2.41 8.53 -6.74
N LEU A 38 1.77 7.59 -6.02
CA LEU A 38 2.33 6.92 -4.82
C LEU A 38 3.67 6.13 -5.05
N GLU A 39 3.79 5.33 -6.14
CA GLU A 39 5.10 4.76 -6.62
C GLU A 39 6.26 5.81 -6.75
N LYS A 40 6.04 6.86 -7.58
CA LYS A 40 6.85 8.09 -7.63
C LYS A 40 7.14 8.80 -6.26
N ALA A 41 6.13 9.05 -5.39
CA ALA A 41 6.34 9.60 -4.02
C ALA A 41 7.21 8.75 -3.04
N LEU A 42 6.96 7.43 -2.89
CA LEU A 42 7.88 6.49 -2.18
C LEU A 42 9.37 6.49 -2.71
N ALA A 43 9.58 6.44 -4.04
CA ALA A 43 10.93 6.62 -4.65
C ALA A 43 11.58 8.03 -4.47
N ARG A 44 10.84 9.13 -4.72
CA ARG A 44 11.31 10.53 -4.47
C ARG A 44 11.66 10.89 -2.99
N ALA A 45 10.80 10.55 -2.01
CA ALA A 45 11.12 10.68 -0.56
C ALA A 45 12.22 9.73 0.03
N GLY A 46 12.42 8.52 -0.52
CA GLY A 46 13.34 7.50 0.06
C GLY A 46 12.78 6.77 1.29
N ALA A 47 11.68 6.04 1.11
CA ALA A 47 10.90 5.47 2.23
C ALA A 47 11.40 4.06 2.65
N ARG A 48 12.28 4.01 3.66
CA ARG A 48 12.97 2.75 4.07
C ARG A 48 12.09 1.69 4.82
N ASN A 49 11.15 2.09 5.68
CA ASN A 49 10.22 1.15 6.38
C ASN A 49 8.76 1.61 6.08
N VAL A 50 7.98 0.82 5.33
CA VAL A 50 6.60 1.24 4.90
C VAL A 50 5.57 0.12 5.25
N GLN A 51 4.52 0.46 6.01
CA GLN A 51 3.32 -0.39 6.16
C GLN A 51 2.20 0.13 5.20
N ILE A 52 1.96 -0.57 4.08
CA ILE A 52 0.78 -0.28 3.19
C ILE A 52 -0.38 -1.21 3.66
N THR A 53 -1.45 -0.62 4.20
CA THR A 53 -2.66 -1.37 4.63
C THR A 53 -3.83 -1.06 3.64
N ILE A 54 -4.25 -2.06 2.86
CA ILE A 54 -5.40 -1.91 1.92
C ILE A 54 -6.65 -2.59 2.57
N SER A 55 -7.57 -1.76 3.06
CA SER A 55 -8.88 -2.18 3.63
C SER A 55 -9.89 -2.61 2.53
N ALA A 56 -9.83 -3.89 2.09
CA ALA A 56 -10.52 -4.34 0.85
C ALA A 56 -11.93 -4.97 1.08
N GLU A 57 -12.76 -4.89 0.02
CA GLU A 57 -14.20 -5.29 0.07
C GLU A 57 -14.52 -6.82 0.05
N ASN A 58 -13.75 -7.63 -0.71
CA ASN A 58 -13.95 -9.10 -0.79
C ASN A 58 -12.60 -9.86 -0.98
N ASP A 59 -12.68 -11.19 -0.88
CA ASP A 59 -11.50 -12.11 -0.95
C ASP A 59 -10.76 -12.14 -2.33
N GLU A 60 -11.46 -12.22 -3.49
CA GLU A 60 -10.86 -12.03 -4.84
C GLU A 60 -10.24 -10.61 -5.11
N GLN A 61 -10.93 -9.51 -4.71
CA GLN A 61 -10.29 -8.16 -4.60
C GLN A 61 -9.00 -8.11 -3.71
N ALA A 62 -9.07 -8.59 -2.44
CA ALA A 62 -7.86 -8.80 -1.59
C ALA A 62 -6.68 -9.66 -2.18
N LYS A 63 -6.94 -10.74 -2.96
CA LYS A 63 -5.91 -11.46 -3.76
C LYS A 63 -5.12 -10.55 -4.76
N GLU A 64 -5.79 -9.92 -5.75
CA GLU A 64 -5.10 -8.98 -6.69
C GLU A 64 -4.64 -7.62 -6.11
N LEU A 65 -5.27 -7.05 -5.08
CA LEU A 65 -4.65 -5.96 -4.26
C LEU A 65 -3.36 -6.39 -3.48
N LEU A 66 -3.33 -7.55 -2.80
CA LEU A 66 -2.05 -8.21 -2.34
C LEU A 66 -0.91 -8.30 -3.38
N GLU A 67 -1.17 -8.89 -4.55
CA GLU A 67 -0.16 -8.94 -5.65
C GLU A 67 0.09 -7.58 -6.38
N LEU A 68 -0.87 -6.65 -6.58
CA LEU A 68 -0.58 -5.21 -6.92
C LEU A 68 0.40 -4.46 -5.96
N ILE A 69 0.23 -4.58 -4.62
CA ILE A 69 1.24 -4.08 -3.64
C ILE A 69 2.64 -4.79 -3.78
N ALA A 70 2.72 -6.13 -3.88
CA ALA A 70 3.98 -6.84 -4.24
C ALA A 70 4.62 -6.41 -5.60
N ARG A 71 3.88 -6.36 -6.73
CA ARG A 71 4.31 -5.71 -8.00
C ARG A 71 4.85 -4.24 -7.85
N LEU A 72 4.13 -3.35 -7.12
CA LEU A 72 4.66 -2.02 -6.67
C LEU A 72 6.02 -2.06 -5.89
N LEU A 73 6.07 -2.77 -4.75
CA LEU A 73 7.26 -2.78 -3.84
C LEU A 73 8.48 -3.62 -4.36
N GLN A 74 8.27 -4.70 -5.14
CA GLN A 74 9.33 -5.32 -6.00
C GLN A 74 9.88 -4.42 -7.16
N LYS A 75 9.07 -3.55 -7.81
CA LYS A 75 9.60 -2.47 -8.71
C LYS A 75 10.55 -1.45 -8.00
N LEU A 76 10.19 -0.93 -6.81
CA LEU A 76 11.11 -0.06 -6.01
C LEU A 76 12.39 -0.78 -5.44
N GLY A 77 12.27 -2.01 -4.91
CA GLY A 77 13.44 -2.78 -4.40
C GLY A 77 13.47 -2.96 -2.87
N TYR A 78 12.52 -3.73 -2.33
CA TYR A 78 12.40 -3.98 -0.87
C TYR A 78 12.67 -5.48 -0.54
N LYS A 79 13.65 -5.77 0.34
CA LYS A 79 13.96 -7.16 0.78
C LYS A 79 12.96 -7.86 1.76
N ASP A 80 12.49 -7.16 2.81
CA ASP A 80 11.81 -7.81 3.97
C ASP A 80 10.27 -7.62 3.87
N ILE A 81 9.59 -8.45 3.05
CA ILE A 81 8.17 -8.20 2.64
C ILE A 81 7.23 -9.02 3.59
N ASN A 82 6.70 -8.39 4.65
CA ASN A 82 6.02 -9.11 5.76
C ASN A 82 4.47 -8.87 5.71
N VAL A 83 3.73 -9.88 5.23
CA VAL A 83 2.25 -9.81 5.05
C VAL A 83 1.45 -10.27 6.33
N ARG A 84 0.42 -9.51 6.73
CA ARG A 84 -0.71 -10.03 7.54
C ARG A 84 -2.07 -9.54 6.91
N VAL A 85 -2.96 -10.49 6.57
CA VAL A 85 -4.33 -10.18 6.07
C VAL A 85 -5.33 -10.34 7.26
N ASN A 86 -5.98 -9.24 7.69
CA ASN A 86 -7.08 -9.32 8.71
C ASN A 86 -8.45 -9.53 7.99
N GLY A 87 -8.78 -10.80 7.67
CA GLY A 87 -9.97 -11.16 6.83
C GLY A 87 -9.80 -10.80 5.34
N THR A 88 -10.21 -9.58 5.00
CA THR A 88 -9.86 -8.93 3.69
C THR A 88 -8.77 -7.81 3.76
N GLU A 89 -8.34 -7.34 4.96
CA GLU A 89 -7.55 -6.08 5.12
C GLU A 89 -6.03 -6.40 5.06
N VAL A 90 -5.39 -6.05 3.94
CA VAL A 90 -4.02 -6.55 3.59
C VAL A 90 -2.97 -5.53 4.11
N LYS A 91 -2.30 -5.80 5.25
CA LYS A 91 -1.09 -5.02 5.67
C LYS A 91 0.22 -5.70 5.15
N ILE A 92 1.00 -4.97 4.33
CA ILE A 92 2.33 -5.43 3.84
C ILE A 92 3.38 -4.44 4.44
N GLU A 93 4.19 -4.96 5.37
CA GLU A 93 5.30 -4.21 6.00
C GLU A 93 6.64 -4.51 5.27
N VAL A 94 7.18 -3.50 4.57
CA VAL A 94 8.44 -3.64 3.78
C VAL A 94 9.61 -2.87 4.43
N ARG A 95 10.72 -3.59 4.72
CA ARG A 95 11.87 -3.02 5.50
C ARG A 95 13.18 -3.08 4.64
N VAL A 96 13.83 -1.93 4.39
CA VAL A 96 15.11 -1.87 3.60
C VAL A 96 16.28 -2.21 4.56
N HIS A 3 -18.89 4.62 4.70
CA HIS A 3 -18.88 3.40 3.87
C HIS A 3 -17.43 3.00 3.49
N MET A 4 -16.85 1.98 4.18
CA MET A 4 -15.51 1.43 3.84
C MET A 4 -15.61 0.49 2.59
N LYS A 5 -14.96 0.89 1.48
CA LYS A 5 -14.90 0.05 0.25
C LYS A 5 -13.44 -0.35 -0.12
N VAL A 6 -12.61 0.58 -0.63
CA VAL A 6 -11.16 0.32 -0.87
C VAL A 6 -10.37 1.51 -0.22
N ASP A 7 -9.98 1.36 1.05
CA ASP A 7 -9.17 2.39 1.77
C ASP A 7 -7.66 2.06 1.67
N ILE A 8 -6.87 2.97 1.07
CA ILE A 8 -5.37 2.86 1.10
C ILE A 8 -4.86 3.66 2.34
N THR A 9 -4.82 3.03 3.53
CA THR A 9 -4.28 3.66 4.78
C THR A 9 -2.74 3.43 4.84
N ILE A 10 -1.98 4.51 4.56
CA ILE A 10 -0.49 4.50 4.54
C ILE A 10 0.05 4.99 5.92
N LYS A 11 1.05 4.30 6.50
CA LYS A 11 1.97 4.89 7.52
C LYS A 11 3.46 4.66 7.03
N ILE A 12 4.11 5.70 6.49
CA ILE A 12 5.54 5.63 6.02
C ILE A 12 6.51 6.22 7.08
N GLN A 13 7.40 5.39 7.63
CA GLN A 13 8.32 5.81 8.73
C GLN A 13 9.65 6.40 8.16
N ARG A 14 9.78 7.73 8.18
CA ARG A 14 10.98 8.48 7.72
C ARG A 14 11.94 8.79 8.91
N ASP A 15 12.80 7.82 9.27
CA ASP A 15 13.82 7.98 10.37
C ASP A 15 13.26 8.54 11.74
N GLY A 16 12.23 7.86 12.30
CA GLY A 16 11.38 8.46 13.37
C GLY A 16 10.00 9.01 12.94
N GLN A 17 9.94 9.82 11.87
CA GLN A 17 8.69 10.51 11.43
C GLN A 17 7.72 9.58 10.64
N GLU A 18 6.66 9.06 11.30
CA GLU A 18 5.56 8.34 10.58
C GLU A 18 4.56 9.34 9.91
N ILE A 19 4.62 9.41 8.58
CA ILE A 19 3.83 10.41 7.78
C ILE A 19 2.64 9.61 7.16
N GLU A 20 1.40 9.89 7.60
CA GLU A 20 0.24 8.99 7.36
C GLU A 20 -0.91 9.59 6.49
N ILE A 21 -1.46 8.78 5.57
CA ILE A 21 -2.39 9.27 4.51
C ILE A 21 -3.46 8.14 4.24
N ASP A 22 -4.75 8.44 4.42
CA ASP A 22 -5.87 7.55 3.98
C ASP A 22 -6.40 7.97 2.56
N ILE A 23 -6.06 7.22 1.50
CA ILE A 23 -6.54 7.50 0.11
C ILE A 23 -7.74 6.52 -0.16
N ARG A 24 -8.97 7.01 0.09
CA ARG A 24 -10.20 6.17 0.06
C ARG A 24 -10.89 6.20 -1.35
N VAL A 25 -10.62 5.18 -2.19
CA VAL A 25 -10.88 5.25 -3.66
C VAL A 25 -11.35 3.86 -4.21
N SER A 26 -12.68 3.60 -4.21
CA SER A 26 -13.26 2.39 -4.84
C SER A 26 -13.73 2.68 -6.31
N THR A 27 -12.79 2.55 -7.26
CA THR A 27 -12.93 3.09 -8.64
C THR A 27 -11.82 2.48 -9.56
N GLY A 28 -12.05 2.43 -10.88
CA GLY A 28 -10.96 2.18 -11.87
C GLY A 28 -10.10 3.43 -12.20
N LYS A 29 -10.73 4.46 -12.80
CA LYS A 29 -10.11 5.81 -12.94
C LYS A 29 -10.01 6.56 -11.57
N GLU A 30 -8.88 7.26 -11.34
CA GLU A 30 -8.47 7.79 -10.00
C GLU A 30 -7.59 6.80 -9.17
N LEU A 31 -8.00 5.53 -8.98
CA LEU A 31 -7.12 4.46 -8.38
C LEU A 31 -5.75 4.26 -9.10
N GLU A 32 -5.73 4.02 -10.44
CA GLU A 32 -4.48 3.98 -11.24
C GLU A 32 -3.62 5.31 -11.24
N ARG A 33 -4.26 6.50 -11.35
CA ARG A 33 -3.57 7.81 -11.13
C ARG A 33 -2.97 8.02 -9.70
N ALA A 34 -3.71 7.72 -8.61
CA ALA A 34 -3.14 7.60 -7.24
C ALA A 34 -2.00 6.54 -7.08
N LEU A 35 -2.21 5.27 -7.50
CA LEU A 35 -1.14 4.22 -7.54
C LEU A 35 0.19 4.63 -8.24
N GLN A 36 0.14 5.21 -9.45
CA GLN A 36 1.32 5.74 -10.16
C GLN A 36 1.96 7.07 -9.61
N GLU A 37 1.27 7.93 -8.84
CA GLU A 37 1.93 9.00 -8.02
C GLU A 37 2.39 8.56 -6.59
N LEU A 38 1.67 7.65 -5.91
CA LEU A 38 2.14 7.02 -4.63
C LEU A 38 3.44 6.15 -4.76
N GLU A 39 3.62 5.32 -5.81
CA GLU A 39 4.97 4.80 -6.24
C GLU A 39 6.10 5.88 -6.41
N LYS A 40 5.75 7.03 -7.03
CA LYS A 40 6.64 8.19 -7.23
C LYS A 40 7.03 8.93 -5.91
N ALA A 41 6.05 9.28 -5.04
CA ALA A 41 6.32 9.68 -3.63
C ALA A 41 7.11 8.69 -2.72
N LEU A 42 6.98 7.36 -2.89
CA LEU A 42 7.90 6.36 -2.28
C LEU A 42 9.36 6.40 -2.84
N ALA A 43 9.57 6.28 -4.16
CA ALA A 43 10.92 6.34 -4.79
C ALA A 43 11.67 7.71 -4.67
N ARG A 44 11.05 8.83 -5.06
CA ARG A 44 11.58 10.20 -4.79
C ARG A 44 11.30 10.68 -3.31
N ALA A 45 11.89 9.96 -2.35
CA ALA A 45 11.80 10.23 -0.88
C ALA A 45 12.76 9.31 -0.08
N GLY A 46 12.61 7.97 -0.13
CA GLY A 46 13.38 7.03 0.73
C GLY A 46 12.82 6.87 2.16
N ALA A 47 11.75 6.07 2.32
CA ALA A 47 11.21 5.71 3.66
C ALA A 47 11.84 4.40 4.24
N ARG A 48 11.91 4.32 5.57
CA ARG A 48 12.49 3.13 6.28
C ARG A 48 11.47 1.95 6.35
N ASN A 49 10.38 2.06 7.14
CA ASN A 49 9.29 1.04 7.17
C ASN A 49 8.03 1.61 6.47
N VAL A 50 7.69 1.03 5.31
CA VAL A 50 6.50 1.37 4.49
C VAL A 50 5.40 0.35 4.88
N GLN A 51 4.49 0.72 5.79
CA GLN A 51 3.37 -0.14 6.24
C GLN A 51 2.02 0.39 5.67
N ILE A 52 1.51 -0.28 4.62
CA ILE A 52 0.28 0.14 3.88
C ILE A 52 -0.84 -0.90 4.20
N THR A 53 -1.92 -0.48 4.87
CA THR A 53 -3.14 -1.31 5.04
C THR A 53 -4.17 -0.97 3.92
N ILE A 54 -4.40 -1.91 2.99
CA ILE A 54 -5.46 -1.78 1.95
C ILE A 54 -6.71 -2.61 2.38
N SER A 55 -7.76 -1.93 2.87
CA SER A 55 -8.99 -2.61 3.37
C SER A 55 -10.06 -2.79 2.26
N ALA A 56 -10.21 -4.03 1.76
CA ALA A 56 -11.09 -4.33 0.60
C ALA A 56 -12.50 -4.91 0.98
N GLU A 57 -13.40 -4.97 -0.02
CA GLU A 57 -14.78 -5.51 0.16
C GLU A 57 -14.94 -7.08 0.22
N ASN A 58 -14.10 -7.86 -0.49
CA ASN A 58 -14.24 -9.34 -0.59
C ASN A 58 -12.85 -10.05 -0.54
N ASP A 59 -12.85 -11.34 -0.17
CA ASP A 59 -11.60 -12.16 -0.06
C ASP A 59 -10.77 -12.31 -1.39
N GLU A 60 -11.40 -12.63 -2.54
CA GLU A 60 -10.74 -12.51 -3.89
C GLU A 60 -10.27 -11.06 -4.27
N GLN A 61 -11.04 -9.99 -3.99
CA GLN A 61 -10.57 -8.57 -4.12
C GLN A 61 -9.34 -8.17 -3.22
N ALA A 62 -9.29 -8.61 -1.94
CA ALA A 62 -8.05 -8.61 -1.12
C ALA A 62 -6.83 -9.40 -1.71
N LYS A 63 -7.02 -10.66 -2.20
CA LYS A 63 -6.02 -11.38 -3.04
C LYS A 63 -5.54 -10.63 -4.35
N GLU A 64 -6.45 -10.12 -5.19
CA GLU A 64 -6.11 -9.23 -6.34
C GLU A 64 -5.32 -7.92 -5.97
N LEU A 65 -5.72 -7.21 -4.90
CA LEU A 65 -4.90 -6.09 -4.32
C LEU A 65 -3.53 -6.52 -3.69
N LEU A 66 -3.43 -7.59 -2.87
CA LEU A 66 -2.14 -8.26 -2.52
C LEU A 66 -1.16 -8.53 -3.72
N GLU A 67 -1.63 -9.21 -4.79
CA GLU A 67 -0.84 -9.41 -6.04
C GLU A 67 -0.44 -8.11 -6.80
N LEU A 68 -1.38 -7.14 -6.98
CA LEU A 68 -1.05 -5.76 -7.46
C LEU A 68 0.01 -4.97 -6.61
N ILE A 69 -0.13 -4.91 -5.27
CA ILE A 69 0.92 -4.30 -4.37
C ILE A 69 2.28 -5.09 -4.43
N ALA A 70 2.32 -6.43 -4.30
CA ALA A 70 3.55 -7.24 -4.53
C ALA A 70 4.32 -7.01 -5.88
N ARG A 71 3.60 -6.93 -7.02
CA ARG A 71 4.16 -6.40 -8.31
C ARG A 71 4.75 -4.94 -8.26
N LEU A 72 4.10 -3.98 -7.57
CA LEU A 72 4.69 -2.66 -7.21
C LEU A 72 5.98 -2.74 -6.32
N LEU A 73 5.98 -3.52 -5.22
CA LEU A 73 7.20 -3.87 -4.44
C LEU A 73 8.41 -4.41 -5.26
N GLN A 74 8.19 -5.39 -6.17
CA GLN A 74 9.22 -5.87 -7.13
C GLN A 74 9.82 -4.76 -8.06
N LYS A 75 8.97 -3.87 -8.65
CA LYS A 75 9.44 -2.62 -9.35
C LYS A 75 10.19 -1.57 -8.46
N LEU A 76 9.72 -1.27 -7.23
CA LEU A 76 10.47 -0.45 -6.24
C LEU A 76 11.83 -1.06 -5.75
N GLY A 77 11.89 -2.36 -5.40
CA GLY A 77 13.15 -3.05 -5.02
C GLY A 77 13.44 -3.26 -3.52
N TYR A 78 12.43 -3.55 -2.69
CA TYR A 78 12.60 -3.74 -1.22
C TYR A 78 13.29 -5.10 -0.83
N LYS A 79 13.75 -5.19 0.43
CA LYS A 79 14.49 -6.37 0.95
C LYS A 79 13.66 -7.17 2.00
N ASP A 80 13.25 -6.55 3.11
CA ASP A 80 12.45 -7.22 4.16
C ASP A 80 10.93 -7.02 3.82
N ILE A 81 10.25 -8.08 3.34
CA ILE A 81 8.85 -7.96 2.81
C ILE A 81 7.92 -8.86 3.69
N ASN A 82 7.07 -8.23 4.53
CA ASN A 82 6.18 -8.95 5.50
C ASN A 82 4.67 -8.71 5.19
N VAL A 83 3.89 -9.79 5.00
CA VAL A 83 2.44 -9.72 4.64
C VAL A 83 1.57 -10.10 5.90
N ARG A 84 0.59 -9.27 6.27
CA ARG A 84 -0.50 -9.66 7.23
C ARG A 84 -1.89 -9.31 6.63
N VAL A 85 -2.64 -10.31 6.15
CA VAL A 85 -4.05 -10.11 5.67
C VAL A 85 -5.03 -10.46 6.85
N ASN A 86 -5.64 -9.45 7.49
CA ASN A 86 -6.67 -9.68 8.54
C ASN A 86 -8.10 -9.69 7.89
N GLY A 87 -8.52 -10.85 7.35
CA GLY A 87 -9.77 -10.96 6.55
C GLY A 87 -9.67 -10.32 5.15
N THR A 88 -10.13 -9.07 5.05
CA THR A 88 -9.86 -8.20 3.85
C THR A 88 -8.89 -6.98 4.11
N GLU A 89 -8.34 -6.78 5.34
CA GLU A 89 -7.32 -5.75 5.64
C GLU A 89 -5.91 -6.22 5.18
N VAL A 90 -5.47 -5.79 3.99
CA VAL A 90 -4.19 -6.25 3.38
C VAL A 90 -3.03 -5.34 3.89
N LYS A 91 -2.38 -5.72 5.01
CA LYS A 91 -1.18 -5.01 5.51
C LYS A 91 0.11 -5.49 4.76
N ILE A 92 0.66 -4.61 3.92
CA ILE A 92 1.97 -4.83 3.25
C ILE A 92 3.03 -3.99 4.03
N GLU A 93 3.86 -4.68 4.84
CA GLU A 93 4.86 -4.06 5.74
C GLU A 93 6.29 -4.29 5.16
N VAL A 94 6.91 -3.26 4.55
CA VAL A 94 8.23 -3.41 3.86
C VAL A 94 9.34 -2.45 4.39
N ARG A 95 10.56 -2.98 4.57
CA ARG A 95 11.76 -2.14 4.89
C ARG A 95 13.02 -2.52 4.03
N VAL A 96 13.99 -1.59 3.97
CA VAL A 96 15.09 -1.61 2.96
C VAL A 96 16.22 -2.54 3.46
N HIS A 3 -19.35 -2.94 5.30
CA HIS A 3 -18.23 -2.23 4.62
C HIS A 3 -18.50 -2.01 3.10
N MET A 4 -18.53 -0.75 2.64
CA MET A 4 -18.62 -0.43 1.17
C MET A 4 -17.95 0.95 0.83
N LYS A 5 -16.61 1.02 0.92
CA LYS A 5 -15.77 2.22 0.53
C LYS A 5 -14.31 1.91 0.97
N VAL A 6 -13.36 1.82 0.02
CA VAL A 6 -11.98 1.32 0.31
C VAL A 6 -11.08 2.43 0.92
N ASP A 7 -10.72 2.28 2.22
CA ASP A 7 -9.66 3.08 2.88
C ASP A 7 -8.24 2.62 2.42
N ILE A 8 -7.49 3.54 1.78
CA ILE A 8 -6.05 3.31 1.43
C ILE A 8 -5.19 4.16 2.43
N THR A 9 -4.73 3.52 3.52
CA THR A 9 -3.94 4.19 4.59
C THR A 9 -2.45 3.77 4.43
N ILE A 10 -1.62 4.71 3.92
CA ILE A 10 -0.21 4.42 3.52
C ILE A 10 0.74 5.12 4.54
N LYS A 11 1.43 4.33 5.38
CA LYS A 11 2.39 4.87 6.38
C LYS A 11 3.85 4.80 5.86
N ILE A 12 4.44 5.98 5.57
CA ILE A 12 5.86 6.13 5.16
C ILE A 12 6.70 6.29 6.47
N GLN A 13 7.37 5.22 6.92
CA GLN A 13 8.07 5.18 8.22
C GLN A 13 9.56 5.61 8.06
N ARG A 14 9.86 6.85 8.47
CA ARG A 14 11.26 7.36 8.59
C ARG A 14 11.60 7.73 10.07
N ASP A 15 12.89 7.75 10.43
CA ASP A 15 13.34 8.07 11.82
C ASP A 15 12.93 9.52 12.27
N GLY A 16 12.09 9.61 13.31
CA GLY A 16 11.43 10.89 13.70
C GLY A 16 9.98 11.14 13.22
N GLN A 17 9.57 10.66 12.04
CA GLN A 17 8.19 10.88 11.51
C GLN A 17 7.62 9.56 10.90
N GLU A 18 6.55 9.03 11.50
CA GLU A 18 5.66 8.04 10.81
C GLU A 18 4.57 8.83 10.02
N ILE A 19 4.63 8.78 8.67
CA ILE A 19 3.76 9.63 7.81
C ILE A 19 2.61 8.74 7.24
N GLU A 20 1.53 8.53 8.04
CA GLU A 20 0.27 7.91 7.56
C GLU A 20 -0.62 8.92 6.77
N ILE A 21 -0.75 8.65 5.46
CA ILE A 21 -1.65 9.43 4.54
C ILE A 21 -2.87 8.53 4.14
N ASP A 22 -4.08 8.99 4.50
CA ASP A 22 -5.30 8.13 4.54
C ASP A 22 -6.41 8.59 3.53
N ILE A 23 -6.47 7.91 2.37
CA ILE A 23 -7.30 8.32 1.18
C ILE A 23 -8.49 7.30 1.02
N ARG A 24 -9.75 7.74 0.81
CA ARG A 24 -10.92 6.80 0.68
C ARG A 24 -11.43 6.76 -0.79
N VAL A 25 -11.05 5.72 -1.55
CA VAL A 25 -11.13 5.73 -3.05
C VAL A 25 -12.17 4.72 -3.65
N SER A 26 -12.72 5.08 -4.82
CA SER A 26 -13.51 4.18 -5.70
C SER A 26 -12.56 3.40 -6.66
N THR A 27 -12.31 2.12 -6.34
CA THR A 27 -11.13 1.38 -6.87
C THR A 27 -11.22 0.89 -8.36
N GLY A 28 -10.83 1.77 -9.28
CA GLY A 28 -10.40 1.37 -10.64
C GLY A 28 -9.41 2.37 -11.25
N LYS A 29 -9.93 3.46 -11.83
CA LYS A 29 -9.09 4.64 -12.21
C LYS A 29 -8.54 5.50 -11.03
N GLU A 30 -9.24 5.62 -9.87
CA GLU A 30 -8.65 6.22 -8.63
C GLU A 30 -7.50 5.35 -7.99
N LEU A 31 -7.70 4.03 -7.80
CA LEU A 31 -6.60 3.05 -7.52
C LEU A 31 -5.35 3.19 -8.45
N GLU A 32 -5.51 3.12 -9.79
CA GLU A 32 -4.40 3.34 -10.77
C GLU A 32 -3.60 4.69 -10.63
N ARG A 33 -4.30 5.84 -10.55
CA ARG A 33 -3.66 7.18 -10.35
C ARG A 33 -3.00 7.38 -8.96
N ALA A 34 -3.65 6.99 -7.85
CA ALA A 34 -2.99 6.87 -6.53
C ALA A 34 -1.80 5.85 -6.48
N LEU A 35 -1.94 4.59 -6.95
CA LEU A 35 -0.81 3.64 -7.14
C LEU A 35 0.42 4.19 -7.97
N GLN A 36 0.18 4.83 -9.13
CA GLN A 36 1.22 5.60 -9.87
C GLN A 36 1.87 6.81 -9.11
N GLU A 37 1.08 7.68 -8.45
CA GLU A 37 1.62 8.81 -7.63
C GLU A 37 2.29 8.42 -6.27
N LEU A 38 1.75 7.43 -5.54
CA LEU A 38 2.47 6.75 -4.42
C LEU A 38 3.83 6.07 -4.83
N GLU A 39 3.90 5.37 -5.98
CA GLU A 39 5.20 5.06 -6.66
C GLU A 39 6.15 6.27 -6.92
N LYS A 40 5.68 7.37 -7.54
CA LYS A 40 6.45 8.66 -7.64
C LYS A 40 6.94 9.26 -6.26
N ALA A 41 6.04 9.46 -5.28
CA ALA A 41 6.42 9.88 -3.89
C ALA A 41 7.37 8.91 -3.11
N LEU A 42 7.18 7.59 -3.15
CA LEU A 42 8.15 6.59 -2.61
C LEU A 42 9.54 6.54 -3.34
N ALA A 43 9.56 6.45 -4.70
CA ALA A 43 10.81 6.51 -5.50
C ALA A 43 11.66 7.83 -5.37
N ARG A 44 11.04 9.02 -5.45
CA ARG A 44 11.73 10.31 -5.17
C ARG A 44 11.83 10.66 -3.64
N ALA A 45 12.24 9.69 -2.80
CA ALA A 45 12.27 9.80 -1.32
C ALA A 45 13.12 8.66 -0.67
N GLY A 46 12.73 7.37 -0.80
CA GLY A 46 13.49 6.22 -0.23
C GLY A 46 13.43 6.04 1.31
N ALA A 47 12.25 5.69 1.85
CA ALA A 47 12.06 5.52 3.32
C ALA A 47 12.33 4.06 3.83
N ARG A 48 12.92 3.94 5.03
CA ARG A 48 13.40 2.64 5.57
C ARG A 48 12.37 1.47 5.76
N ASN A 49 11.20 1.73 6.36
CA ASN A 49 10.05 0.78 6.38
C ASN A 49 8.78 1.46 5.77
N VAL A 50 8.05 0.74 4.91
CA VAL A 50 6.90 1.34 4.13
C VAL A 50 5.66 0.38 4.26
N GLN A 51 4.52 0.93 4.69
CA GLN A 51 3.34 0.12 5.11
C GLN A 51 2.06 0.55 4.34
N ILE A 52 1.63 -0.26 3.33
CA ILE A 52 0.43 0.03 2.52
C ILE A 52 -0.77 -0.79 3.13
N THR A 53 -1.80 -0.12 3.68
CA THR A 53 -3.05 -0.78 4.16
C THR A 53 -4.21 -0.51 3.15
N ILE A 54 -4.73 -1.56 2.48
CA ILE A 54 -5.91 -1.43 1.58
C ILE A 54 -7.13 -2.14 2.26
N SER A 55 -8.12 -1.39 2.75
CA SER A 55 -9.35 -1.98 3.38
C SER A 55 -10.40 -2.44 2.32
N ALA A 56 -10.22 -3.67 1.78
CA ALA A 56 -10.90 -4.10 0.54
C ALA A 56 -12.36 -4.62 0.73
N GLU A 57 -13.16 -4.53 -0.34
CA GLU A 57 -14.60 -4.93 -0.32
C GLU A 57 -14.86 -6.48 -0.24
N ASN A 58 -14.10 -7.30 -0.99
CA ASN A 58 -14.26 -8.79 -1.04
C ASN A 58 -12.87 -9.51 -0.98
N ASP A 59 -12.86 -10.79 -0.55
CA ASP A 59 -11.65 -11.66 -0.58
C ASP A 59 -10.95 -11.90 -1.97
N GLU A 60 -11.70 -12.13 -3.06
CA GLU A 60 -11.17 -12.15 -4.46
C GLU A 60 -10.46 -10.82 -4.91
N GLN A 61 -11.07 -9.65 -4.64
CA GLN A 61 -10.39 -8.32 -4.73
C GLN A 61 -9.12 -8.16 -3.83
N ALA A 62 -9.15 -8.61 -2.55
CA ALA A 62 -7.94 -8.73 -1.70
C ALA A 62 -6.75 -9.60 -2.26
N LYS A 63 -6.99 -10.74 -2.97
CA LYS A 63 -5.92 -11.41 -3.78
C LYS A 63 -5.31 -10.55 -4.93
N GLU A 64 -6.13 -9.91 -5.78
CA GLU A 64 -5.63 -8.91 -6.79
C GLU A 64 -4.82 -7.71 -6.20
N LEU A 65 -5.32 -7.08 -5.12
CA LEU A 65 -4.55 -6.07 -4.33
C LEU A 65 -3.25 -6.60 -3.66
N LEU A 66 -3.26 -7.74 -2.93
CA LEU A 66 -2.03 -8.46 -2.47
C LEU A 66 -0.93 -8.71 -3.57
N GLU A 67 -1.31 -9.32 -4.70
CA GLU A 67 -0.43 -9.47 -5.89
C GLU A 67 0.08 -8.12 -6.50
N LEU A 68 -0.81 -7.13 -6.75
CA LEU A 68 -0.43 -5.74 -7.16
C LEU A 68 0.53 -4.96 -6.21
N ILE A 69 0.32 -4.97 -4.87
CA ILE A 69 1.21 -4.26 -3.89
C ILE A 69 2.64 -4.93 -3.79
N ALA A 70 2.76 -6.27 -3.63
CA ALA A 70 4.08 -6.96 -3.75
C ALA A 70 4.84 -6.74 -5.10
N ARG A 71 4.15 -6.90 -6.25
CA ARG A 71 4.62 -6.41 -7.58
C ARG A 71 5.08 -4.90 -7.66
N LEU A 72 4.32 -3.94 -7.09
CA LEU A 72 4.78 -2.54 -6.90
C LEU A 72 6.05 -2.35 -6.02
N LEU A 73 6.09 -2.89 -4.78
CA LEU A 73 7.25 -2.73 -3.87
C LEU A 73 8.54 -3.53 -4.29
N GLN A 74 8.43 -4.73 -4.90
CA GLN A 74 9.54 -5.37 -5.67
C GLN A 74 10.07 -4.53 -6.89
N LYS A 75 9.19 -3.94 -7.73
CA LYS A 75 9.57 -2.88 -8.72
C LYS A 75 10.30 -1.62 -8.13
N LEU A 76 9.82 -1.07 -6.99
CA LEU A 76 10.56 -0.02 -6.22
C LEU A 76 11.88 -0.43 -5.46
N GLY A 77 12.28 -1.72 -5.41
CA GLY A 77 13.51 -2.17 -4.70
C GLY A 77 13.40 -2.81 -3.29
N TYR A 78 12.20 -2.92 -2.69
CA TYR A 78 12.00 -3.35 -1.28
C TYR A 78 12.04 -4.92 -1.11
N LYS A 79 12.41 -5.36 0.11
CA LYS A 79 12.89 -6.75 0.36
C LYS A 79 11.99 -7.53 1.36
N ASP A 80 11.94 -7.16 2.66
CA ASP A 80 11.35 -8.02 3.73
C ASP A 80 9.80 -7.81 3.80
N ILE A 81 9.08 -8.51 2.92
CA ILE A 81 7.64 -8.22 2.65
C ILE A 81 6.77 -8.99 3.69
N ASN A 82 6.34 -8.29 4.75
CA ASN A 82 5.51 -8.84 5.83
C ASN A 82 4.00 -8.76 5.43
N VAL A 83 3.44 -9.89 4.97
CA VAL A 83 2.03 -9.98 4.50
C VAL A 83 1.09 -10.16 5.74
N ARG A 84 0.35 -9.10 6.10
CA ARG A 84 -0.43 -9.05 7.36
C ARG A 84 -1.91 -8.69 7.02
N VAL A 85 -2.70 -9.70 6.60
CA VAL A 85 -4.08 -9.46 6.06
C VAL A 85 -5.13 -9.56 7.23
N ASN A 86 -5.74 -8.43 7.61
CA ASN A 86 -6.81 -8.38 8.64
C ASN A 86 -8.23 -8.61 8.00
N GLY A 87 -8.55 -9.89 7.70
CA GLY A 87 -9.79 -10.24 6.95
C GLY A 87 -9.74 -9.90 5.45
N THR A 88 -10.30 -8.74 5.08
CA THR A 88 -10.03 -8.09 3.76
C THR A 88 -8.97 -6.92 3.79
N GLU A 89 -8.47 -6.47 4.96
CA GLU A 89 -7.46 -5.37 5.06
C GLU A 89 -6.03 -5.85 4.74
N VAL A 90 -5.58 -5.57 3.51
CA VAL A 90 -4.28 -6.06 2.97
C VAL A 90 -3.16 -5.09 3.45
N LYS A 91 -2.51 -5.40 4.59
CA LYS A 91 -1.46 -4.53 5.20
C LYS A 91 -0.05 -5.09 4.87
N ILE A 92 0.62 -4.45 3.90
CA ILE A 92 1.91 -4.97 3.32
C ILE A 92 3.05 -4.08 3.86
N GLU A 93 3.81 -4.61 4.84
CA GLU A 93 4.90 -3.89 5.53
C GLU A 93 6.29 -4.34 4.99
N VAL A 94 7.06 -3.40 4.42
CA VAL A 94 8.25 -3.76 3.57
C VAL A 94 9.54 -3.00 4.04
N ARG A 95 10.71 -3.67 4.04
CA ARG A 95 12.03 -3.00 4.36
C ARG A 95 12.90 -2.74 3.08
N VAL A 96 13.79 -1.74 3.14
CA VAL A 96 14.77 -1.46 2.04
C VAL A 96 15.84 -2.60 1.99
N HIS A 3 -12.37 1.17 5.51
CA HIS A 3 -13.55 1.96 5.96
C HIS A 3 -14.73 1.94 4.93
N MET A 4 -15.12 0.74 4.41
CA MET A 4 -16.19 0.54 3.38
C MET A 4 -15.65 0.70 1.92
N LYS A 5 -15.81 -0.36 1.10
CA LYS A 5 -15.36 -0.41 -0.34
C LYS A 5 -13.81 -0.55 -0.49
N VAL A 6 -13.08 0.56 -0.64
CA VAL A 6 -11.59 0.56 -0.78
C VAL A 6 -11.07 1.81 -0.02
N ASP A 7 -10.59 1.66 1.23
CA ASP A 7 -9.76 2.70 1.89
C ASP A 7 -8.23 2.35 1.86
N ILE A 8 -7.41 3.40 1.91
CA ILE A 8 -5.94 3.33 1.73
C ILE A 8 -5.25 4.01 2.95
N THR A 9 -4.99 3.21 4.00
CA THR A 9 -4.33 3.69 5.25
C THR A 9 -2.79 3.47 5.11
N ILE A 10 -2.05 4.50 4.65
CA ILE A 10 -0.66 4.31 4.10
C ILE A 10 0.32 5.13 5.00
N LYS A 11 1.23 4.48 5.77
CA LYS A 11 2.26 5.21 6.57
C LYS A 11 3.68 5.06 5.92
N ILE A 12 4.33 6.19 5.52
CA ILE A 12 5.76 6.20 5.07
C ILE A 12 6.64 6.56 6.32
N GLN A 13 7.27 5.56 6.97
CA GLN A 13 8.00 5.76 8.25
C GLN A 13 9.54 5.89 8.01
N ARG A 14 10.12 7.01 8.48
CA ARG A 14 11.59 7.26 8.38
C ARG A 14 12.22 7.50 9.79
N ASP A 15 12.18 6.45 10.65
CA ASP A 15 12.69 6.49 12.06
C ASP A 15 12.02 7.59 12.97
N GLY A 16 10.84 7.30 13.54
CA GLY A 16 10.02 8.35 14.21
C GLY A 16 9.12 9.20 13.28
N GLN A 17 9.71 9.79 12.23
CA GLN A 17 9.01 10.65 11.25
C GLN A 17 8.09 9.81 10.29
N GLU A 18 6.79 9.67 10.62
CA GLU A 18 5.81 8.96 9.75
C GLU A 18 4.75 9.91 9.11
N ILE A 19 4.69 9.88 7.77
CA ILE A 19 3.84 10.80 6.95
C ILE A 19 2.77 9.89 6.25
N GLU A 20 1.48 10.19 6.47
CA GLU A 20 0.38 9.21 6.20
C GLU A 20 -0.91 9.78 5.54
N ILE A 21 -1.62 8.90 4.80
CA ILE A 21 -2.97 9.19 4.23
C ILE A 21 -4.01 8.12 4.72
N ASP A 22 -5.28 8.52 4.88
CA ASP A 22 -6.41 7.59 5.20
C ASP A 22 -7.69 8.20 4.51
N ILE A 23 -8.14 7.62 3.37
CA ILE A 23 -9.10 8.29 2.43
C ILE A 23 -9.81 7.22 1.52
N ARG A 24 -11.15 7.00 1.69
CA ARG A 24 -11.88 5.96 0.90
C ARG A 24 -12.22 6.36 -0.58
N VAL A 25 -11.87 5.45 -1.53
CA VAL A 25 -11.75 5.78 -2.98
C VAL A 25 -12.54 4.74 -3.85
N SER A 26 -13.82 5.03 -4.14
CA SER A 26 -14.67 4.21 -5.05
C SER A 26 -14.26 4.35 -6.55
N THR A 27 -13.37 3.45 -7.00
CA THR A 27 -12.47 3.73 -8.16
C THR A 27 -12.20 2.45 -9.04
N GLY A 28 -12.01 2.66 -10.35
CA GLY A 28 -11.49 1.61 -11.27
C GLY A 28 -10.07 1.92 -11.78
N LYS A 29 -9.96 2.66 -12.90
CA LYS A 29 -8.64 3.18 -13.39
C LYS A 29 -8.31 4.64 -12.90
N GLU A 30 -8.41 4.86 -11.58
CA GLU A 30 -8.26 6.19 -10.93
C GLU A 30 -7.31 6.10 -9.69
N LEU A 31 -7.56 5.18 -8.73
CA LEU A 31 -6.50 4.63 -7.83
C LEU A 31 -5.23 4.07 -8.55
N GLU A 32 -5.32 3.48 -9.75
CA GLU A 32 -4.18 3.36 -10.71
C GLU A 32 -3.24 4.63 -10.85
N ARG A 33 -3.81 5.84 -11.07
CA ARG A 33 -3.05 7.11 -11.04
C ARG A 33 -2.54 7.57 -9.63
N ALA A 34 -3.35 7.49 -8.55
CA ALA A 34 -2.86 7.72 -7.16
C ALA A 34 -1.78 6.71 -6.64
N LEU A 35 -1.93 5.39 -6.86
CA LEU A 35 -0.85 4.38 -6.67
C LEU A 35 0.45 4.58 -7.54
N GLN A 36 0.36 5.05 -8.80
CA GLN A 36 1.53 5.56 -9.57
C GLN A 36 2.25 6.82 -8.97
N GLU A 37 1.54 7.81 -8.39
CA GLU A 37 2.18 8.83 -7.51
C GLU A 37 2.71 8.29 -6.13
N LEU A 38 2.03 7.37 -5.42
CA LEU A 38 2.65 6.61 -4.28
C LEU A 38 3.97 5.83 -4.64
N GLU A 39 3.98 5.08 -5.76
CA GLU A 39 5.23 4.56 -6.42
C GLU A 39 6.38 5.61 -6.61
N LYS A 40 6.10 6.74 -7.30
CA LYS A 40 7.07 7.85 -7.42
C LYS A 40 7.40 8.60 -6.08
N ALA A 41 6.44 8.93 -5.20
CA ALA A 41 6.72 9.41 -3.82
C ALA A 41 7.69 8.56 -2.92
N LEU A 42 7.61 7.21 -2.96
CA LEU A 42 8.65 6.30 -2.42
C LEU A 42 10.12 6.55 -2.93
N ALA A 43 10.33 6.70 -4.25
CA ALA A 43 11.63 7.17 -4.83
C ALA A 43 11.96 8.69 -4.62
N ARG A 44 11.03 9.60 -4.97
CA ARG A 44 11.13 11.09 -4.76
C ARG A 44 11.48 11.57 -3.30
N ALA A 45 10.83 10.99 -2.27
CA ALA A 45 11.11 11.32 -0.85
C ALA A 45 12.23 10.49 -0.11
N GLY A 46 12.51 9.23 -0.52
CA GLY A 46 13.49 8.35 0.17
C GLY A 46 12.91 7.51 1.34
N ALA A 47 12.00 6.57 1.02
CA ALA A 47 11.32 5.76 2.05
C ALA A 47 12.11 4.51 2.53
N ARG A 48 12.54 4.50 3.81
CA ARG A 48 13.17 3.31 4.45
C ARG A 48 12.17 2.13 4.75
N ASN A 49 11.05 2.37 5.44
CA ASN A 49 10.08 1.30 5.81
C ASN A 49 8.61 1.82 5.71
N VAL A 50 7.74 1.09 4.99
CA VAL A 50 6.42 1.61 4.56
C VAL A 50 5.31 0.55 4.92
N GLN A 51 4.24 1.00 5.60
CA GLN A 51 3.08 0.14 5.95
C GLN A 51 1.89 0.47 4.99
N ILE A 52 1.66 -0.40 3.98
CA ILE A 52 0.60 -0.22 2.95
C ILE A 52 -0.64 -1.02 3.44
N THR A 53 -1.71 -0.36 3.89
CA THR A 53 -2.93 -1.05 4.38
C THR A 53 -4.15 -0.71 3.48
N ILE A 54 -4.61 -1.67 2.67
CA ILE A 54 -5.80 -1.47 1.78
C ILE A 54 -7.03 -2.18 2.45
N SER A 55 -8.00 -1.39 2.95
CA SER A 55 -9.26 -1.92 3.53
C SER A 55 -10.28 -2.33 2.43
N ALA A 56 -10.26 -3.62 2.02
CA ALA A 56 -10.97 -4.09 0.81
C ALA A 56 -12.38 -4.71 1.09
N GLU A 57 -13.20 -4.77 0.03
CA GLU A 57 -14.61 -5.28 0.09
C GLU A 57 -14.79 -6.83 0.22
N ASN A 58 -14.01 -7.64 -0.54
CA ASN A 58 -14.16 -9.12 -0.61
C ASN A 58 -12.76 -9.82 -0.67
N ASP A 59 -12.71 -11.13 -0.34
CA ASP A 59 -11.48 -11.97 -0.45
C ASP A 59 -10.80 -12.01 -1.88
N GLU A 60 -11.57 -12.23 -2.97
CA GLU A 60 -11.06 -12.12 -4.38
C GLU A 60 -10.47 -10.72 -4.76
N GLN A 61 -11.17 -9.61 -4.41
CA GLN A 61 -10.61 -8.22 -4.43
C GLN A 61 -9.32 -8.02 -3.56
N ALA A 62 -9.32 -8.45 -2.28
CA ALA A 62 -8.12 -8.51 -1.42
C ALA A 62 -6.90 -9.35 -1.95
N LYS A 63 -7.11 -10.56 -2.52
CA LYS A 63 -6.07 -11.32 -3.28
C LYS A 63 -5.39 -10.53 -4.44
N GLU A 64 -6.17 -9.95 -5.37
CA GLU A 64 -5.60 -9.12 -6.48
C GLU A 64 -4.90 -7.79 -6.02
N LEU A 65 -5.48 -7.04 -5.06
CA LEU A 65 -4.77 -5.94 -4.33
C LEU A 65 -3.44 -6.39 -3.61
N LEU A 66 -3.45 -7.47 -2.80
CA LEU A 66 -2.22 -8.11 -2.23
C LEU A 66 -1.06 -8.40 -3.24
N GLU A 67 -1.36 -9.20 -4.28
CA GLU A 67 -0.42 -9.45 -5.42
C GLU A 67 0.06 -8.18 -6.19
N LEU A 68 -0.85 -7.24 -6.56
CA LEU A 68 -0.50 -5.89 -7.07
C LEU A 68 0.49 -5.06 -6.18
N ILE A 69 0.27 -4.97 -4.85
CA ILE A 69 1.26 -4.37 -3.90
C ILE A 69 2.62 -5.15 -3.86
N ALA A 70 2.64 -6.50 -3.72
CA ALA A 70 3.86 -7.32 -3.91
C ALA A 70 4.64 -7.14 -5.26
N ARG A 71 3.95 -7.11 -6.41
CA ARG A 71 4.51 -6.62 -7.71
C ARG A 71 5.08 -5.15 -7.69
N LEU A 72 4.35 -4.17 -7.13
CA LEU A 72 4.84 -2.77 -6.93
C LEU A 72 6.10 -2.61 -6.02
N LEU A 73 6.12 -3.19 -4.82
CA LEU A 73 7.28 -3.12 -3.88
C LEU A 73 8.54 -3.93 -4.34
N GLN A 74 8.39 -5.08 -5.02
CA GLN A 74 9.46 -5.67 -5.89
C GLN A 74 9.95 -4.75 -7.08
N LYS A 75 9.08 -4.04 -7.82
CA LYS A 75 9.48 -3.00 -8.84
C LYS A 75 10.40 -1.85 -8.31
N LEU A 76 10.09 -1.22 -7.15
CA LEU A 76 11.05 -0.31 -6.45
C LEU A 76 12.34 -1.00 -5.91
N GLY A 77 12.21 -2.15 -5.22
CA GLY A 77 13.36 -2.92 -4.67
C GLY A 77 13.33 -3.16 -3.15
N TYR A 78 12.22 -3.66 -2.61
CA TYR A 78 12.04 -3.91 -1.16
C TYR A 78 12.07 -5.45 -0.90
N LYS A 79 13.22 -5.98 -0.45
CA LYS A 79 13.39 -7.44 -0.25
C LYS A 79 12.73 -8.09 1.02
N ASP A 80 12.63 -7.39 2.16
CA ASP A 80 11.98 -7.93 3.38
C ASP A 80 10.50 -7.44 3.44
N ILE A 81 9.56 -8.37 3.19
CA ILE A 81 8.12 -8.04 2.92
C ILE A 81 7.24 -8.83 3.95
N ASN A 82 6.64 -8.14 4.94
CA ASN A 82 5.66 -8.75 5.87
C ASN A 82 4.22 -8.71 5.25
N VAL A 83 3.77 -9.86 4.73
CA VAL A 83 2.48 -9.99 3.98
C VAL A 83 1.36 -10.51 4.95
N ARG A 84 0.42 -9.64 5.39
CA ARG A 84 -0.75 -10.07 6.21
C ARG A 84 -2.06 -9.47 5.61
N VAL A 85 -2.93 -10.30 4.99
CA VAL A 85 -4.37 -9.97 4.84
C VAL A 85 -5.14 -10.33 6.16
N ASN A 86 -5.67 -9.32 6.88
CA ASN A 86 -6.46 -9.55 8.13
C ASN A 86 -7.99 -9.55 7.78
N GLY A 87 -8.51 -10.72 7.36
CA GLY A 87 -9.86 -10.82 6.74
C GLY A 87 -9.90 -10.29 5.29
N THR A 88 -10.29 -9.02 5.16
CA THR A 88 -10.06 -8.23 3.90
C THR A 88 -9.10 -6.99 4.07
N GLU A 89 -8.51 -6.69 5.26
CA GLU A 89 -7.53 -5.60 5.45
C GLU A 89 -6.13 -6.04 4.91
N VAL A 90 -5.70 -5.54 3.74
CA VAL A 90 -4.46 -6.01 3.06
C VAL A 90 -3.24 -5.20 3.62
N LYS A 91 -2.59 -5.69 4.69
CA LYS A 91 -1.52 -4.95 5.42
C LYS A 91 -0.11 -5.46 4.99
N ILE A 92 0.53 -4.75 4.04
CA ILE A 92 1.84 -5.17 3.45
C ILE A 92 2.92 -4.20 4.01
N GLU A 93 3.83 -4.74 4.83
CA GLU A 93 4.82 -3.94 5.60
C GLU A 93 6.26 -4.27 5.12
N VAL A 94 6.90 -3.31 4.44
CA VAL A 94 8.29 -3.48 3.90
C VAL A 94 9.37 -2.69 4.68
N ARG A 95 10.61 -3.20 4.70
CA ARG A 95 11.78 -2.46 5.28
C ARG A 95 13.09 -2.62 4.44
N VAL A 96 13.80 -1.50 4.18
CA VAL A 96 15.11 -1.50 3.48
C VAL A 96 16.23 -1.62 4.55
N HIS A 3 -19.47 0.33 5.93
CA HIS A 3 -18.63 -0.76 5.36
C HIS A 3 -17.92 -0.23 4.08
N MET A 4 -16.63 0.12 4.18
CA MET A 4 -15.89 0.80 3.07
C MET A 4 -15.45 -0.17 1.92
N LYS A 5 -15.44 0.35 0.68
CA LYS A 5 -15.05 -0.42 -0.54
C LYS A 5 -13.52 -0.34 -0.89
N VAL A 6 -12.93 0.86 -1.04
CA VAL A 6 -11.46 1.00 -1.27
C VAL A 6 -10.93 2.09 -0.27
N ASP A 7 -10.27 1.64 0.82
CA ASP A 7 -9.54 2.54 1.76
C ASP A 7 -8.01 2.29 1.61
N ILE A 8 -7.23 3.28 1.14
CA ILE A 8 -5.75 3.12 0.95
C ILE A 8 -5.02 3.93 2.08
N THR A 9 -4.45 3.21 3.06
CA THR A 9 -3.58 3.77 4.13
C THR A 9 -2.08 3.55 3.74
N ILE A 10 -1.34 4.64 3.48
CA ILE A 10 0.12 4.57 3.15
C ILE A 10 0.88 5.34 4.28
N LYS A 11 1.46 4.61 5.25
CA LYS A 11 2.23 5.23 6.36
C LYS A 11 3.77 5.15 6.10
N ILE A 12 4.34 6.24 5.54
CA ILE A 12 5.81 6.36 5.24
C ILE A 12 6.53 6.86 6.53
N GLN A 13 7.13 5.94 7.29
CA GLN A 13 7.67 6.21 8.66
C GLN A 13 9.22 6.32 8.57
N ARG A 14 9.73 7.54 8.29
CA ARG A 14 11.18 7.76 8.00
C ARG A 14 12.03 8.02 9.27
N ASP A 15 12.30 6.93 10.03
CA ASP A 15 13.13 6.94 11.27
C ASP A 15 12.59 7.91 12.40
N GLY A 16 11.40 7.60 12.95
CA GLY A 16 10.66 8.53 13.84
C GLY A 16 9.93 9.75 13.20
N GLN A 17 9.37 9.62 11.98
CA GLN A 17 8.59 10.72 11.33
C GLN A 17 7.57 10.12 10.31
N GLU A 18 6.28 10.13 10.66
CA GLU A 18 5.18 9.49 9.89
C GLU A 18 4.51 10.45 8.85
N ILE A 19 4.79 10.21 7.56
CA ILE A 19 4.07 10.87 6.43
C ILE A 19 2.91 9.91 6.04
N GLU A 20 1.70 10.17 6.56
CA GLU A 20 0.53 9.25 6.40
C GLU A 20 -0.48 9.74 5.31
N ILE A 21 -0.52 9.02 4.18
CA ILE A 21 -1.47 9.32 3.07
C ILE A 21 -2.65 8.29 3.20
N ASP A 22 -3.68 8.67 3.97
CA ASP A 22 -4.84 7.80 4.30
C ASP A 22 -6.10 8.30 3.52
N ILE A 23 -6.48 7.59 2.43
CA ILE A 23 -7.41 8.13 1.39
C ILE A 23 -8.55 7.12 1.03
N ARG A 24 -9.77 7.65 0.75
CA ARG A 24 -10.98 6.85 0.41
C ARG A 24 -11.38 7.12 -1.08
N VAL A 25 -11.25 6.13 -1.99
CA VAL A 25 -11.56 6.32 -3.45
C VAL A 25 -12.19 5.01 -4.04
N SER A 26 -13.52 4.83 -3.89
CA SER A 26 -14.24 3.64 -4.43
C SER A 26 -14.66 3.78 -5.93
N THR A 27 -13.67 3.70 -6.83
CA THR A 27 -13.82 4.12 -8.26
C THR A 27 -12.62 3.56 -9.08
N GLY A 28 -12.88 2.74 -10.11
CA GLY A 28 -11.81 1.96 -10.82
C GLY A 28 -10.83 2.66 -11.80
N LYS A 29 -10.45 3.92 -11.54
CA LYS A 29 -9.30 4.61 -12.18
C LYS A 29 -8.52 5.53 -11.19
N GLU A 30 -9.18 6.25 -10.26
CA GLU A 30 -8.48 7.16 -9.30
C GLU A 30 -7.56 6.46 -8.24
N LEU A 31 -7.84 5.21 -7.79
CA LEU A 31 -6.83 4.34 -7.14
C LEU A 31 -5.52 4.04 -7.97
N GLU A 32 -5.62 3.76 -9.30
CA GLU A 32 -4.45 3.70 -10.22
C GLU A 32 -3.66 5.06 -10.39
N ARG A 33 -4.37 6.18 -10.65
CA ARG A 33 -3.78 7.56 -10.61
C ARG A 33 -3.05 7.95 -9.28
N ALA A 34 -3.66 7.70 -8.10
CA ALA A 34 -2.96 7.71 -6.79
C ALA A 34 -1.75 6.73 -6.68
N LEU A 35 -1.90 5.42 -7.00
CA LEU A 35 -0.77 4.44 -7.08
C LEU A 35 0.48 4.87 -7.93
N GLN A 36 0.28 5.46 -9.13
CA GLN A 36 1.36 6.08 -9.94
C GLN A 36 2.12 7.32 -9.32
N GLU A 37 1.45 8.16 -8.48
CA GLU A 37 2.15 9.15 -7.62
C GLU A 37 2.73 8.59 -6.28
N LEU A 38 2.00 7.69 -5.58
CA LEU A 38 2.56 6.87 -4.46
C LEU A 38 3.86 6.06 -4.80
N GLU A 39 3.96 5.41 -5.97
CA GLU A 39 5.26 4.89 -6.51
C GLU A 39 6.43 5.94 -6.64
N LYS A 40 6.14 7.16 -7.12
CA LYS A 40 7.09 8.31 -7.10
C LYS A 40 7.54 8.78 -5.68
N ALA A 41 6.61 8.94 -4.70
CA ALA A 41 6.94 9.10 -3.26
C ALA A 41 7.74 7.93 -2.57
N LEU A 42 7.39 6.65 -2.83
CA LEU A 42 8.23 5.47 -2.50
C LEU A 42 9.69 5.51 -3.11
N ALA A 43 9.84 5.71 -4.44
CA ALA A 43 11.19 5.84 -5.07
C ALA A 43 12.04 7.10 -4.72
N ARG A 44 11.45 8.29 -4.48
CA ARG A 44 12.19 9.49 -4.00
C ARG A 44 12.50 9.44 -2.46
N ALA A 45 13.44 8.56 -2.06
CA ALA A 45 13.79 8.28 -0.64
C ALA A 45 12.62 7.91 0.34
N GLY A 46 11.81 6.88 0.00
CA GLY A 46 10.63 6.50 0.80
C GLY A 46 10.89 5.59 2.02
N ALA A 47 11.48 6.19 3.08
CA ALA A 47 11.60 5.60 4.44
C ALA A 47 12.39 4.24 4.63
N ARG A 48 12.87 4.02 5.88
CA ARG A 48 13.22 2.65 6.36
C ARG A 48 12.02 1.77 6.88
N ASN A 49 10.81 2.32 7.10
CA ASN A 49 9.56 1.54 7.34
C ASN A 49 8.40 2.17 6.51
N VAL A 50 7.72 1.38 5.66
CA VAL A 50 6.51 1.86 4.92
C VAL A 50 5.36 0.84 5.17
N GLN A 51 4.28 1.27 5.85
CA GLN A 51 3.07 0.43 6.08
C GLN A 51 2.00 0.70 4.98
N ILE A 52 1.88 -0.21 3.99
CA ILE A 52 0.81 -0.16 2.95
C ILE A 52 -0.39 -1.01 3.46
N THR A 53 -1.48 -0.37 3.92
CA THR A 53 -2.71 -1.10 4.37
C THR A 53 -3.90 -0.71 3.44
N ILE A 54 -4.34 -1.64 2.56
CA ILE A 54 -5.52 -1.39 1.67
C ILE A 54 -6.72 -2.31 2.09
N SER A 55 -7.86 -1.70 2.50
CA SER A 55 -9.09 -2.46 2.83
C SER A 55 -9.92 -2.76 1.54
N ALA A 56 -10.04 -4.06 1.20
CA ALA A 56 -10.97 -4.54 0.16
C ALA A 56 -12.45 -4.69 0.64
N GLU A 57 -13.38 -4.78 -0.33
CA GLU A 57 -14.77 -5.27 -0.09
C GLU A 57 -14.90 -6.83 0.08
N ASN A 58 -14.37 -7.64 -0.86
CA ASN A 58 -14.36 -9.13 -0.75
C ASN A 58 -12.95 -9.71 -0.39
N ASP A 59 -12.94 -10.92 0.19
CA ASP A 59 -11.72 -11.72 0.48
C ASP A 59 -10.77 -12.04 -0.74
N GLU A 60 -11.28 -12.56 -1.87
CA GLU A 60 -10.47 -12.70 -3.12
C GLU A 60 -10.07 -11.37 -3.85
N GLN A 61 -10.84 -10.26 -3.73
CA GLN A 61 -10.28 -8.90 -4.02
C GLN A 61 -9.11 -8.44 -3.09
N ALA A 62 -9.10 -8.76 -1.78
CA ALA A 62 -7.87 -8.70 -0.94
C ALA A 62 -6.66 -9.57 -1.42
N LYS A 63 -6.87 -10.83 -1.89
CA LYS A 63 -5.85 -11.58 -2.68
C LYS A 63 -5.38 -10.87 -4.00
N GLU A 64 -6.27 -10.39 -4.89
CA GLU A 64 -5.88 -9.53 -6.06
C GLU A 64 -5.05 -8.24 -5.72
N LEU A 65 -5.45 -7.48 -4.69
CA LEU A 65 -4.61 -6.38 -4.12
C LEU A 65 -3.24 -6.80 -3.47
N LEU A 66 -3.12 -7.97 -2.82
CA LEU A 66 -1.81 -8.65 -2.58
C LEU A 66 -0.95 -8.91 -3.87
N GLU A 67 -1.49 -9.59 -4.90
CA GLU A 67 -0.80 -9.72 -6.23
C GLU A 67 -0.34 -8.36 -6.87
N LEU A 68 -1.22 -7.34 -6.90
CA LEU A 68 -0.91 -5.95 -7.36
C LEU A 68 0.19 -5.21 -6.50
N ILE A 69 0.05 -5.12 -5.16
CA ILE A 69 1.10 -4.53 -4.26
C ILE A 69 2.46 -5.31 -4.31
N ALA A 70 2.50 -6.65 -4.22
CA ALA A 70 3.75 -7.45 -4.46
C ALA A 70 4.50 -7.16 -5.81
N ARG A 71 3.78 -7.08 -6.96
CA ARG A 71 4.32 -6.51 -8.23
C ARG A 71 4.86 -5.03 -8.13
N LEU A 72 4.13 -4.08 -7.50
CA LEU A 72 4.65 -2.70 -7.23
C LEU A 72 5.96 -2.63 -6.37
N LEU A 73 5.97 -3.27 -5.19
CA LEU A 73 7.17 -3.36 -4.29
C LEU A 73 8.42 -4.08 -4.91
N GLN A 74 8.23 -5.19 -5.66
CA GLN A 74 9.25 -5.77 -6.57
C GLN A 74 9.76 -4.80 -7.69
N LYS A 75 8.86 -4.13 -8.46
CA LYS A 75 9.24 -3.04 -9.42
C LYS A 75 10.02 -1.82 -8.80
N LEU A 76 9.60 -1.32 -7.63
CA LEU A 76 10.38 -0.32 -6.83
C LEU A 76 11.76 -0.79 -6.25
N GLY A 77 11.92 -2.07 -5.88
CA GLY A 77 13.15 -2.59 -5.22
C GLY A 77 13.17 -2.71 -3.68
N TYR A 78 12.02 -2.97 -3.03
CA TYR A 78 11.92 -3.08 -1.54
C TYR A 78 11.98 -4.58 -1.12
N LYS A 79 13.09 -4.98 -0.48
CA LYS A 79 13.45 -6.42 -0.30
C LYS A 79 12.81 -7.15 0.93
N ASP A 80 12.78 -6.53 2.13
CA ASP A 80 12.04 -7.08 3.30
C ASP A 80 10.52 -6.74 3.19
N ILE A 81 9.67 -7.76 3.10
CA ILE A 81 8.21 -7.60 2.79
C ILE A 81 7.39 -8.38 3.88
N ASN A 82 6.79 -7.66 4.84
CA ASN A 82 6.01 -8.26 5.97
C ASN A 82 4.48 -8.25 5.66
N VAL A 83 3.92 -9.42 5.30
CA VAL A 83 2.52 -9.54 4.79
C VAL A 83 1.54 -9.98 5.93
N ARG A 84 0.49 -9.18 6.19
CA ARG A 84 -0.70 -9.62 6.97
C ARG A 84 -2.00 -9.25 6.17
N VAL A 85 -2.58 -10.21 5.43
CA VAL A 85 -3.95 -10.05 4.86
C VAL A 85 -4.97 -10.53 5.95
N ASN A 86 -5.66 -9.59 6.64
CA ASN A 86 -6.66 -9.93 7.70
C ASN A 86 -8.12 -10.10 7.12
N GLY A 87 -8.31 -11.05 6.19
CA GLY A 87 -9.57 -11.14 5.39
C GLY A 87 -9.77 -10.02 4.34
N THR A 88 -10.15 -8.84 4.84
CA THR A 88 -10.31 -7.61 4.02
C THR A 88 -9.06 -6.67 4.03
N GLU A 89 -8.38 -6.49 5.18
CA GLU A 89 -7.26 -5.53 5.36
C GLU A 89 -5.91 -6.12 4.82
N VAL A 90 -5.43 -5.61 3.68
CA VAL A 90 -4.13 -6.05 3.07
C VAL A 90 -2.99 -5.18 3.66
N LYS A 91 -2.45 -5.57 4.83
CA LYS A 91 -1.33 -4.85 5.49
C LYS A 91 0.03 -5.43 5.02
N ILE A 92 0.65 -4.82 4.01
CA ILE A 92 1.98 -5.24 3.47
C ILE A 92 2.99 -4.13 3.90
N GLU A 93 3.83 -4.44 4.90
CA GLU A 93 4.82 -3.50 5.47
C GLU A 93 6.24 -3.79 4.89
N VAL A 94 6.85 -2.79 4.22
CA VAL A 94 8.22 -2.94 3.65
C VAL A 94 9.29 -2.14 4.47
N ARG A 95 10.44 -2.81 4.73
CA ARG A 95 11.56 -2.20 5.50
C ARG A 95 12.86 -2.07 4.63
N VAL A 96 13.70 -1.06 4.93
CA VAL A 96 15.04 -0.90 4.31
C VAL A 96 16.08 -0.92 5.45
N HIS A 3 -17.60 -4.70 3.10
CA HIS A 3 -17.96 -3.83 4.25
C HIS A 3 -17.24 -2.45 4.18
N MET A 4 -15.90 -2.40 4.38
CA MET A 4 -15.12 -1.13 4.26
C MET A 4 -14.54 -0.97 2.83
N LYS A 5 -14.88 0.15 2.15
CA LYS A 5 -14.40 0.44 0.77
C LYS A 5 -12.89 0.82 0.67
N VAL A 6 -12.31 0.68 -0.54
CA VAL A 6 -10.83 0.67 -0.79
C VAL A 6 -10.08 1.96 -0.30
N ASP A 7 -9.53 1.88 0.92
CA ASP A 7 -8.77 3.00 1.55
C ASP A 7 -7.25 2.65 1.53
N ILE A 8 -6.44 3.43 0.80
CA ILE A 8 -4.97 3.26 0.74
C ILE A 8 -4.36 4.06 1.94
N THR A 9 -3.93 3.38 3.03
CA THR A 9 -3.32 4.05 4.22
C THR A 9 -1.78 3.84 4.15
N ILE A 10 -1.03 4.85 3.69
CA ILE A 10 0.44 4.72 3.45
C ILE A 10 1.18 5.39 4.65
N LYS A 11 1.59 4.59 5.65
CA LYS A 11 2.44 5.09 6.78
C LYS A 11 3.95 4.99 6.39
N ILE A 12 4.54 6.11 5.94
CA ILE A 12 5.92 6.15 5.39
C ILE A 12 6.91 6.45 6.57
N GLN A 13 7.44 5.40 7.21
CA GLN A 13 8.35 5.53 8.37
C GLN A 13 9.83 5.66 7.89
N ARG A 14 10.41 6.85 8.11
CA ARG A 14 11.89 6.99 8.33
C ARG A 14 12.20 6.83 9.87
N ASP A 15 13.47 6.96 10.29
CA ASP A 15 13.90 6.54 11.66
C ASP A 15 13.37 7.49 12.79
N GLY A 16 12.26 7.10 13.43
CA GLY A 16 11.41 8.02 14.24
C GLY A 16 10.67 9.17 13.49
N GLN A 17 10.10 8.91 12.30
CA GLN A 17 9.40 9.95 11.50
C GLN A 17 8.36 9.32 10.53
N GLU A 18 7.10 9.27 10.99
CA GLU A 18 5.99 8.57 10.28
C GLU A 18 5.10 9.57 9.47
N ILE A 19 5.31 9.64 8.15
CA ILE A 19 4.53 10.54 7.25
C ILE A 19 3.33 9.70 6.68
N GLU A 20 2.12 9.92 7.23
CA GLU A 20 0.94 9.03 6.97
C GLU A 20 -0.18 9.68 6.09
N ILE A 21 -0.58 8.98 5.01
CA ILE A 21 -1.49 9.53 3.95
C ILE A 21 -2.65 8.49 3.73
N ASP A 22 -3.92 8.92 3.86
CA ASP A 22 -5.11 8.03 3.68
C ASP A 22 -5.95 8.44 2.40
N ILE A 23 -6.11 7.51 1.43
CA ILE A 23 -6.72 7.81 0.10
C ILE A 23 -7.92 6.83 -0.17
N ARG A 24 -9.17 7.32 -0.18
CA ARG A 24 -10.38 6.49 -0.52
C ARG A 24 -10.63 6.43 -2.07
N VAL A 25 -10.54 5.23 -2.67
CA VAL A 25 -10.64 5.04 -4.16
C VAL A 25 -11.36 3.69 -4.53
N SER A 26 -12.67 3.57 -4.24
CA SER A 26 -13.53 2.45 -4.74
C SER A 26 -14.54 3.00 -5.80
N THR A 27 -14.09 3.06 -7.07
CA THR A 27 -14.79 3.82 -8.14
C THR A 27 -14.47 3.18 -9.53
N GLY A 28 -13.50 3.67 -10.34
CA GLY A 28 -13.18 3.04 -11.65
C GLY A 28 -11.70 3.19 -12.07
N LYS A 29 -11.44 3.87 -13.20
CA LYS A 29 -10.04 4.12 -13.69
C LYS A 29 -9.38 5.33 -12.94
N GLU A 30 -9.07 5.10 -11.66
CA GLU A 30 -8.85 6.17 -10.64
C GLU A 30 -7.83 5.70 -9.56
N LEU A 31 -8.04 4.55 -8.89
CA LEU A 31 -6.99 3.84 -8.11
C LEU A 31 -5.63 3.52 -8.84
N GLU A 32 -5.65 3.24 -10.16
CA GLU A 32 -4.44 3.26 -11.04
C GLU A 32 -3.63 4.61 -11.06
N ARG A 33 -4.31 5.76 -11.27
CA ARG A 33 -3.69 7.12 -11.14
C ARG A 33 -3.19 7.48 -9.70
N ALA A 34 -3.97 7.19 -8.64
CA ALA A 34 -3.47 7.21 -7.24
C ALA A 34 -2.23 6.29 -6.95
N LEU A 35 -2.27 4.99 -7.30
CA LEU A 35 -1.08 4.09 -7.26
C LEU A 35 0.18 4.58 -8.04
N GLN A 36 0.05 5.11 -9.27
CA GLN A 36 1.15 5.81 -10.01
C GLN A 36 1.76 7.07 -9.29
N GLU A 37 0.94 8.05 -8.84
CA GLU A 37 1.43 9.17 -7.98
C GLU A 37 1.99 8.75 -6.56
N LEU A 38 1.41 7.73 -5.89
CA LEU A 38 1.98 7.14 -4.64
C LEU A 38 3.32 6.35 -4.79
N GLU A 39 3.50 5.52 -5.85
CA GLU A 39 4.85 5.05 -6.31
C GLU A 39 5.92 6.19 -6.48
N LYS A 40 5.60 7.21 -7.28
CA LYS A 40 6.35 8.48 -7.36
C LYS A 40 6.59 9.23 -5.98
N ALA A 41 5.61 9.24 -5.04
CA ALA A 41 5.82 9.70 -3.64
C ALA A 41 6.82 8.85 -2.77
N LEU A 42 6.75 7.51 -2.79
CA LEU A 42 7.83 6.64 -2.22
C LEU A 42 9.26 6.85 -2.82
N ALA A 43 9.39 6.98 -4.17
CA ALA A 43 10.64 7.44 -4.82
C ALA A 43 11.13 8.90 -4.44
N ARG A 44 10.26 9.91 -4.38
CA ARG A 44 10.58 11.24 -3.76
C ARG A 44 10.95 11.22 -2.23
N ALA A 45 10.24 10.44 -1.40
CA ALA A 45 10.46 10.38 0.07
C ALA A 45 11.75 9.68 0.59
N GLY A 46 12.16 8.51 0.05
CA GLY A 46 13.28 7.71 0.62
C GLY A 46 12.93 6.93 1.90
N ALA A 47 12.18 5.82 1.76
CA ALA A 47 11.55 5.15 2.92
C ALA A 47 12.40 3.98 3.54
N ARG A 48 12.42 3.94 4.88
CA ARG A 48 13.06 2.83 5.65
C ARG A 48 12.06 1.65 5.95
N ASN A 49 10.85 1.94 6.47
CA ASN A 49 9.75 0.94 6.58
C ASN A 49 8.43 1.56 5.99
N VAL A 50 7.84 0.92 4.96
CA VAL A 50 6.53 1.37 4.39
C VAL A 50 5.43 0.41 4.94
N GLN A 51 4.61 0.89 5.89
CA GLN A 51 3.38 0.18 6.30
C GLN A 51 2.18 0.68 5.45
N ILE A 52 1.93 0.01 4.30
CA ILE A 52 0.72 0.27 3.47
C ILE A 52 -0.44 -0.66 3.95
N THR A 53 -1.57 -0.08 4.37
CA THR A 53 -2.78 -0.87 4.71
C THR A 53 -3.87 -0.53 3.66
N ILE A 54 -4.20 -1.49 2.78
CA ILE A 54 -5.29 -1.31 1.78
C ILE A 54 -6.59 -1.98 2.33
N SER A 55 -7.58 -1.16 2.78
CA SER A 55 -8.82 -1.69 3.40
C SER A 55 -9.86 -2.13 2.32
N ALA A 56 -9.72 -3.39 1.85
CA ALA A 56 -10.52 -3.91 0.71
C ALA A 56 -11.93 -4.45 1.11
N GLU A 57 -12.89 -4.33 0.17
CA GLU A 57 -14.32 -4.68 0.41
C GLU A 57 -14.76 -6.16 0.15
N ASN A 58 -14.05 -6.95 -0.68
CA ASN A 58 -14.32 -8.41 -0.89
C ASN A 58 -12.98 -9.23 -0.90
N ASP A 59 -13.10 -10.54 -0.67
CA ASP A 59 -11.96 -11.51 -0.72
C ASP A 59 -11.13 -11.60 -2.05
N GLU A 60 -11.79 -11.73 -3.21
CA GLU A 60 -11.13 -11.68 -4.55
C GLU A 60 -10.40 -10.33 -4.85
N GLN A 61 -11.04 -9.16 -4.63
CA GLN A 61 -10.36 -7.84 -4.70
C GLN A 61 -9.17 -7.66 -3.70
N ALA A 62 -9.29 -8.09 -2.42
CA ALA A 62 -8.11 -8.27 -1.52
C ALA A 62 -6.95 -9.17 -2.05
N LYS A 63 -7.23 -10.36 -2.61
CA LYS A 63 -6.25 -11.19 -3.37
C LYS A 63 -5.57 -10.50 -4.60
N GLU A 64 -6.35 -9.84 -5.49
CA GLU A 64 -5.81 -8.95 -6.56
C GLU A 64 -4.92 -7.76 -6.06
N LEU A 65 -5.39 -6.97 -5.08
CA LEU A 65 -4.63 -5.85 -4.45
C LEU A 65 -3.34 -6.29 -3.66
N LEU A 66 -3.37 -7.40 -2.90
CA LEU A 66 -2.14 -8.14 -2.46
C LEU A 66 -1.06 -8.40 -3.56
N GLU A 67 -1.43 -9.07 -4.67
CA GLU A 67 -0.56 -9.26 -5.85
C GLU A 67 -0.07 -7.93 -6.54
N LEU A 68 -0.97 -6.96 -6.81
CA LEU A 68 -0.60 -5.60 -7.30
C LEU A 68 0.43 -4.81 -6.41
N ILE A 69 0.21 -4.68 -5.09
CA ILE A 69 1.21 -4.12 -4.13
C ILE A 69 2.55 -4.95 -4.10
N ALA A 70 2.52 -6.29 -3.93
CA ALA A 70 3.76 -7.13 -3.96
C ALA A 70 4.60 -7.10 -5.28
N ARG A 71 4.01 -7.05 -6.49
CA ARG A 71 4.76 -6.68 -7.74
C ARG A 71 5.31 -5.21 -7.76
N LEU A 72 4.53 -4.19 -7.34
CA LEU A 72 5.00 -2.79 -7.16
C LEU A 72 6.26 -2.60 -6.25
N LEU A 73 6.24 -3.14 -5.01
CA LEU A 73 7.41 -3.04 -4.07
C LEU A 73 8.63 -3.97 -4.39
N GLN A 74 8.44 -5.16 -5.01
CA GLN A 74 9.56 -5.89 -5.70
C GLN A 74 10.20 -5.11 -6.91
N LYS A 75 9.40 -4.54 -7.83
CA LYS A 75 9.87 -3.55 -8.86
C LYS A 75 10.67 -2.31 -8.30
N LEU A 76 10.19 -1.65 -7.23
CA LEU A 76 10.92 -0.51 -6.59
C LEU A 76 12.07 -0.88 -5.56
N GLY A 77 12.45 -2.16 -5.39
CA GLY A 77 13.58 -2.57 -4.51
C GLY A 77 13.36 -2.64 -2.98
N TYR A 78 12.23 -3.18 -2.53
CA TYR A 78 11.86 -3.24 -1.09
C TYR A 78 11.71 -4.74 -0.67
N LYS A 79 12.78 -5.33 -0.09
CA LYS A 79 12.92 -6.82 0.01
C LYS A 79 12.22 -7.56 1.20
N ASP A 80 12.23 -7.02 2.44
CA ASP A 80 11.63 -7.71 3.62
C ASP A 80 10.09 -7.42 3.71
N ILE A 81 9.29 -8.28 3.04
CA ILE A 81 7.85 -8.01 2.76
C ILE A 81 6.98 -8.78 3.83
N ASN A 82 6.44 -8.05 4.81
CA ASN A 82 5.77 -8.67 5.99
C ASN A 82 4.23 -8.40 5.93
N VAL A 83 3.44 -9.41 5.51
CA VAL A 83 1.98 -9.27 5.29
C VAL A 83 1.13 -9.74 6.52
N ARG A 84 0.15 -8.92 6.95
CA ARG A 84 -0.99 -9.38 7.79
C ARG A 84 -2.34 -8.96 7.10
N VAL A 85 -3.19 -9.94 6.73
CA VAL A 85 -4.55 -9.65 6.18
C VAL A 85 -5.58 -9.61 7.37
N ASN A 86 -6.20 -8.45 7.64
CA ASN A 86 -7.26 -8.32 8.68
C ASN A 86 -8.68 -8.66 8.10
N GLY A 87 -8.96 -9.97 7.90
CA GLY A 87 -10.16 -10.42 7.15
C GLY A 87 -10.07 -10.20 5.63
N THR A 88 -10.42 -8.99 5.20
CA THR A 88 -10.15 -8.48 3.81
C THR A 88 -8.98 -7.44 3.71
N GLU A 89 -8.63 -6.71 4.79
CA GLU A 89 -7.73 -5.52 4.72
C GLU A 89 -6.23 -5.95 4.71
N VAL A 90 -5.51 -5.67 3.61
CA VAL A 90 -4.15 -6.23 3.38
C VAL A 90 -3.09 -5.23 3.95
N LYS A 91 -2.48 -5.55 5.11
CA LYS A 91 -1.39 -4.72 5.71
C LYS A 91 0.01 -5.24 5.27
N ILE A 92 0.55 -4.67 4.18
CA ILE A 92 1.92 -5.00 3.68
C ILE A 92 2.96 -4.02 4.34
N GLU A 93 3.84 -4.58 5.18
CA GLU A 93 4.96 -3.85 5.82
C GLU A 93 6.30 -4.21 5.11
N VAL A 94 6.80 -3.29 4.27
CA VAL A 94 8.06 -3.54 3.49
C VAL A 94 9.27 -2.79 4.13
N ARG A 95 10.26 -3.55 4.64
CA ARG A 95 11.41 -2.99 5.40
C ARG A 95 12.72 -3.04 4.55
N VAL A 96 13.47 -1.92 4.53
CA VAL A 96 14.75 -1.81 3.78
C VAL A 96 15.91 -2.05 4.78
N HIS A 3 -19.64 0.33 3.40
CA HIS A 3 -18.80 1.47 3.87
C HIS A 3 -17.45 1.55 3.08
N MET A 4 -16.51 0.63 3.31
CA MET A 4 -15.21 0.58 2.56
C MET A 4 -15.35 -0.15 1.19
N LYS A 5 -14.85 0.46 0.10
CA LYS A 5 -14.59 -0.27 -1.18
C LYS A 5 -13.08 -0.63 -1.27
N VAL A 6 -12.20 0.37 -1.51
CA VAL A 6 -10.72 0.19 -1.50
C VAL A 6 -10.13 1.37 -0.67
N ASP A 7 -9.88 1.15 0.65
CA ASP A 7 -9.20 2.15 1.52
C ASP A 7 -7.66 2.04 1.37
N ILE A 8 -7.03 3.07 0.78
CA ILE A 8 -5.57 3.06 0.48
C ILE A 8 -4.83 3.79 1.65
N THR A 9 -4.53 3.08 2.75
CA THR A 9 -3.96 3.67 3.99
C THR A 9 -2.42 3.41 4.02
N ILE A 10 -1.63 4.46 3.76
CA ILE A 10 -0.18 4.35 3.47
C ILE A 10 0.58 5.08 4.61
N LYS A 11 1.11 4.33 5.60
CA LYS A 11 1.87 4.94 6.73
C LYS A 11 3.40 4.85 6.47
N ILE A 12 3.99 5.99 6.08
CA ILE A 12 5.45 6.10 5.77
C ILE A 12 6.22 6.42 7.09
N GLN A 13 6.75 5.39 7.78
CA GLN A 13 7.71 5.57 8.91
C GLN A 13 9.13 5.88 8.34
N ARG A 14 9.46 7.19 8.33
CA ARG A 14 10.65 7.73 7.63
C ARG A 14 11.80 8.07 8.64
N ASP A 15 12.46 7.03 9.19
CA ASP A 15 13.57 7.14 10.19
C ASP A 15 13.23 8.00 11.47
N GLY A 16 12.23 7.57 12.24
CA GLY A 16 11.64 8.37 13.35
C GLY A 16 10.49 9.36 13.03
N GLN A 17 9.62 9.07 12.03
CA GLN A 17 8.42 9.91 11.71
C GLN A 17 7.40 9.10 10.85
N GLU A 18 6.25 8.66 11.41
CA GLU A 18 5.14 8.05 10.61
C GLU A 18 4.19 9.12 9.98
N ILE A 19 4.11 9.13 8.63
CA ILE A 19 3.15 9.98 7.88
C ILE A 19 2.06 9.05 7.26
N GLU A 20 0.86 8.97 7.85
CA GLU A 20 -0.31 8.29 7.23
C GLU A 20 -1.03 9.13 6.13
N ILE A 21 -1.09 8.55 4.93
CA ILE A 21 -1.86 9.09 3.77
C ILE A 21 -3.03 8.09 3.51
N ASP A 22 -4.25 8.42 3.98
CA ASP A 22 -5.44 7.51 3.89
C ASP A 22 -6.44 7.93 2.76
N ILE A 23 -6.09 7.59 1.51
CA ILE A 23 -6.81 8.07 0.29
C ILE A 23 -7.79 6.97 -0.23
N ARG A 24 -8.97 6.89 0.39
CA ARG A 24 -9.97 5.81 0.13
C ARG A 24 -10.86 6.07 -1.12
N VAL A 25 -10.91 5.08 -2.03
CA VAL A 25 -11.40 5.29 -3.43
C VAL A 25 -12.63 4.39 -3.79
N SER A 26 -13.42 4.82 -4.79
CA SER A 26 -14.42 3.94 -5.46
C SER A 26 -13.92 3.11 -6.71
N THR A 27 -12.59 2.93 -6.89
CA THR A 27 -11.97 2.27 -8.09
C THR A 27 -11.97 3.21 -9.34
N GLY A 28 -12.58 2.85 -10.49
CA GLY A 28 -12.74 3.75 -11.68
C GLY A 28 -11.65 4.78 -12.10
N LYS A 29 -10.42 4.31 -12.40
CA LYS A 29 -9.22 5.20 -12.58
C LYS A 29 -8.67 6.02 -11.34
N GLU A 30 -9.36 6.07 -10.19
CA GLU A 30 -8.79 6.55 -8.90
C GLU A 30 -7.61 5.65 -8.36
N LEU A 31 -7.76 4.31 -8.39
CA LEU A 31 -6.63 3.36 -8.20
C LEU A 31 -5.40 3.54 -9.16
N GLU A 32 -5.62 3.79 -10.47
CA GLU A 32 -4.57 4.23 -11.43
C GLU A 32 -3.81 5.55 -11.02
N ARG A 33 -4.54 6.65 -10.75
CA ARG A 33 -3.99 7.89 -10.11
C ARG A 33 -3.21 7.67 -8.77
N ALA A 34 -3.81 6.98 -7.77
CA ALA A 34 -3.14 6.63 -6.50
C ALA A 34 -1.88 5.71 -6.64
N LEU A 35 -2.00 4.53 -7.28
CA LEU A 35 -0.83 3.64 -7.58
C LEU A 35 0.36 4.31 -8.35
N GLN A 36 0.10 5.11 -9.40
CA GLN A 36 1.16 5.89 -10.12
C GLN A 36 1.86 6.99 -9.26
N GLU A 37 1.13 7.87 -8.56
CA GLU A 37 1.75 8.89 -7.66
C GLU A 37 2.36 8.33 -6.32
N LEU A 38 1.77 7.32 -5.66
CA LEU A 38 2.43 6.58 -4.55
C LEU A 38 3.80 5.91 -4.91
N GLU A 39 3.92 5.22 -6.08
CA GLU A 39 5.24 4.86 -6.67
C GLU A 39 6.29 6.03 -6.81
N LYS A 40 5.88 7.18 -7.39
CA LYS A 40 6.70 8.44 -7.41
C LYS A 40 7.05 9.02 -6.00
N ALA A 41 6.07 9.24 -5.10
CA ALA A 41 6.32 9.71 -3.72
C ALA A 41 7.16 8.77 -2.79
N LEU A 42 6.96 7.44 -2.80
CA LEU A 42 7.85 6.46 -2.10
C LEU A 42 9.36 6.50 -2.54
N ALA A 43 9.65 6.48 -3.85
CA ALA A 43 11.02 6.73 -4.37
C ALA A 43 11.59 8.18 -4.14
N ARG A 44 10.81 9.25 -4.39
CA ARG A 44 11.27 10.66 -4.17
C ARG A 44 11.48 11.10 -2.68
N ALA A 45 10.58 10.77 -1.75
CA ALA A 45 10.78 11.00 -0.29
C ALA A 45 11.90 10.17 0.44
N GLY A 46 12.19 8.92 0.02
CA GLY A 46 13.15 8.03 0.72
C GLY A 46 12.60 7.41 2.02
N ALA A 47 11.70 6.43 1.89
CA ALA A 47 11.00 5.81 3.03
C ALA A 47 11.68 4.50 3.52
N ARG A 48 12.10 4.46 4.80
CA ARG A 48 12.73 3.26 5.41
C ARG A 48 11.72 2.12 5.78
N ASN A 49 10.71 2.40 6.63
CA ASN A 49 9.63 1.44 6.97
C ASN A 49 8.33 1.88 6.24
N VAL A 50 7.86 1.06 5.29
CA VAL A 50 6.68 1.41 4.44
C VAL A 50 5.50 0.49 4.87
N GLN A 51 4.61 0.99 5.74
CA GLN A 51 3.39 0.26 6.18
C GLN A 51 2.21 0.52 5.19
N ILE A 52 2.09 -0.32 4.15
CA ILE A 52 0.96 -0.22 3.16
C ILE A 52 -0.19 -1.13 3.68
N THR A 53 -1.27 -0.54 4.21
CA THR A 53 -2.48 -1.31 4.65
C THR A 53 -3.66 -0.94 3.71
N ILE A 54 -4.06 -1.86 2.82
CA ILE A 54 -5.19 -1.62 1.88
C ILE A 54 -6.45 -2.34 2.46
N SER A 55 -7.40 -1.59 3.02
CA SER A 55 -8.60 -2.17 3.70
C SER A 55 -9.80 -2.32 2.72
N ALA A 56 -10.02 -3.56 2.23
CA ALA A 56 -10.98 -3.86 1.14
C ALA A 56 -12.38 -4.39 1.60
N GLU A 57 -13.38 -4.29 0.71
CA GLU A 57 -14.73 -4.89 0.92
C GLU A 57 -14.79 -6.46 1.06
N ASN A 58 -14.18 -7.19 0.13
CA ASN A 58 -14.28 -8.67 0.01
C ASN A 58 -12.86 -9.30 -0.13
N ASP A 59 -12.80 -10.61 0.15
CA ASP A 59 -11.60 -11.46 -0.12
C ASP A 59 -11.10 -11.52 -1.61
N GLU A 60 -12.01 -11.57 -2.60
CA GLU A 60 -11.68 -11.34 -4.04
C GLU A 60 -10.93 -10.00 -4.38
N GLN A 61 -11.45 -8.84 -3.91
CA GLN A 61 -10.71 -7.54 -3.89
C GLN A 61 -9.33 -7.58 -3.14
N ALA A 62 -9.27 -8.08 -1.88
CA ALA A 62 -8.01 -8.33 -1.15
C ALA A 62 -6.93 -9.22 -1.85
N LYS A 63 -7.29 -10.32 -2.53
CA LYS A 63 -6.37 -11.12 -3.39
C LYS A 63 -5.71 -10.32 -4.57
N GLU A 64 -6.49 -9.69 -5.46
CA GLU A 64 -5.93 -8.80 -6.53
C GLU A 64 -5.09 -7.57 -6.02
N LEU A 65 -5.54 -6.88 -4.97
CA LEU A 65 -4.75 -5.83 -4.27
C LEU A 65 -3.41 -6.35 -3.64
N LEU A 66 -3.41 -7.46 -2.86
CA LEU A 66 -2.18 -8.25 -2.52
C LEU A 66 -1.19 -8.54 -3.70
N GLU A 67 -1.66 -9.12 -4.82
CA GLU A 67 -0.84 -9.30 -6.06
C GLU A 67 -0.32 -7.97 -6.72
N LEU A 68 -1.17 -6.94 -6.90
CA LEU A 68 -0.74 -5.57 -7.32
C LEU A 68 0.33 -4.88 -6.40
N ILE A 69 0.15 -4.86 -5.07
CA ILE A 69 1.17 -4.34 -4.11
C ILE A 69 2.52 -5.16 -4.14
N ALA A 70 2.50 -6.50 -4.02
CA ALA A 70 3.69 -7.37 -4.22
C ALA A 70 4.45 -7.18 -5.57
N ARG A 71 3.74 -7.13 -6.72
CA ARG A 71 4.29 -6.68 -8.02
C ARG A 71 4.89 -5.22 -8.06
N LEU A 72 4.21 -4.20 -7.49
CA LEU A 72 4.78 -2.84 -7.26
C LEU A 72 6.09 -2.78 -6.41
N LEU A 73 6.12 -3.40 -5.21
CA LEU A 73 7.28 -3.36 -4.29
C LEU A 73 8.50 -4.27 -4.71
N GLN A 74 8.26 -5.44 -5.35
CA GLN A 74 9.26 -6.13 -6.20
C GLN A 74 9.84 -5.27 -7.39
N LYS A 75 9.00 -4.56 -8.17
CA LYS A 75 9.46 -3.57 -9.18
C LYS A 75 10.28 -2.35 -8.63
N LEU A 76 9.85 -1.68 -7.54
CA LEU A 76 10.68 -0.65 -6.83
C LEU A 76 12.03 -1.17 -6.21
N GLY A 77 12.03 -2.32 -5.53
CA GLY A 77 13.27 -2.99 -5.02
C GLY A 77 13.37 -3.17 -3.50
N TYR A 78 12.38 -3.86 -2.91
CA TYR A 78 12.32 -4.10 -1.43
C TYR A 78 12.53 -5.61 -1.08
N LYS A 79 13.14 -5.88 0.09
CA LYS A 79 13.58 -7.26 0.47
C LYS A 79 12.91 -7.84 1.76
N ASP A 80 12.81 -7.10 2.88
CA ASP A 80 12.13 -7.58 4.12
C ASP A 80 10.59 -7.34 4.02
N ILE A 81 9.88 -8.28 3.37
CA ILE A 81 8.46 -8.09 2.95
C ILE A 81 7.53 -8.83 3.97
N ASN A 82 6.86 -8.07 4.85
CA ASN A 82 6.10 -8.65 6.00
C ASN A 82 4.57 -8.53 5.74
N VAL A 83 3.98 -9.58 5.14
CA VAL A 83 2.53 -9.65 4.82
C VAL A 83 1.69 -10.16 6.03
N ARG A 84 0.69 -9.37 6.45
CA ARG A 84 -0.25 -9.73 7.54
C ARG A 84 -1.69 -9.26 7.15
N VAL A 85 -2.48 -10.12 6.49
CA VAL A 85 -3.88 -9.80 6.10
C VAL A 85 -4.90 -10.07 7.25
N ASN A 86 -5.63 -9.05 7.71
CA ASN A 86 -6.70 -9.22 8.76
C ASN A 86 -8.09 -9.48 8.09
N GLY A 87 -8.30 -10.67 7.50
CA GLY A 87 -9.48 -10.93 6.63
C GLY A 87 -9.44 -10.22 5.25
N THR A 88 -9.83 -8.93 5.24
CA THR A 88 -9.66 -8.03 4.04
C THR A 88 -8.63 -6.85 4.21
N GLU A 89 -8.00 -6.65 5.39
CA GLU A 89 -7.02 -5.55 5.62
C GLU A 89 -5.60 -5.99 5.18
N VAL A 90 -5.18 -5.62 3.97
CA VAL A 90 -3.91 -6.14 3.37
C VAL A 90 -2.70 -5.27 3.88
N LYS A 91 -2.15 -5.60 5.07
CA LYS A 91 -0.89 -4.98 5.56
C LYS A 91 0.35 -5.69 4.92
N ILE A 92 0.99 -5.04 3.94
CA ILE A 92 2.33 -5.44 3.45
C ILE A 92 3.32 -4.36 4.00
N GLU A 93 4.08 -4.71 5.06
CA GLU A 93 5.12 -3.83 5.63
C GLU A 93 6.52 -4.18 5.00
N VAL A 94 7.05 -3.28 4.17
CA VAL A 94 8.39 -3.46 3.53
C VAL A 94 9.47 -2.55 4.19
N ARG A 95 10.61 -3.15 4.55
CA ARG A 95 11.72 -2.41 5.23
C ARG A 95 12.96 -2.28 4.28
N VAL A 96 13.62 -1.11 4.31
CA VAL A 96 14.89 -0.87 3.55
C VAL A 96 16.09 -1.30 4.46
N HIS A 3 -18.99 -2.34 5.19
CA HIS A 3 -18.33 -2.74 3.92
C HIS A 3 -17.45 -1.57 3.40
N MET A 4 -16.16 -1.60 3.78
CA MET A 4 -15.17 -0.55 3.41
C MET A 4 -14.53 -0.85 2.01
N LYS A 5 -14.60 0.09 1.05
CA LYS A 5 -14.37 -0.24 -0.39
C LYS A 5 -12.88 -0.32 -0.84
N VAL A 6 -12.20 0.80 -1.09
CA VAL A 6 -10.76 0.80 -1.50
C VAL A 6 -9.98 1.80 -0.60
N ASP A 7 -9.80 1.47 0.69
CA ASP A 7 -9.24 2.41 1.70
C ASP A 7 -7.74 2.06 1.93
N ILE A 8 -6.86 2.82 1.28
CA ILE A 8 -5.40 2.57 1.25
C ILE A 8 -4.70 3.41 2.38
N THR A 9 -4.35 2.75 3.49
CA THR A 9 -3.54 3.36 4.59
C THR A 9 -2.02 3.23 4.25
N ILE A 10 -1.40 4.29 3.73
CA ILE A 10 0.00 4.26 3.22
C ILE A 10 0.88 5.09 4.21
N LYS A 11 1.56 4.42 5.17
CA LYS A 11 2.36 5.12 6.22
C LYS A 11 3.87 4.92 5.92
N ILE A 12 4.55 6.02 5.53
CA ILE A 12 5.93 6.00 4.97
C ILE A 12 6.89 6.53 6.09
N GLN A 13 7.62 5.65 6.78
CA GLN A 13 8.49 6.06 7.92
C GLN A 13 9.86 6.63 7.43
N ARG A 14 10.00 7.96 7.52
CA ARG A 14 11.24 8.67 7.10
C ARG A 14 12.17 8.85 8.35
N ASP A 15 12.76 7.72 8.81
CA ASP A 15 13.48 7.58 10.11
C ASP A 15 12.70 8.11 11.35
N GLY A 16 11.88 7.25 12.00
CA GLY A 16 10.89 7.71 13.02
C GLY A 16 9.54 8.27 12.50
N GLN A 17 9.59 9.14 11.49
CA GLN A 17 8.42 9.94 11.02
C GLN A 17 7.47 9.13 10.08
N GLU A 18 6.43 8.48 10.64
CA GLU A 18 5.37 7.79 9.84
C GLU A 18 4.47 8.81 9.07
N ILE A 19 4.80 9.10 7.79
CA ILE A 19 4.07 10.11 6.97
C ILE A 19 2.88 9.38 6.27
N GLU A 20 1.68 9.64 6.79
CA GLU A 20 0.47 8.81 6.50
C GLU A 20 -0.48 9.45 5.44
N ILE A 21 -0.57 8.79 4.27
CA ILE A 21 -1.55 9.16 3.21
C ILE A 21 -2.69 8.07 3.26
N ASP A 22 -3.71 8.32 4.09
CA ASP A 22 -4.80 7.34 4.37
C ASP A 22 -6.09 7.79 3.63
N ILE A 23 -6.35 7.20 2.44
CA ILE A 23 -7.33 7.75 1.45
C ILE A 23 -8.21 6.63 0.79
N ARG A 24 -9.46 6.97 0.43
CA ARG A 24 -10.36 6.05 -0.33
C ARG A 24 -10.27 6.33 -1.86
N VAL A 25 -9.55 5.47 -2.60
CA VAL A 25 -9.48 5.56 -4.10
C VAL A 25 -10.47 4.56 -4.82
N SER A 26 -11.78 4.62 -4.48
CA SER A 26 -12.81 3.73 -5.08
C SER A 26 -13.45 4.36 -6.35
N THR A 27 -12.70 4.31 -7.46
CA THR A 27 -13.00 5.11 -8.69
C THR A 27 -12.15 4.55 -9.87
N GLY A 28 -12.83 3.98 -10.90
CA GLY A 28 -12.15 3.35 -12.06
C GLY A 28 -11.33 4.28 -12.98
N LYS A 29 -10.15 3.81 -13.44
CA LYS A 29 -9.14 4.66 -14.16
C LYS A 29 -8.39 5.70 -13.26
N GLU A 30 -9.11 6.57 -12.52
CA GLU A 30 -8.54 7.46 -11.48
C GLU A 30 -7.58 6.82 -10.42
N LEU A 31 -7.88 5.62 -9.87
CA LEU A 31 -6.94 4.86 -8.99
C LEU A 31 -5.52 4.54 -9.57
N GLU A 32 -5.38 4.26 -10.88
CA GLU A 32 -4.06 4.22 -11.59
C GLU A 32 -3.28 5.58 -11.64
N ARG A 33 -3.94 6.72 -11.95
CA ARG A 33 -3.34 8.08 -11.76
C ARG A 33 -2.84 8.38 -10.29
N ALA A 34 -3.64 8.05 -9.26
CA ALA A 34 -3.15 7.99 -7.86
C ALA A 34 -1.98 7.00 -7.56
N LEU A 35 -2.05 5.72 -7.99
CA LEU A 35 -0.89 4.77 -7.96
C LEU A 35 0.46 5.29 -8.57
N GLN A 36 0.42 5.94 -9.75
CA GLN A 36 1.59 6.64 -10.37
C GLN A 36 2.20 7.82 -9.53
N GLU A 37 1.38 8.78 -9.03
CA GLU A 37 1.84 9.76 -8.01
C GLU A 37 2.30 9.14 -6.64
N LEU A 38 1.60 8.14 -6.07
CA LEU A 38 2.05 7.39 -4.85
C LEU A 38 3.39 6.59 -5.00
N GLU A 39 3.62 5.84 -6.09
CA GLU A 39 4.97 5.29 -6.46
C GLU A 39 6.11 6.38 -6.56
N LYS A 40 5.87 7.47 -7.28
CA LYS A 40 6.75 8.69 -7.30
C LYS A 40 6.95 9.39 -5.91
N ALA A 41 5.89 9.58 -5.09
CA ALA A 41 5.99 10.06 -3.68
C ALA A 41 6.68 9.11 -2.64
N LEU A 42 6.60 7.78 -2.80
CA LEU A 42 7.52 6.82 -2.12
C LEU A 42 9.05 6.99 -2.44
N ALA A 43 9.44 7.36 -3.67
CA ALA A 43 10.81 7.89 -3.95
C ALA A 43 11.11 9.33 -3.42
N ARG A 44 10.19 10.32 -3.54
CA ARG A 44 10.32 11.63 -2.81
C ARG A 44 10.03 11.52 -1.27
N ALA A 45 10.91 10.79 -0.56
CA ALA A 45 10.71 10.39 0.85
C ALA A 45 12.04 10.07 1.60
N GLY A 46 12.77 9.00 1.18
CA GLY A 46 13.85 8.41 2.03
C GLY A 46 13.32 7.59 3.22
N ALA A 47 12.84 6.36 2.96
CA ALA A 47 12.01 5.60 3.94
C ALA A 47 12.68 4.28 4.44
N ARG A 48 12.48 3.97 5.74
CA ARG A 48 12.87 2.66 6.33
C ARG A 48 11.68 1.67 6.52
N ASN A 49 10.60 2.03 7.25
CA ASN A 49 9.38 1.18 7.38
C ASN A 49 8.25 1.70 6.43
N VAL A 50 7.89 0.90 5.42
CA VAL A 50 6.91 1.29 4.37
C VAL A 50 5.69 0.34 4.53
N GLN A 51 4.62 0.80 5.21
CA GLN A 51 3.46 -0.06 5.58
C GLN A 51 2.15 0.35 4.87
N ILE A 52 1.68 -0.50 3.94
CA ILE A 52 0.46 -0.25 3.11
C ILE A 52 -0.65 -1.20 3.65
N THR A 53 -1.68 -0.65 4.32
CA THR A 53 -2.85 -1.44 4.80
C THR A 53 -4.10 -1.13 3.91
N ILE A 54 -4.56 -2.09 3.08
CA ILE A 54 -5.80 -1.92 2.26
C ILE A 54 -7.00 -2.71 2.89
N SER A 55 -8.01 -1.98 3.39
CA SER A 55 -9.28 -2.59 3.91
C SER A 55 -10.37 -2.70 2.80
N ALA A 56 -10.84 -3.93 2.52
CA ALA A 56 -11.82 -4.20 1.43
C ALA A 56 -13.19 -4.81 1.92
N GLU A 57 -14.18 -4.94 1.02
CA GLU A 57 -15.54 -5.47 1.38
C GLU A 57 -15.58 -7.04 1.58
N ASN A 58 -14.97 -7.77 0.63
CA ASN A 58 -14.89 -9.25 0.64
C ASN A 58 -13.39 -9.71 0.55
N ASP A 59 -13.14 -11.03 0.68
CA ASP A 59 -11.79 -11.62 0.41
C ASP A 59 -11.23 -11.41 -1.05
N GLU A 60 -12.01 -11.66 -2.11
CA GLU A 60 -11.55 -11.54 -3.53
C GLU A 60 -11.03 -10.13 -3.99
N GLN A 61 -11.69 -9.04 -3.56
CA GLN A 61 -11.13 -7.66 -3.68
C GLN A 61 -9.70 -7.46 -3.04
N ALA A 62 -9.52 -7.86 -1.77
CA ALA A 62 -8.17 -7.95 -1.13
C ALA A 62 -7.14 -8.95 -1.76
N LYS A 63 -7.55 -10.15 -2.22
CA LYS A 63 -6.65 -11.12 -2.92
C LYS A 63 -6.03 -10.61 -4.28
N GLU A 64 -6.79 -9.90 -5.14
CA GLU A 64 -6.20 -9.16 -6.30
C GLU A 64 -5.30 -7.93 -5.92
N LEU A 65 -5.74 -7.07 -4.97
CA LEU A 65 -4.90 -5.97 -4.41
C LEU A 65 -3.60 -6.40 -3.64
N LEU A 66 -3.61 -7.53 -2.91
CA LEU A 66 -2.38 -8.28 -2.49
C LEU A 66 -1.35 -8.57 -3.62
N GLU A 67 -1.76 -9.15 -4.77
CA GLU A 67 -0.90 -9.24 -5.98
C GLU A 67 -0.42 -7.84 -6.51
N LEU A 68 -1.35 -6.89 -6.78
CA LEU A 68 -1.03 -5.52 -7.27
C LEU A 68 -0.04 -4.68 -6.40
N ILE A 69 -0.24 -4.56 -5.07
CA ILE A 69 0.74 -3.87 -4.16
C ILE A 69 2.12 -4.64 -4.08
N ALA A 70 2.14 -5.97 -3.80
CA ALA A 70 3.40 -6.78 -3.82
C ALA A 70 4.22 -6.73 -5.15
N ARG A 71 3.57 -6.94 -6.30
CA ARG A 71 4.12 -6.61 -7.65
C ARG A 71 4.74 -5.19 -7.85
N LEU A 72 4.10 -4.09 -7.37
CA LEU A 72 4.75 -2.75 -7.27
C LEU A 72 6.02 -2.68 -6.35
N LEU A 73 5.93 -3.14 -5.09
CA LEU A 73 7.06 -3.10 -4.12
C LEU A 73 8.27 -4.05 -4.43
N GLN A 74 8.06 -5.27 -4.94
CA GLN A 74 9.13 -6.10 -5.58
C GLN A 74 9.72 -5.51 -6.91
N LYS A 75 8.90 -4.90 -7.80
CA LYS A 75 9.39 -4.03 -8.92
C LYS A 75 10.28 -2.79 -8.51
N LEU A 76 9.96 -2.06 -7.42
CA LEU A 76 10.94 -1.16 -6.74
C LEU A 76 12.21 -1.88 -6.18
N GLY A 77 12.03 -2.93 -5.37
CA GLY A 77 13.13 -3.79 -4.87
C GLY A 77 13.34 -3.83 -3.34
N TYR A 78 12.26 -3.94 -2.54
CA TYR A 78 12.35 -4.03 -1.06
C TYR A 78 12.66 -5.48 -0.59
N LYS A 79 13.65 -5.64 0.31
CA LYS A 79 14.17 -7.00 0.68
C LYS A 79 13.45 -7.69 1.89
N ASP A 80 13.15 -6.95 2.98
CA ASP A 80 12.22 -7.43 4.04
C ASP A 80 10.73 -7.25 3.58
N ILE A 81 9.96 -8.35 3.61
CA ILE A 81 8.56 -8.36 3.08
C ILE A 81 7.67 -9.11 4.13
N ASN A 82 7.01 -8.36 5.04
CA ASN A 82 6.09 -8.92 6.06
C ASN A 82 4.60 -8.70 5.63
N VAL A 83 3.84 -9.79 5.42
CA VAL A 83 2.43 -9.72 4.93
C VAL A 83 1.48 -10.21 6.08
N ARG A 84 0.66 -9.31 6.66
CA ARG A 84 -0.40 -9.67 7.63
C ARG A 84 -1.81 -9.42 6.99
N VAL A 85 -2.59 -10.48 6.76
CA VAL A 85 -4.00 -10.37 6.25
C VAL A 85 -4.98 -10.52 7.45
N ASN A 86 -5.57 -9.42 7.94
CA ASN A 86 -6.56 -9.47 9.06
C ASN A 86 -8.02 -9.63 8.51
N GLY A 87 -8.39 -10.87 8.11
CA GLY A 87 -9.68 -11.14 7.42
C GLY A 87 -9.70 -10.72 5.93
N THR A 88 -10.18 -9.50 5.69
CA THR A 88 -9.95 -8.78 4.39
C THR A 88 -9.32 -7.35 4.60
N GLU A 89 -8.25 -7.29 5.40
CA GLU A 89 -7.42 -6.08 5.61
C GLU A 89 -5.94 -6.50 5.33
N VAL A 90 -5.41 -6.16 4.14
CA VAL A 90 -4.07 -6.62 3.71
C VAL A 90 -3.01 -5.56 4.14
N LYS A 91 -2.28 -5.81 5.24
CA LYS A 91 -1.05 -5.05 5.57
C LYS A 91 0.18 -5.68 4.86
N ILE A 92 0.71 -4.99 3.83
CA ILE A 92 2.05 -5.31 3.26
C ILE A 92 3.07 -4.30 3.89
N GLU A 93 3.83 -4.81 4.86
CA GLU A 93 4.86 -4.07 5.63
C GLU A 93 6.27 -4.41 5.07
N VAL A 94 6.89 -3.48 4.32
CA VAL A 94 8.21 -3.72 3.67
C VAL A 94 9.33 -2.81 4.27
N ARG A 95 10.54 -3.35 4.42
CA ARG A 95 11.76 -2.55 4.77
C ARG A 95 12.88 -2.75 3.70
N VAL A 96 13.76 -1.74 3.55
CA VAL A 96 14.75 -1.67 2.43
C VAL A 96 15.86 -2.74 2.62
N HIS A 3 -19.17 -0.56 6.85
CA HIS A 3 -18.65 0.26 5.72
C HIS A 3 -17.68 -0.59 4.83
N MET A 4 -18.22 -1.19 3.77
CA MET A 4 -17.42 -1.90 2.72
C MET A 4 -16.74 -0.87 1.75
N LYS A 5 -15.40 -0.74 1.80
CA LYS A 5 -14.70 0.39 1.11
C LYS A 5 -13.27 0.08 0.55
N VAL A 6 -12.97 0.59 -0.67
CA VAL A 6 -11.57 0.69 -1.21
C VAL A 6 -10.87 1.92 -0.52
N ASP A 7 -10.21 1.65 0.61
CA ASP A 7 -9.74 2.70 1.56
C ASP A 7 -8.23 2.46 1.85
N ILE A 8 -7.38 3.39 1.42
CA ILE A 8 -5.92 3.15 1.27
C ILE A 8 -5.14 4.08 2.27
N THR A 9 -4.70 3.51 3.41
CA THR A 9 -4.02 4.27 4.50
C THR A 9 -2.48 3.94 4.44
N ILE A 10 -1.73 4.79 3.73
CA ILE A 10 -0.29 4.55 3.40
C ILE A 10 0.56 5.30 4.46
N LYS A 11 1.07 4.59 5.48
CA LYS A 11 1.74 5.24 6.63
C LYS A 11 3.29 5.05 6.57
N ILE A 12 3.99 6.18 6.39
CA ILE A 12 5.38 6.22 5.86
C ILE A 12 6.31 6.57 7.06
N GLN A 13 7.04 5.57 7.60
CA GLN A 13 7.98 5.81 8.72
C GLN A 13 9.46 5.88 8.24
N ARG A 14 10.18 6.90 8.73
CA ARG A 14 11.64 7.06 8.46
C ARG A 14 12.52 6.65 9.70
N ASP A 15 12.26 5.45 10.27
CA ASP A 15 12.71 5.03 11.64
C ASP A 15 12.58 6.12 12.77
N GLY A 16 11.37 6.24 13.34
CA GLY A 16 11.04 7.35 14.29
C GLY A 16 9.86 8.22 13.80
N GLN A 17 10.08 9.08 12.80
CA GLN A 17 9.05 10.04 12.29
C GLN A 17 8.02 9.32 11.35
N GLU A 18 6.71 9.38 11.69
CA GLU A 18 5.67 8.43 11.19
C GLU A 18 4.50 9.21 10.52
N ILE A 19 4.38 9.15 9.18
CA ILE A 19 3.49 10.08 8.41
C ILE A 19 2.30 9.25 7.79
N GLU A 20 1.09 9.33 8.37
CA GLU A 20 -0.10 8.58 7.89
C GLU A 20 -0.86 9.31 6.72
N ILE A 21 -0.86 8.70 5.52
CA ILE A 21 -1.46 9.30 4.29
C ILE A 21 -2.79 8.54 3.97
N ASP A 22 -3.95 9.13 4.32
CA ASP A 22 -5.25 8.41 4.38
C ASP A 22 -6.20 8.78 3.18
N ILE A 23 -6.19 7.96 2.11
CA ILE A 23 -6.79 8.28 0.78
C ILE A 23 -7.88 7.21 0.40
N ARG A 24 -8.95 7.58 -0.34
CA ARG A 24 -10.05 6.63 -0.72
C ARG A 24 -10.39 6.72 -2.24
N VAL A 25 -10.64 5.56 -2.88
CA VAL A 25 -10.69 5.46 -4.37
C VAL A 25 -11.74 4.37 -4.81
N SER A 26 -13.04 4.70 -4.74
CA SER A 26 -14.14 3.69 -4.87
C SER A 26 -14.59 3.27 -6.31
N THR A 27 -13.64 3.06 -7.24
CA THR A 27 -13.90 3.25 -8.70
C THR A 27 -12.65 2.87 -9.56
N GLY A 28 -12.90 2.44 -10.81
CA GLY A 28 -11.82 2.17 -11.79
C GLY A 28 -11.00 3.41 -12.27
N LYS A 29 -9.69 3.23 -12.38
CA LYS A 29 -8.73 4.29 -12.82
C LYS A 29 -8.38 5.48 -11.87
N GLU A 30 -9.20 5.83 -10.85
CA GLU A 30 -8.69 6.54 -9.64
C GLU A 30 -7.66 5.70 -8.81
N LEU A 31 -7.96 4.42 -8.51
CA LEU A 31 -6.97 3.45 -7.97
C LEU A 31 -5.64 3.29 -8.77
N GLU A 32 -5.70 3.15 -10.11
CA GLU A 32 -4.50 3.22 -11.01
C GLU A 32 -3.68 4.55 -10.90
N ARG A 33 -4.30 5.73 -11.07
CA ARG A 33 -3.61 7.05 -10.88
C ARG A 33 -3.04 7.35 -9.46
N ALA A 34 -3.80 7.07 -8.38
CA ALA A 34 -3.26 7.05 -6.99
C ALA A 34 -2.07 6.06 -6.76
N LEU A 35 -2.18 4.77 -7.14
CA LEU A 35 -1.03 3.82 -7.16
C LEU A 35 0.23 4.29 -7.97
N GLN A 36 0.07 4.80 -9.20
CA GLN A 36 1.18 5.41 -10.00
C GLN A 36 1.90 6.63 -9.33
N GLU A 37 1.17 7.66 -8.83
CA GLU A 37 1.80 8.78 -8.06
C GLU A 37 2.30 8.40 -6.62
N LEU A 38 1.65 7.51 -5.86
CA LEU A 38 2.21 6.93 -4.61
C LEU A 38 3.54 6.11 -4.79
N GLU A 39 3.66 5.26 -5.83
CA GLU A 39 4.95 4.71 -6.33
C GLU A 39 6.08 5.79 -6.60
N LYS A 40 5.76 6.82 -7.41
CA LYS A 40 6.62 8.03 -7.60
C LYS A 40 6.98 8.82 -6.29
N ALA A 41 5.98 9.17 -5.44
CA ALA A 41 6.22 9.84 -4.14
C ALA A 41 7.08 9.08 -3.09
N LEU A 42 6.89 7.75 -2.90
CA LEU A 42 7.83 6.91 -2.10
C LEU A 42 9.28 6.81 -2.68
N ALA A 43 9.46 6.57 -3.99
CA ALA A 43 10.77 6.74 -4.70
C ALA A 43 11.45 8.15 -4.59
N ARG A 44 10.69 9.25 -4.75
CA ARG A 44 11.15 10.64 -4.44
C ARG A 44 11.57 10.92 -2.95
N ALA A 45 10.75 10.50 -1.98
CA ALA A 45 11.02 10.70 -0.54
C ALA A 45 12.15 9.82 0.09
N GLY A 46 12.22 8.50 -0.21
CA GLY A 46 13.25 7.60 0.39
C GLY A 46 13.02 7.21 1.87
N ALA A 47 12.01 6.35 2.12
CA ALA A 47 11.61 5.95 3.50
C ALA A 47 12.06 4.51 3.89
N ARG A 48 12.44 4.32 5.17
CA ARG A 48 13.10 3.06 5.63
C ARG A 48 12.19 1.96 6.29
N ASN A 49 10.97 2.25 6.78
CA ASN A 49 9.93 1.20 7.03
C ASN A 49 8.54 1.71 6.54
N VAL A 50 8.03 1.12 5.44
CA VAL A 50 6.88 1.67 4.66
C VAL A 50 5.65 0.74 4.82
N GLN A 51 4.60 1.21 5.52
CA GLN A 51 3.40 0.39 5.84
C GLN A 51 2.22 0.75 4.88
N ILE A 52 2.02 -0.08 3.83
CA ILE A 52 0.94 0.15 2.81
C ILE A 52 -0.35 -0.59 3.30
N THR A 53 -1.40 0.14 3.72
CA THR A 53 -2.71 -0.45 4.08
C THR A 53 -3.70 -0.36 2.88
N ILE A 54 -4.30 -1.47 2.46
CA ILE A 54 -5.40 -1.46 1.46
C ILE A 54 -6.63 -2.20 2.10
N SER A 55 -7.72 -1.47 2.42
CA SER A 55 -9.04 -2.10 2.68
C SER A 55 -9.70 -2.60 1.35
N ALA A 56 -10.04 -3.89 1.29
CA ALA A 56 -10.73 -4.48 0.12
C ALA A 56 -12.27 -4.55 0.29
N GLU A 57 -13.02 -4.37 -0.82
CA GLU A 57 -14.50 -4.57 -0.83
C GLU A 57 -15.00 -6.07 -0.87
N ASN A 58 -14.16 -7.03 -1.30
CA ASN A 58 -14.40 -8.50 -1.09
C ASN A 58 -13.04 -9.23 -0.74
N ASP A 59 -13.12 -10.50 -0.29
CA ASP A 59 -11.92 -11.39 -0.16
C ASP A 59 -11.16 -11.75 -1.50
N GLU A 60 -11.90 -12.02 -2.60
CA GLU A 60 -11.32 -12.06 -3.99
C GLU A 60 -10.63 -10.73 -4.46
N GLN A 61 -11.20 -9.55 -4.16
CA GLN A 61 -10.47 -8.25 -4.22
C GLN A 61 -9.18 -8.19 -3.34
N ALA A 62 -9.21 -8.61 -2.06
CA ALA A 62 -7.98 -8.76 -1.23
C ALA A 62 -6.83 -9.66 -1.82
N LYS A 63 -7.15 -10.79 -2.49
CA LYS A 63 -6.17 -11.54 -3.33
C LYS A 63 -5.52 -10.72 -4.49
N GLU A 64 -6.31 -10.08 -5.37
CA GLU A 64 -5.78 -9.19 -6.45
C GLU A 64 -5.08 -7.87 -5.97
N LEU A 65 -5.64 -7.19 -4.95
CA LEU A 65 -4.97 -6.06 -4.24
C LEU A 65 -3.64 -6.43 -3.50
N LEU A 66 -3.53 -7.60 -2.83
CA LEU A 66 -2.21 -8.20 -2.42
C LEU A 66 -1.15 -8.34 -3.56
N GLU A 67 -1.48 -8.91 -4.73
CA GLU A 67 -0.60 -8.83 -5.94
C GLU A 67 -0.33 -7.39 -6.50
N LEU A 68 -1.32 -6.48 -6.60
CA LEU A 68 -1.05 -5.04 -6.92
C LEU A 68 -0.05 -4.29 -5.96
N ILE A 69 -0.06 -4.56 -4.65
CA ILE A 69 1.05 -4.14 -3.73
C ILE A 69 2.36 -5.00 -3.98
N ALA A 70 2.34 -6.33 -3.84
CA ALA A 70 3.53 -7.20 -4.04
C ALA A 70 4.28 -7.08 -5.41
N ARG A 71 3.58 -6.96 -6.55
CA ARG A 71 4.17 -6.60 -7.86
C ARG A 71 4.73 -5.14 -7.97
N LEU A 72 4.11 -4.11 -7.36
CA LEU A 72 4.79 -2.79 -7.07
C LEU A 72 6.14 -2.90 -6.28
N LEU A 73 6.12 -3.60 -5.14
CA LEU A 73 7.31 -3.88 -4.30
C LEU A 73 8.46 -4.68 -5.01
N GLN A 74 8.11 -5.75 -5.74
CA GLN A 74 9.01 -6.44 -6.72
C GLN A 74 9.50 -5.57 -7.93
N LYS A 75 8.63 -4.76 -8.56
CA LYS A 75 9.01 -3.72 -9.59
C LYS A 75 10.02 -2.64 -9.09
N LEU A 76 9.81 -2.01 -7.93
CA LEU A 76 10.86 -1.20 -7.24
C LEU A 76 12.15 -1.97 -6.78
N GLY A 77 12.00 -3.22 -6.32
CA GLY A 77 13.13 -4.03 -5.76
C GLY A 77 13.34 -3.96 -4.24
N TYR A 78 12.27 -4.04 -3.44
CA TYR A 78 12.36 -4.08 -1.96
C TYR A 78 12.82 -5.47 -1.43
N LYS A 79 13.64 -5.46 -0.37
CA LYS A 79 14.19 -6.72 0.24
C LYS A 79 13.31 -7.28 1.40
N ASP A 80 13.03 -6.48 2.44
CA ASP A 80 12.52 -7.00 3.74
C ASP A 80 10.99 -6.83 3.81
N ILE A 81 10.24 -7.82 3.27
CA ILE A 81 8.78 -7.66 2.96
C ILE A 81 7.94 -8.45 4.03
N ASN A 82 7.22 -7.72 4.90
CA ASN A 82 6.52 -8.30 6.08
C ASN A 82 4.97 -8.21 5.90
N VAL A 83 4.29 -9.38 5.90
CA VAL A 83 2.84 -9.50 5.56
C VAL A 83 1.88 -9.42 6.81
N ARG A 84 0.82 -8.59 6.70
CA ARG A 84 -0.32 -8.61 7.66
C ARG A 84 -1.66 -8.54 6.85
N VAL A 85 -2.23 -9.71 6.48
CA VAL A 85 -3.59 -9.78 5.83
C VAL A 85 -4.63 -10.05 6.96
N ASN A 86 -5.33 -9.00 7.42
CA ASN A 86 -6.38 -9.11 8.47
C ASN A 86 -7.80 -9.14 7.79
N GLY A 87 -8.13 -10.29 7.16
CA GLY A 87 -9.38 -10.44 6.37
C GLY A 87 -9.41 -9.64 5.05
N THR A 88 -10.09 -8.48 5.08
CA THR A 88 -10.07 -7.49 3.96
C THR A 88 -8.98 -6.37 4.08
N GLU A 89 -8.42 -6.09 5.28
CA GLU A 89 -7.25 -5.18 5.45
C GLU A 89 -5.93 -5.88 5.01
N VAL A 90 -5.41 -5.48 3.84
CA VAL A 90 -4.13 -6.01 3.28
C VAL A 90 -3.02 -4.99 3.65
N LYS A 91 -2.26 -5.25 4.73
CA LYS A 91 -1.29 -4.28 5.31
C LYS A 91 0.16 -4.82 5.16
N ILE A 92 0.93 -4.26 4.22
CA ILE A 92 2.26 -4.82 3.82
C ILE A 92 3.35 -3.81 4.27
N GLU A 93 4.18 -4.21 5.25
CA GLU A 93 5.33 -3.40 5.74
C GLU A 93 6.62 -3.78 4.96
N VAL A 94 7.29 -2.80 4.32
CA VAL A 94 8.58 -3.04 3.62
C VAL A 94 9.74 -2.20 4.24
N ARG A 95 10.82 -2.89 4.65
CA ARG A 95 12.07 -2.23 5.12
C ARG A 95 13.15 -2.09 4.00
N VAL A 96 13.93 -0.99 4.09
CA VAL A 96 15.09 -0.74 3.19
C VAL A 96 16.37 -1.00 4.02
N HIS A 3 -18.50 5.86 4.47
CA HIS A 3 -18.54 4.45 4.01
C HIS A 3 -17.14 3.96 3.54
N MET A 4 -16.50 3.07 4.32
CA MET A 4 -15.21 2.43 3.91
C MET A 4 -15.43 1.36 2.79
N LYS A 5 -14.79 1.56 1.63
CA LYS A 5 -15.04 0.75 0.39
C LYS A 5 -13.70 0.29 -0.28
N VAL A 6 -12.91 1.23 -0.83
CA VAL A 6 -11.54 0.92 -1.37
C VAL A 6 -10.53 1.84 -0.62
N ASP A 7 -10.25 1.51 0.65
CA ASP A 7 -9.56 2.43 1.59
C ASP A 7 -8.06 2.08 1.67
N ILE A 8 -7.24 2.84 0.92
CA ILE A 8 -5.75 2.67 0.89
C ILE A 8 -5.16 3.45 2.11
N THR A 9 -4.75 2.71 3.16
CA THR A 9 -4.11 3.28 4.37
C THR A 9 -2.57 3.05 4.27
N ILE A 10 -1.82 4.11 3.95
CA ILE A 10 -0.34 4.07 3.83
C ILE A 10 0.25 4.89 5.02
N LYS A 11 1.18 4.33 5.81
CA LYS A 11 2.07 5.16 6.66
C LYS A 11 3.60 4.89 6.43
N ILE A 12 4.35 5.98 6.26
CA ILE A 12 5.73 5.98 5.69
C ILE A 12 6.72 6.34 6.85
N GLN A 13 7.23 5.35 7.62
CA GLN A 13 8.20 5.63 8.72
C GLN A 13 9.67 5.64 8.17
N ARG A 14 10.36 6.78 8.36
CA ARG A 14 11.67 7.07 7.71
C ARG A 14 12.77 7.31 8.80
N ASP A 15 13.59 8.35 8.64
CA ASP A 15 14.60 8.78 9.65
C ASP A 15 13.93 9.48 10.88
N GLY A 16 13.57 8.67 11.90
CA GLY A 16 12.87 9.14 13.13
C GLY A 16 11.47 9.80 13.03
N GLN A 17 10.67 9.48 12.00
CA GLN A 17 9.51 10.34 11.59
C GLN A 17 8.55 9.53 10.67
N GLU A 18 7.22 9.58 10.92
CA GLU A 18 6.22 8.88 10.07
C GLU A 18 5.12 9.80 9.44
N ILE A 19 4.87 9.65 8.12
CA ILE A 19 3.80 10.40 7.39
C ILE A 19 2.62 9.40 7.16
N GLU A 20 1.45 9.61 7.80
CA GLU A 20 0.27 8.71 7.67
C GLU A 20 -0.88 9.27 6.79
N ILE A 21 -1.33 8.46 5.82
CA ILE A 21 -2.29 8.89 4.76
C ILE A 21 -3.36 7.75 4.58
N ASP A 22 -4.64 7.98 4.93
CA ASP A 22 -5.75 7.09 4.50
C ASP A 22 -6.61 7.76 3.37
N ILE A 23 -6.80 7.07 2.23
CA ILE A 23 -7.45 7.64 1.02
C ILE A 23 -8.43 6.60 0.40
N ARG A 24 -9.74 6.94 0.39
CA ARG A 24 -10.80 6.03 -0.10
C ARG A 24 -11.20 6.31 -1.58
N VAL A 25 -10.72 5.45 -2.49
CA VAL A 25 -10.83 5.68 -3.96
C VAL A 25 -11.72 4.57 -4.62
N SER A 26 -13.06 4.70 -4.48
CA SER A 26 -14.04 3.69 -4.95
C SER A 26 -14.16 3.61 -6.51
N THR A 27 -13.29 2.79 -7.10
CA THR A 27 -12.85 2.96 -8.51
C THR A 27 -12.42 1.58 -9.11
N GLY A 28 -12.75 1.33 -10.39
CA GLY A 28 -12.23 0.15 -11.13
C GLY A 28 -10.78 0.26 -11.64
N LYS A 29 -10.50 1.24 -12.52
CA LYS A 29 -9.12 1.54 -13.00
C LYS A 29 -8.57 2.98 -12.74
N GLU A 30 -9.29 3.89 -12.04
CA GLU A 30 -8.74 5.24 -11.69
C GLU A 30 -7.85 5.32 -10.40
N LEU A 31 -7.90 4.33 -9.48
CA LEU A 31 -6.80 4.07 -8.50
C LEU A 31 -5.35 3.89 -9.05
N GLU A 32 -5.14 3.37 -10.29
CA GLU A 32 -3.86 3.45 -11.04
C GLU A 32 -3.07 4.81 -10.98
N ARG A 33 -3.77 5.95 -11.23
CA ARG A 33 -3.18 7.31 -11.16
C ARG A 33 -2.75 7.76 -9.73
N ALA A 34 -3.63 7.61 -8.72
CA ALA A 34 -3.24 7.73 -7.29
C ALA A 34 -2.10 6.77 -6.80
N LEU A 35 -2.15 5.47 -7.11
CA LEU A 35 -1.04 4.50 -6.84
C LEU A 35 0.36 4.87 -7.46
N GLN A 36 0.43 5.35 -8.73
CA GLN A 36 1.67 5.96 -9.28
C GLN A 36 2.11 7.35 -8.67
N GLU A 37 1.21 8.28 -8.35
CA GLU A 37 1.53 9.47 -7.49
C GLU A 37 2.08 9.13 -6.06
N LEU A 38 1.48 8.15 -5.36
CA LEU A 38 2.05 7.51 -4.14
C LEU A 38 3.42 6.78 -4.33
N GLU A 39 3.63 6.00 -5.43
CA GLU A 39 4.96 5.47 -5.85
C GLU A 39 6.07 6.55 -6.06
N LYS A 40 5.81 7.56 -6.92
CA LYS A 40 6.57 8.84 -7.00
C LYS A 40 6.95 9.51 -5.63
N ALA A 41 5.98 9.75 -4.72
CA ALA A 41 6.26 10.18 -3.33
C ALA A 41 7.14 9.22 -2.47
N LEU A 42 6.85 7.92 -2.43
CA LEU A 42 7.75 6.88 -1.81
C LEU A 42 9.19 6.77 -2.41
N ALA A 43 9.34 6.66 -3.74
CA ALA A 43 10.66 6.72 -4.43
C ALA A 43 11.51 8.01 -4.22
N ARG A 44 10.92 9.22 -4.25
CA ARG A 44 11.60 10.48 -3.83
C ARG A 44 11.90 10.61 -2.30
N ALA A 45 11.05 10.09 -1.39
CA ALA A 45 11.31 10.08 0.08
C ALA A 45 12.42 9.09 0.57
N GLY A 46 12.36 7.78 0.22
CA GLY A 46 13.36 6.77 0.70
C GLY A 46 13.19 6.33 2.17
N ALA A 47 12.20 5.46 2.45
CA ALA A 47 11.75 5.19 3.84
C ALA A 47 12.05 3.74 4.36
N ARG A 48 12.15 3.62 5.70
CA ARG A 48 12.55 2.37 6.41
C ARG A 48 11.43 1.28 6.45
N ASN A 49 10.37 1.46 7.27
CA ASN A 49 9.33 0.40 7.51
C ASN A 49 7.96 0.97 7.02
N VAL A 50 7.53 0.62 5.81
CA VAL A 50 6.36 1.28 5.15
C VAL A 50 5.16 0.29 5.16
N GLN A 51 4.12 0.61 5.95
CA GLN A 51 2.84 -0.16 5.95
C GLN A 51 1.91 0.33 4.80
N ILE A 52 1.91 -0.38 3.66
CA ILE A 52 0.88 -0.17 2.60
C ILE A 52 -0.30 -1.17 2.91
N THR A 53 -1.44 -0.63 3.32
CA THR A 53 -2.67 -1.41 3.62
C THR A 53 -3.81 -1.03 2.64
N ILE A 54 -4.64 -2.00 2.24
CA ILE A 54 -5.97 -1.70 1.63
C ILE A 54 -7.06 -2.56 2.34
N SER A 55 -8.04 -1.91 2.99
CA SER A 55 -9.24 -2.59 3.55
C SER A 55 -10.30 -2.84 2.43
N ALA A 56 -10.27 -4.03 1.82
CA ALA A 56 -11.07 -4.33 0.60
C ALA A 56 -12.52 -4.87 0.85
N GLU A 57 -13.34 -4.85 -0.21
CA GLU A 57 -14.75 -5.36 -0.17
C GLU A 57 -14.89 -6.92 0.00
N ASN A 58 -14.09 -7.73 -0.74
CA ASN A 58 -14.17 -9.21 -0.70
C ASN A 58 -12.75 -9.85 -0.58
N ASP A 59 -12.71 -11.13 -0.14
CA ASP A 59 -11.48 -11.97 -0.18
C ASP A 59 -10.84 -12.21 -1.59
N GLU A 60 -11.62 -12.49 -2.64
CA GLU A 60 -11.13 -12.48 -4.06
C GLU A 60 -10.56 -11.11 -4.57
N GLN A 61 -11.21 -9.97 -4.24
CA GLN A 61 -10.59 -8.61 -4.36
C GLN A 61 -9.25 -8.43 -3.57
N ALA A 62 -9.20 -8.81 -2.26
CA ALA A 62 -7.93 -8.92 -1.49
C ALA A 62 -6.79 -9.81 -2.07
N LYS A 63 -7.07 -10.89 -2.85
CA LYS A 63 -6.02 -11.68 -3.58
C LYS A 63 -5.28 -10.86 -4.68
N GLU A 64 -5.99 -10.31 -5.69
CA GLU A 64 -5.36 -9.37 -6.67
C GLU A 64 -4.94 -7.97 -6.14
N LEU A 65 -5.57 -7.39 -5.09
CA LEU A 65 -4.98 -6.24 -4.34
C LEU A 65 -3.66 -6.57 -3.54
N LEU A 66 -3.52 -7.75 -2.90
CA LEU A 66 -2.22 -8.33 -2.45
C LEU A 66 -1.10 -8.36 -3.52
N GLU A 67 -1.34 -9.04 -4.65
CA GLU A 67 -0.45 -8.97 -5.83
C GLU A 67 -0.26 -7.54 -6.45
N LEU A 68 -1.30 -6.71 -6.66
CA LEU A 68 -1.12 -5.27 -7.07
C LEU A 68 -0.16 -4.41 -6.16
N ILE A 69 -0.29 -4.50 -4.82
CA ILE A 69 0.72 -3.93 -3.88
C ILE A 69 2.12 -4.66 -4.01
N ALA A 70 2.25 -6.00 -3.90
CA ALA A 70 3.55 -6.70 -4.16
C ALA A 70 4.26 -6.42 -5.53
N ARG A 71 3.52 -6.43 -6.67
CA ARG A 71 3.98 -5.89 -7.99
C ARG A 71 4.54 -4.42 -7.97
N LEU A 72 3.87 -3.46 -7.30
CA LEU A 72 4.43 -2.12 -6.99
C LEU A 72 5.75 -2.14 -6.15
N LEU A 73 5.74 -2.80 -4.98
CA LEU A 73 6.92 -2.95 -4.07
C LEU A 73 8.21 -3.60 -4.66
N GLN A 74 8.07 -4.66 -5.48
CA GLN A 74 9.16 -5.17 -6.37
C GLN A 74 9.71 -4.13 -7.40
N LYS A 75 8.86 -3.31 -8.05
CA LYS A 75 9.30 -2.14 -8.86
C LYS A 75 10.05 -1.00 -8.06
N LEU A 76 9.62 -0.63 -6.83
CA LEU A 76 10.46 0.20 -5.90
C LEU A 76 11.88 -0.38 -5.54
N GLY A 77 12.00 -1.70 -5.29
CA GLY A 77 13.24 -2.34 -4.77
C GLY A 77 13.31 -2.62 -3.25
N TYR A 78 12.19 -3.05 -2.65
CA TYR A 78 12.14 -3.44 -1.21
C TYR A 78 12.39 -4.97 -1.01
N LYS A 79 13.03 -5.34 0.11
CA LYS A 79 13.55 -6.73 0.34
C LYS A 79 12.70 -7.58 1.33
N ASP A 80 12.39 -7.08 2.55
CA ASP A 80 11.49 -7.81 3.51
C ASP A 80 10.02 -7.42 3.19
N ILE A 81 9.34 -8.23 2.34
CA ILE A 81 7.93 -7.98 1.95
C ILE A 81 7.02 -8.70 3.01
N ASN A 82 6.69 -8.01 4.13
CA ASN A 82 6.16 -8.69 5.34
C ASN A 82 4.59 -8.67 5.35
N VAL A 83 4.00 -9.71 4.72
CA VAL A 83 2.55 -9.71 4.33
C VAL A 83 1.64 -10.17 5.51
N ARG A 84 0.68 -9.33 5.93
CA ARG A 84 -0.24 -9.63 7.07
C ARG A 84 -1.70 -9.41 6.62
N VAL A 85 -2.43 -10.49 6.27
CA VAL A 85 -3.84 -10.39 5.76
C VAL A 85 -4.81 -10.51 6.98
N ASN A 86 -5.37 -9.37 7.45
CA ASN A 86 -6.36 -9.36 8.57
C ASN A 86 -7.82 -9.27 8.00
N GLY A 87 -8.38 -10.43 7.61
CA GLY A 87 -9.67 -10.50 6.88
C GLY A 87 -9.60 -10.00 5.42
N THR A 88 -10.12 -8.79 5.18
CA THR A 88 -9.88 -8.04 3.91
C THR A 88 -8.86 -6.85 4.01
N GLU A 89 -8.26 -6.53 5.19
CA GLU A 89 -7.03 -5.69 5.29
C GLU A 89 -5.79 -6.41 4.67
N VAL A 90 -5.26 -5.86 3.57
CA VAL A 90 -4.00 -6.37 2.95
C VAL A 90 -2.79 -5.55 3.52
N LYS A 91 -2.38 -5.81 4.77
CA LYS A 91 -1.40 -4.95 5.50
C LYS A 91 0.06 -5.44 5.27
N ILE A 92 0.77 -4.81 4.32
CA ILE A 92 2.15 -5.25 3.91
C ILE A 92 3.16 -4.20 4.48
N GLU A 93 3.91 -4.57 5.53
CA GLU A 93 5.05 -3.75 6.05
C GLU A 93 6.34 -4.09 5.24
N VAL A 94 6.83 -3.16 4.41
CA VAL A 94 8.09 -3.37 3.63
C VAL A 94 9.35 -2.76 4.31
N ARG A 95 10.47 -3.51 4.29
CA ARG A 95 11.75 -3.05 4.89
C ARG A 95 12.92 -3.20 3.87
N VAL A 96 13.84 -2.21 3.83
CA VAL A 96 14.90 -2.10 2.78
C VAL A 96 16.00 -3.17 3.05
N HIS A 3 -20.88 4.11 1.86
CA HIS A 3 -20.50 3.62 3.21
C HIS A 3 -19.07 3.00 3.15
N MET A 4 -18.91 1.72 2.77
CA MET A 4 -17.58 1.07 2.58
C MET A 4 -16.87 1.49 1.24
N LYS A 5 -15.52 1.50 1.24
CA LYS A 5 -14.70 1.69 0.02
C LYS A 5 -13.22 1.21 0.23
N VAL A 6 -12.35 1.37 -0.81
CA VAL A 6 -10.88 1.07 -0.72
C VAL A 6 -10.16 2.13 0.18
N ASP A 7 -9.96 1.79 1.47
CA ASP A 7 -9.12 2.60 2.40
C ASP A 7 -7.64 2.11 2.31
N ILE A 8 -6.89 2.64 1.32
CA ILE A 8 -5.43 2.35 1.15
C ILE A 8 -4.63 3.36 2.02
N THR A 9 -3.99 2.84 3.07
CA THR A 9 -3.30 3.67 4.11
C THR A 9 -1.77 3.48 3.98
N ILE A 10 -1.06 4.55 3.62
CA ILE A 10 0.40 4.50 3.32
C ILE A 10 1.14 5.14 4.54
N LYS A 11 1.64 4.28 5.45
CA LYS A 11 2.42 4.74 6.63
C LYS A 11 3.95 4.81 6.26
N ILE A 12 4.46 6.03 6.00
CA ILE A 12 5.84 6.24 5.44
C ILE A 12 6.79 6.61 6.63
N GLN A 13 7.69 5.69 7.04
CA GLN A 13 8.52 5.86 8.25
C GLN A 13 9.95 6.36 7.89
N ARG A 14 10.32 7.55 8.39
CA ARG A 14 11.73 8.07 8.28
C ARG A 14 12.41 7.95 9.68
N ASP A 15 12.91 6.74 10.01
CA ASP A 15 13.55 6.36 11.32
C ASP A 15 13.15 7.15 12.62
N GLY A 16 11.88 7.05 13.01
CA GLY A 16 11.25 7.99 13.97
C GLY A 16 9.98 8.70 13.46
N GLN A 17 10.04 9.36 12.30
CA GLN A 17 8.89 10.13 11.73
C GLN A 17 7.86 9.19 11.01
N GLU A 18 6.74 8.87 11.69
CA GLU A 18 5.63 8.05 11.12
C GLU A 18 4.62 8.95 10.33
N ILE A 19 4.67 8.93 8.99
CA ILE A 19 3.83 9.84 8.13
C ILE A 19 2.61 9.02 7.60
N GLU A 20 1.44 9.20 8.24
CA GLU A 20 0.22 8.42 7.92
C GLU A 20 -0.65 9.13 6.83
N ILE A 21 -0.81 8.49 5.66
CA ILE A 21 -1.61 9.06 4.53
C ILE A 21 -2.69 8.01 4.12
N ASP A 22 -3.99 8.27 4.37
CA ASP A 22 -5.09 7.56 3.65
C ASP A 22 -5.40 8.21 2.27
N ILE A 23 -5.82 7.39 1.29
CA ILE A 23 -6.77 7.85 0.25
C ILE A 23 -7.97 6.84 0.22
N ARG A 24 -9.07 7.21 0.91
CA ARG A 24 -10.31 6.38 0.94
C ARG A 24 -11.19 6.54 -0.34
N VAL A 25 -11.03 5.63 -1.31
CA VAL A 25 -11.39 5.86 -2.74
C VAL A 25 -12.52 4.86 -3.18
N SER A 26 -13.61 5.39 -3.78
CA SER A 26 -14.68 4.56 -4.42
C SER A 26 -14.75 4.74 -5.96
N THR A 27 -13.77 4.21 -6.71
CA THR A 27 -13.54 4.57 -8.15
C THR A 27 -12.81 3.43 -8.93
N GLY A 28 -13.10 3.26 -10.22
CA GLY A 28 -12.36 2.30 -11.09
C GLY A 28 -10.93 2.71 -11.49
N LYS A 29 -10.74 3.28 -12.70
CA LYS A 29 -9.37 3.68 -13.18
C LYS A 29 -8.73 4.98 -12.58
N GLU A 30 -9.46 5.82 -11.83
CA GLU A 30 -8.87 6.82 -10.89
C GLU A 30 -8.02 6.20 -9.72
N LEU A 31 -8.41 5.03 -9.16
CA LEU A 31 -7.53 4.21 -8.26
C LEU A 31 -6.20 3.68 -8.92
N GLU A 32 -6.24 3.15 -10.16
CA GLU A 32 -5.04 2.93 -11.01
C GLU A 32 -4.10 4.19 -11.18
N ARG A 33 -4.65 5.35 -11.59
CA ARG A 33 -3.89 6.63 -11.64
C ARG A 33 -3.38 7.20 -10.28
N ALA A 34 -4.18 7.15 -9.20
CA ALA A 34 -3.70 7.45 -7.82
C ALA A 34 -2.60 6.48 -7.26
N LEU A 35 -2.73 5.14 -7.43
CA LEU A 35 -1.59 4.19 -7.18
C LEU A 35 -0.31 4.43 -8.06
N GLN A 36 -0.44 4.72 -9.37
CA GLN A 36 0.67 5.25 -10.22
C GLN A 36 1.36 6.58 -9.71
N GLU A 37 0.59 7.59 -9.26
CA GLU A 37 1.17 8.75 -8.52
C GLU A 37 1.76 8.43 -7.10
N LEU A 38 1.14 7.56 -6.27
CA LEU A 38 1.78 6.99 -5.03
C LEU A 38 3.13 6.22 -5.27
N GLU A 39 3.24 5.37 -6.31
CA GLU A 39 4.53 4.84 -6.83
C GLU A 39 5.61 5.93 -7.14
N LYS A 40 5.27 6.92 -7.99
CA LYS A 40 6.08 8.17 -8.19
C LYS A 40 6.47 8.96 -6.89
N ALA A 41 5.52 9.26 -5.99
CA ALA A 41 5.80 9.86 -4.65
C ALA A 41 6.71 9.01 -3.70
N LEU A 42 6.45 7.70 -3.53
CA LEU A 42 7.39 6.76 -2.84
C LEU A 42 8.81 6.64 -3.49
N ALA A 43 8.93 6.48 -4.82
CA ALA A 43 10.23 6.54 -5.54
C ALA A 43 11.01 7.89 -5.46
N ARG A 44 10.33 9.05 -5.54
CA ARG A 44 10.92 10.38 -5.18
C ARG A 44 11.33 10.58 -3.68
N ALA A 45 10.53 10.08 -2.71
CA ALA A 45 10.84 10.18 -1.26
C ALA A 45 11.97 9.20 -0.74
N GLY A 46 11.85 7.87 -0.96
CA GLY A 46 12.88 6.89 -0.53
C GLY A 46 13.01 6.62 0.99
N ALA A 47 11.97 6.04 1.60
CA ALA A 47 11.93 5.80 3.07
C ALA A 47 12.30 4.35 3.48
N ARG A 48 12.88 4.21 4.70
CA ARG A 48 13.36 2.89 5.23
C ARG A 48 12.24 1.84 5.50
N ASN A 49 11.22 2.15 6.32
CA ASN A 49 10.08 1.23 6.56
C ASN A 49 8.81 1.87 5.96
N VAL A 50 8.08 1.16 5.08
CA VAL A 50 6.77 1.65 4.55
C VAL A 50 5.75 0.51 4.82
N GLN A 51 4.75 0.77 5.68
CA GLN A 51 3.78 -0.27 6.10
C GLN A 51 2.35 0.03 5.55
N ILE A 52 2.01 -0.55 4.39
CA ILE A 52 0.82 -0.18 3.57
C ILE A 52 -0.37 -1.10 3.99
N THR A 53 -1.55 -0.54 4.35
CA THR A 53 -2.72 -1.37 4.80
C THR A 53 -3.97 -0.97 3.97
N ILE A 54 -4.52 -1.93 3.20
CA ILE A 54 -5.75 -1.74 2.39
C ILE A 54 -6.92 -2.58 2.99
N SER A 55 -7.97 -1.92 3.53
CA SER A 55 -9.26 -2.58 3.86
C SER A 55 -10.12 -2.85 2.58
N ALA A 56 -10.03 -4.06 2.01
CA ALA A 56 -10.69 -4.41 0.73
C ALA A 56 -12.17 -4.89 0.89
N GLU A 57 -12.97 -4.64 -0.16
CA GLU A 57 -14.41 -5.01 -0.19
C GLU A 57 -14.70 -6.55 -0.31
N ASN A 58 -13.97 -7.27 -1.17
CA ASN A 58 -14.15 -8.74 -1.40
C ASN A 58 -12.80 -9.51 -1.25
N ASP A 59 -12.88 -10.81 -0.93
CA ASP A 59 -11.71 -11.74 -0.89
C ASP A 59 -10.86 -11.90 -2.21
N GLU A 60 -11.49 -12.02 -3.38
CA GLU A 60 -10.78 -11.92 -4.70
C GLU A 60 -10.10 -10.54 -4.99
N GLN A 61 -10.72 -9.40 -4.64
CA GLN A 61 -10.04 -8.07 -4.60
C GLN A 61 -8.83 -7.97 -3.59
N ALA A 62 -8.95 -8.50 -2.35
CA ALA A 62 -7.79 -8.75 -1.46
C ALA A 62 -6.61 -9.61 -2.05
N LYS A 63 -6.89 -10.73 -2.73
CA LYS A 63 -5.89 -11.44 -3.60
C LYS A 63 -5.21 -10.54 -4.70
N GLU A 64 -5.99 -9.86 -5.57
CA GLU A 64 -5.44 -8.87 -6.55
C GLU A 64 -4.59 -7.71 -5.94
N LEU A 65 -5.09 -7.02 -4.90
CA LEU A 65 -4.33 -6.00 -4.13
C LEU A 65 -3.04 -6.50 -3.39
N LEU A 66 -3.04 -7.71 -2.79
CA LEU A 66 -1.80 -8.40 -2.34
C LEU A 66 -0.70 -8.57 -3.44
N GLU A 67 -1.03 -9.18 -4.59
CA GLU A 67 -0.14 -9.23 -5.79
C GLU A 67 0.25 -7.84 -6.41
N LEU A 68 -0.69 -6.89 -6.57
CA LEU A 68 -0.41 -5.51 -7.06
C LEU A 68 0.47 -4.61 -6.13
N ILE A 69 0.20 -4.53 -4.81
CA ILE A 69 1.13 -3.87 -3.82
C ILE A 69 2.53 -4.60 -3.75
N ALA A 70 2.61 -5.95 -3.69
CA ALA A 70 3.89 -6.70 -3.84
C ALA A 70 4.71 -6.41 -5.16
N ARG A 71 4.07 -6.40 -6.34
CA ARG A 71 4.66 -5.87 -7.60
C ARG A 71 5.19 -4.38 -7.56
N LEU A 72 4.44 -3.43 -6.95
CA LEU A 72 4.96 -2.07 -6.59
C LEU A 72 6.23 -2.06 -5.67
N LEU A 73 6.21 -2.76 -4.53
CA LEU A 73 7.36 -2.86 -3.59
C LEU A 73 8.61 -3.65 -4.12
N GLN A 74 8.41 -4.71 -4.93
CA GLN A 74 9.44 -5.27 -5.84
C GLN A 74 10.04 -4.27 -6.90
N LYS A 75 9.21 -3.51 -7.64
CA LYS A 75 9.67 -2.37 -8.50
C LYS A 75 10.47 -1.24 -7.74
N LEU A 76 10.00 -0.76 -6.57
CA LEU A 76 10.82 0.07 -5.64
C LEU A 76 12.18 -0.56 -5.16
N GLY A 77 12.19 -1.85 -4.78
CA GLY A 77 13.41 -2.56 -4.27
C GLY A 77 13.47 -2.85 -2.75
N TYR A 78 12.34 -3.23 -2.12
CA TYR A 78 12.28 -3.54 -0.67
C TYR A 78 12.51 -5.08 -0.44
N LYS A 79 13.54 -5.42 0.35
CA LYS A 79 13.98 -6.83 0.54
C LYS A 79 13.17 -7.66 1.60
N ASP A 80 12.96 -7.13 2.82
CA ASP A 80 12.20 -7.86 3.88
C ASP A 80 10.69 -7.51 3.77
N ILE A 81 9.87 -8.48 3.30
CA ILE A 81 8.45 -8.22 2.92
C ILE A 81 7.53 -9.04 3.88
N ASN A 82 7.03 -8.42 4.96
CA ASN A 82 6.17 -9.11 5.96
C ASN A 82 4.65 -8.95 5.58
N VAL A 83 4.02 -10.05 5.14
CA VAL A 83 2.57 -10.06 4.76
C VAL A 83 1.72 -10.35 6.06
N ARG A 84 0.92 -9.35 6.49
CA ARG A 84 0.14 -9.42 7.76
C ARG A 84 -1.39 -9.19 7.49
N VAL A 85 -2.11 -10.20 6.95
CA VAL A 85 -3.49 -10.03 6.43
C VAL A 85 -4.55 -10.38 7.52
N ASN A 86 -5.51 -9.47 7.81
CA ASN A 86 -6.69 -9.77 8.66
C ASN A 86 -7.98 -9.88 7.77
N GLY A 87 -8.23 -11.07 7.19
CA GLY A 87 -9.41 -11.31 6.30
C GLY A 87 -9.32 -10.63 4.92
N THR A 88 -10.04 -9.50 4.76
CA THR A 88 -9.83 -8.58 3.60
C THR A 88 -8.91 -7.34 3.89
N GLU A 89 -8.47 -7.08 5.15
CA GLU A 89 -7.46 -6.04 5.48
C GLU A 89 -6.04 -6.53 5.11
N VAL A 90 -5.55 -6.15 3.91
CA VAL A 90 -4.25 -6.64 3.37
C VAL A 90 -3.15 -5.63 3.79
N LYS A 91 -2.34 -6.01 4.80
CA LYS A 91 -1.13 -5.25 5.17
C LYS A 91 0.15 -5.90 4.56
N ILE A 92 0.91 -5.14 3.75
CA ILE A 92 2.31 -5.52 3.40
C ILE A 92 3.27 -4.52 4.16
N GLU A 93 3.98 -5.08 5.14
CA GLU A 93 4.88 -4.35 6.06
C GLU A 93 6.36 -4.55 5.61
N VAL A 94 6.91 -3.60 4.83
CA VAL A 94 8.32 -3.69 4.32
C VAL A 94 9.32 -2.90 5.19
N ARG A 95 10.53 -3.46 5.38
CA ARG A 95 11.67 -2.74 6.03
C ARG A 95 13.00 -2.86 5.21
N VAL A 96 13.81 -1.78 5.19
CA VAL A 96 15.18 -1.80 4.60
C VAL A 96 16.21 -2.02 5.74
N HIS A 3 -22.17 1.37 1.48
CA HIS A 3 -21.82 2.23 2.64
C HIS A 3 -20.33 2.71 2.58
N MET A 4 -19.35 1.79 2.70
CA MET A 4 -17.90 2.13 2.62
C MET A 4 -17.28 1.76 1.23
N LYS A 5 -16.15 2.40 0.88
CA LYS A 5 -15.38 2.08 -0.36
C LYS A 5 -13.89 1.72 -0.01
N VAL A 6 -12.99 1.68 -1.02
CA VAL A 6 -11.63 1.10 -0.87
C VAL A 6 -10.68 2.06 -0.08
N ASP A 7 -10.22 1.64 1.11
CA ASP A 7 -9.25 2.41 1.94
C ASP A 7 -7.78 1.97 1.62
N ILE A 8 -6.97 2.87 1.04
CA ILE A 8 -5.49 2.72 0.98
C ILE A 8 -4.90 3.55 2.16
N THR A 9 -4.46 2.93 3.28
CA THR A 9 -3.87 3.66 4.44
C THR A 9 -2.32 3.41 4.47
N ILE A 10 -1.54 4.44 4.08
CA ILE A 10 -0.07 4.33 3.84
C ILE A 10 0.66 5.08 5.00
N LYS A 11 1.32 4.37 5.92
CA LYS A 11 2.22 4.99 6.94
C LYS A 11 3.69 5.00 6.40
N ILE A 12 4.18 6.17 5.96
CA ILE A 12 5.57 6.32 5.43
C ILE A 12 6.52 6.67 6.63
N GLN A 13 7.14 5.66 7.24
CA GLN A 13 8.11 5.84 8.36
C GLN A 13 9.57 5.86 7.81
N ARG A 14 10.04 7.05 7.39
CA ARG A 14 11.40 7.22 6.78
C ARG A 14 12.62 7.14 7.76
N ASP A 15 12.49 7.86 8.86
CA ASP A 15 13.24 7.60 10.11
C ASP A 15 12.20 7.59 11.29
N GLY A 16 12.43 8.27 12.42
CA GLY A 16 11.42 8.42 13.51
C GLY A 16 10.22 9.39 13.27
N GLN A 17 9.65 9.35 12.06
CA GLN A 17 8.53 10.25 11.63
C GLN A 17 7.65 9.41 10.66
N GLU A 18 6.50 8.92 11.14
CA GLU A 18 5.52 8.21 10.27
C GLU A 18 4.42 9.16 9.72
N ILE A 19 4.32 9.27 8.38
CA ILE A 19 3.31 10.12 7.70
C ILE A 19 2.17 9.17 7.21
N GLU A 20 1.00 9.22 7.85
CA GLU A 20 -0.22 8.48 7.41
C GLU A 20 -1.02 9.23 6.29
N ILE A 21 -1.18 8.55 5.15
CA ILE A 21 -1.99 9.05 3.99
C ILE A 21 -3.16 8.03 3.81
N ASP A 22 -4.40 8.38 4.19
CA ASP A 22 -5.56 7.45 4.15
C ASP A 22 -6.56 7.79 2.98
N ILE A 23 -6.35 7.13 1.83
CA ILE A 23 -7.05 7.44 0.54
C ILE A 23 -8.32 6.52 0.43
N ARG A 24 -9.52 7.10 0.57
CA ARG A 24 -10.79 6.33 0.52
C ARG A 24 -11.54 6.57 -0.82
N VAL A 25 -11.90 5.48 -1.53
CA VAL A 25 -12.29 5.49 -2.98
C VAL A 25 -10.98 5.31 -3.83
N SER A 26 -10.75 4.07 -4.30
CA SER A 26 -9.64 3.74 -5.22
C SER A 26 -10.03 2.44 -5.97
N THR A 27 -10.73 2.58 -7.11
CA THR A 27 -11.44 1.45 -7.80
C THR A 27 -10.74 0.99 -9.12
N GLY A 28 -10.65 1.83 -10.18
CA GLY A 28 -10.00 1.45 -11.46
C GLY A 28 -9.03 2.53 -11.97
N LYS A 29 -9.54 3.51 -12.74
CA LYS A 29 -8.77 4.76 -13.06
C LYS A 29 -8.33 5.60 -11.81
N GLU A 30 -9.22 5.80 -10.82
CA GLU A 30 -8.87 6.34 -9.47
C GLU A 30 -7.90 5.46 -8.61
N LEU A 31 -7.92 4.11 -8.72
CA LEU A 31 -6.80 3.24 -8.26
C LEU A 31 -5.42 3.53 -8.95
N GLU A 32 -5.35 3.69 -10.28
CA GLU A 32 -4.15 4.24 -10.98
C GLU A 32 -3.69 5.66 -10.50
N ARG A 33 -4.60 6.66 -10.33
CA ARG A 33 -4.26 7.95 -9.65
C ARG A 33 -3.61 7.81 -8.23
N ALA A 34 -4.25 7.07 -7.30
CA ALA A 34 -3.66 6.73 -5.98
C ALA A 34 -2.32 5.93 -6.04
N LEU A 35 -2.30 4.75 -6.69
CA LEU A 35 -1.06 3.93 -6.87
C LEU A 35 0.13 4.62 -7.60
N GLN A 36 -0.08 5.37 -8.70
CA GLN A 36 1.01 6.13 -9.38
C GLN A 36 1.51 7.41 -8.62
N GLU A 37 0.63 8.25 -8.02
CA GLU A 37 1.07 9.34 -7.10
C GLU A 37 1.88 8.85 -5.84
N LEU A 38 1.43 7.77 -5.17
CA LEU A 38 2.24 7.05 -4.14
C LEU A 38 3.61 6.49 -4.62
N GLU A 39 3.69 5.73 -5.73
CA GLU A 39 5.00 5.29 -6.31
C GLU A 39 5.97 6.43 -6.78
N LYS A 40 5.45 7.46 -7.46
CA LYS A 40 6.17 8.73 -7.75
C LYS A 40 6.71 9.50 -6.49
N ALA A 41 5.87 9.75 -5.46
CA ALA A 41 6.31 10.27 -4.14
C ALA A 41 7.30 9.35 -3.33
N LEU A 42 7.06 8.03 -3.23
CA LEU A 42 7.99 7.06 -2.58
C LEU A 42 9.38 6.91 -3.31
N ALA A 43 9.41 6.67 -4.65
CA ALA A 43 10.66 6.74 -5.46
C ALA A 43 11.44 8.09 -5.40
N ARG A 44 10.78 9.26 -5.54
CA ARG A 44 11.41 10.58 -5.28
C ARG A 44 11.49 11.00 -3.77
N ALA A 45 12.00 10.08 -2.92
CA ALA A 45 12.11 10.25 -1.44
C ALA A 45 13.08 9.21 -0.80
N GLY A 46 12.81 7.89 -0.93
CA GLY A 46 13.66 6.83 -0.32
C GLY A 46 13.33 6.51 1.16
N ALA A 47 12.19 5.85 1.40
CA ALA A 47 11.69 5.57 2.77
C ALA A 47 12.18 4.21 3.35
N ARG A 48 12.74 4.23 4.58
CA ARG A 48 13.31 3.00 5.23
C ARG A 48 12.29 1.87 5.62
N ASN A 49 11.16 2.20 6.29
CA ASN A 49 10.07 1.21 6.52
C ASN A 49 8.66 1.82 6.16
N VAL A 50 7.86 1.07 5.39
CA VAL A 50 6.57 1.60 4.82
C VAL A 50 5.42 0.59 5.15
N GLN A 51 4.47 0.99 6.03
CA GLN A 51 3.36 0.12 6.46
C GLN A 51 2.03 0.51 5.73
N ILE A 52 1.59 -0.33 4.78
CA ILE A 52 0.34 -0.09 3.98
C ILE A 52 -0.78 -1.05 4.53
N THR A 53 -1.81 -0.51 5.20
CA THR A 53 -3.09 -1.27 5.40
C THR A 53 -4.04 -0.95 4.21
N ILE A 54 -4.24 -1.92 3.29
CA ILE A 54 -5.27 -1.79 2.22
C ILE A 54 -6.52 -2.64 2.63
N SER A 55 -7.63 -1.96 3.00
CA SER A 55 -8.89 -2.66 3.38
C SER A 55 -9.79 -2.92 2.12
N ALA A 56 -9.87 -4.19 1.71
CA ALA A 56 -10.73 -4.61 0.58
C ALA A 56 -12.21 -4.91 1.00
N GLU A 57 -13.15 -4.75 0.05
CA GLU A 57 -14.58 -5.13 0.25
C GLU A 57 -14.87 -6.69 0.23
N ASN A 58 -14.15 -7.47 -0.60
CA ASN A 58 -14.21 -8.96 -0.57
C ASN A 58 -12.80 -9.65 -0.68
N ASP A 59 -12.81 -10.99 -0.50
CA ASP A 59 -11.58 -11.84 -0.58
C ASP A 59 -10.90 -11.95 -2.00
N GLU A 60 -11.67 -12.03 -3.11
CA GLU A 60 -11.12 -11.93 -4.49
C GLU A 60 -10.50 -10.54 -4.87
N GLN A 61 -11.11 -9.39 -4.46
CA GLN A 61 -10.41 -8.09 -4.35
C GLN A 61 -9.09 -8.12 -3.50
N ALA A 62 -9.10 -8.70 -2.28
CA ALA A 62 -7.87 -8.91 -1.46
C ALA A 62 -6.70 -9.74 -2.10
N LYS A 63 -6.94 -10.69 -3.02
CA LYS A 63 -5.86 -11.28 -3.87
C LYS A 63 -5.13 -10.24 -4.78
N GLU A 64 -5.83 -9.57 -5.73
CA GLU A 64 -5.22 -8.48 -6.54
C GLU A 64 -4.68 -7.24 -5.74
N LEU A 65 -5.33 -6.80 -4.66
CA LEU A 65 -4.78 -5.75 -3.74
C LEU A 65 -3.52 -6.19 -2.90
N LEU A 66 -3.41 -7.46 -2.45
CA LEU A 66 -2.12 -8.10 -2.07
C LEU A 66 -1.04 -8.13 -3.21
N GLU A 67 -1.38 -8.67 -4.40
CA GLU A 67 -0.46 -8.67 -5.57
C GLU A 67 -0.05 -7.25 -6.05
N LEU A 68 -0.97 -6.33 -6.43
CA LEU A 68 -0.65 -4.91 -6.78
C LEU A 68 0.36 -4.14 -5.86
N ILE A 69 0.35 -4.34 -4.53
CA ILE A 69 1.44 -3.88 -3.62
C ILE A 69 2.75 -4.71 -3.81
N ALA A 70 2.79 -6.04 -3.58
CA ALA A 70 4.02 -6.88 -3.86
C ALA A 70 4.64 -6.81 -5.31
N ARG A 71 3.81 -6.85 -6.36
CA ARG A 71 4.12 -6.43 -7.76
C ARG A 71 4.73 -5.00 -7.93
N LEU A 72 4.24 -3.97 -7.21
CA LEU A 72 4.93 -2.66 -7.05
C LEU A 72 6.28 -2.71 -6.25
N LEU A 73 6.32 -3.31 -5.05
CA LEU A 73 7.55 -3.45 -4.21
C LEU A 73 8.76 -4.20 -4.86
N GLN A 74 8.50 -5.28 -5.64
CA GLN A 74 9.49 -5.87 -6.58
C GLN A 74 9.99 -4.92 -7.73
N LYS A 75 9.10 -4.12 -8.36
CA LYS A 75 9.50 -3.03 -9.30
C LYS A 75 10.34 -1.85 -8.66
N LEU A 76 9.93 -1.32 -7.48
CA LEU A 76 10.74 -0.34 -6.69
C LEU A 76 12.13 -0.86 -6.19
N GLY A 77 12.19 -2.07 -5.61
CA GLY A 77 13.45 -2.65 -5.04
C GLY A 77 13.47 -2.80 -3.51
N TYR A 78 12.44 -3.43 -2.93
CA TYR A 78 12.35 -3.68 -1.47
C TYR A 78 12.23 -5.21 -1.24
N LYS A 79 13.29 -5.85 -0.71
CA LYS A 79 13.30 -7.31 -0.42
C LYS A 79 12.34 -7.82 0.71
N ASP A 80 12.22 -7.08 1.83
CA ASP A 80 11.61 -7.59 3.08
C ASP A 80 10.11 -7.16 3.12
N ILE A 81 9.22 -8.08 2.74
CA ILE A 81 7.77 -7.78 2.53
C ILE A 81 6.98 -8.60 3.61
N ASN A 82 6.65 -7.96 4.74
CA ASN A 82 6.01 -8.62 5.91
C ASN A 82 4.45 -8.54 5.80
N VAL A 83 3.81 -9.68 5.51
CA VAL A 83 2.37 -9.73 5.09
C VAL A 83 1.48 -10.25 6.28
N ARG A 84 0.51 -9.44 6.72
CA ARG A 84 -0.64 -9.93 7.53
C ARG A 84 -1.98 -9.66 6.74
N VAL A 85 -2.63 -10.74 6.27
CA VAL A 85 -4.04 -10.65 5.75
C VAL A 85 -5.01 -10.90 6.95
N ASN A 86 -5.59 -9.82 7.52
CA ASN A 86 -6.54 -9.91 8.66
C ASN A 86 -8.02 -9.88 8.13
N GLY A 87 -8.52 -11.02 7.61
CA GLY A 87 -9.80 -11.07 6.84
C GLY A 87 -9.69 -10.46 5.43
N THR A 88 -10.32 -9.30 5.23
CA THR A 88 -10.08 -8.45 4.01
C THR A 88 -9.07 -7.25 4.22
N GLU A 89 -8.58 -6.98 5.45
CA GLU A 89 -7.45 -6.05 5.70
C GLU A 89 -6.09 -6.68 5.24
N VAL A 90 -5.57 -6.22 4.11
CA VAL A 90 -4.26 -6.69 3.58
C VAL A 90 -3.18 -5.69 4.10
N LYS A 91 -2.44 -6.08 5.14
CA LYS A 91 -1.45 -5.19 5.82
C LYS A 91 0.00 -5.59 5.42
N ILE A 92 0.66 -4.71 4.65
CA ILE A 92 1.98 -4.98 4.02
C ILE A 92 3.02 -4.05 4.72
N GLU A 93 3.89 -4.63 5.56
CA GLU A 93 4.98 -3.88 6.23
C GLU A 93 6.34 -4.09 5.47
N VAL A 94 6.88 -2.99 4.93
CA VAL A 94 8.14 -2.99 4.14
C VAL A 94 9.37 -2.72 5.05
N ARG A 95 10.50 -3.40 4.77
CA ARG A 95 11.84 -2.97 5.25
C ARG A 95 12.89 -2.98 4.08
N VAL A 96 13.98 -2.20 4.21
CA VAL A 96 15.16 -2.30 3.30
C VAL A 96 16.05 -3.47 3.81
N HIS A 3 -19.15 4.20 1.94
CA HIS A 3 -18.32 3.00 2.20
C HIS A 3 -16.83 3.24 1.80
N MET A 4 -15.88 2.88 2.70
CA MET A 4 -14.44 2.77 2.34
C MET A 4 -14.18 1.42 1.58
N LYS A 5 -14.35 1.44 0.25
CA LYS A 5 -14.22 0.23 -0.61
C LYS A 5 -12.74 -0.17 -0.92
N VAL A 6 -11.93 0.77 -1.42
CA VAL A 6 -10.45 0.63 -1.50
C VAL A 6 -9.86 1.83 -0.69
N ASP A 7 -9.64 1.66 0.64
CA ASP A 7 -8.73 2.56 1.41
C ASP A 7 -7.30 1.96 1.37
N ILE A 8 -6.44 2.53 0.52
CA ILE A 8 -4.99 2.18 0.47
C ILE A 8 -4.24 3.21 1.38
N THR A 9 -3.78 2.75 2.55
CA THR A 9 -3.51 3.63 3.72
C THR A 9 -1.96 3.58 4.01
N ILE A 10 -1.23 4.64 3.66
CA ILE A 10 0.25 4.58 3.45
C ILE A 10 0.98 5.16 4.70
N LYS A 11 1.66 4.30 5.47
CA LYS A 11 2.51 4.75 6.62
C LYS A 11 3.99 4.88 6.16
N ILE A 12 4.44 6.13 5.91
CA ILE A 12 5.79 6.41 5.34
C ILE A 12 6.80 6.65 6.52
N GLN A 13 7.60 5.63 6.86
CA GLN A 13 8.54 5.71 8.01
C GLN A 13 9.98 6.02 7.52
N ARG A 14 10.49 7.21 7.90
CA ARG A 14 11.92 7.58 7.67
C ARG A 14 12.84 7.09 8.84
N ASP A 15 12.81 5.77 9.13
CA ASP A 15 13.36 5.14 10.37
C ASP A 15 12.73 5.74 11.69
N GLY A 16 11.56 5.23 12.09
CA GLY A 16 10.73 5.87 13.17
C GLY A 16 9.78 7.02 12.75
N GLN A 17 10.31 8.05 12.07
CA GLN A 17 9.54 9.28 11.71
C GLN A 17 8.36 9.03 10.71
N GLU A 18 7.12 9.17 11.20
CA GLU A 18 5.91 8.57 10.56
C GLU A 18 4.96 9.63 9.90
N ILE A 19 4.41 9.30 8.72
CA ILE A 19 3.20 10.00 8.16
C ILE A 19 2.22 8.88 7.68
N GLU A 20 1.01 8.81 8.28
CA GLU A 20 -0.13 8.04 7.71
C GLU A 20 -0.93 8.88 6.66
N ILE A 21 -1.15 8.30 5.46
CA ILE A 21 -1.93 8.96 4.36
C ILE A 21 -3.13 8.04 3.97
N ASP A 22 -4.38 8.50 4.13
CA ASP A 22 -5.60 7.72 3.78
C ASP A 22 -6.11 7.99 2.31
N ILE A 23 -5.86 7.05 1.37
CA ILE A 23 -6.32 7.19 -0.05
C ILE A 23 -7.57 6.25 -0.24
N ARG A 24 -8.77 6.81 -0.02
CA ARG A 24 -10.07 6.07 -0.06
C ARG A 24 -10.87 6.33 -1.38
N VAL A 25 -10.98 5.28 -2.21
CA VAL A 25 -11.36 5.39 -3.66
C VAL A 25 -12.51 4.37 -3.99
N SER A 26 -13.49 4.80 -4.83
CA SER A 26 -14.49 3.89 -5.46
C SER A 26 -14.66 4.26 -6.98
N THR A 27 -14.10 3.43 -7.88
CA THR A 27 -13.95 3.79 -9.33
C THR A 27 -13.90 2.53 -10.27
N GLY A 28 -13.65 2.75 -11.58
CA GLY A 28 -13.13 1.70 -12.48
C GLY A 28 -11.58 1.56 -12.40
N LYS A 29 -10.84 2.23 -13.28
CA LYS A 29 -9.34 2.24 -13.22
C LYS A 29 -8.67 3.24 -12.22
N GLU A 30 -9.24 4.44 -11.95
CA GLU A 30 -8.48 5.63 -11.45
C GLU A 30 -7.66 5.56 -10.09
N LEU A 31 -7.80 4.49 -9.30
CA LEU A 31 -6.71 4.01 -8.39
C LEU A 31 -5.30 3.91 -9.06
N GLU A 32 -5.17 3.24 -10.21
CA GLU A 32 -4.00 3.31 -11.14
C GLU A 32 -3.21 4.67 -11.19
N ARG A 33 -3.90 5.77 -11.50
CA ARG A 33 -3.28 7.13 -11.58
C ARG A 33 -2.91 7.78 -10.19
N ALA A 34 -3.75 7.64 -9.14
CA ALA A 34 -3.32 7.92 -7.74
C ALA A 34 -2.17 7.02 -7.16
N LEU A 35 -2.21 5.69 -7.39
CA LEU A 35 -1.11 4.74 -7.10
C LEU A 35 0.26 5.01 -7.86
N GLN A 36 0.23 5.45 -9.13
CA GLN A 36 1.40 6.07 -9.84
C GLN A 36 1.95 7.42 -9.26
N GLU A 37 1.12 8.30 -8.67
CA GLU A 37 1.62 9.37 -7.74
C GLU A 37 2.20 8.84 -6.37
N LEU A 38 1.63 7.79 -5.75
CA LEU A 38 2.24 7.09 -4.58
C LEU A 38 3.65 6.44 -4.84
N GLU A 39 3.90 5.74 -5.97
CA GLU A 39 5.27 5.29 -6.36
C GLU A 39 6.34 6.45 -6.50
N LYS A 40 5.98 7.51 -7.23
CA LYS A 40 6.68 8.83 -7.22
C LYS A 40 6.91 9.44 -5.79
N ALA A 41 5.88 9.63 -4.96
CA ALA A 41 6.04 10.08 -3.55
C ALA A 41 6.88 9.18 -2.59
N LEU A 42 6.79 7.84 -2.66
CA LEU A 42 7.70 6.90 -1.93
C LEU A 42 9.21 6.99 -2.33
N ALA A 43 9.55 6.99 -3.64
CA ALA A 43 10.92 7.32 -4.12
C ALA A 43 11.42 8.78 -3.86
N ARG A 44 10.61 9.81 -4.17
CA ARG A 44 10.94 11.24 -3.88
C ARG A 44 10.67 11.65 -2.39
N ALA A 45 11.35 10.97 -1.45
CA ALA A 45 11.14 11.10 0.02
C ALA A 45 12.27 10.43 0.86
N GLY A 46 12.58 9.14 0.64
CA GLY A 46 13.62 8.41 1.43
C GLY A 46 13.10 7.61 2.66
N ALA A 47 12.16 6.68 2.45
CA ALA A 47 11.63 5.83 3.53
C ALA A 47 12.46 4.53 3.75
N ARG A 48 12.68 4.19 5.03
CA ARG A 48 13.37 2.93 5.43
C ARG A 48 12.35 1.75 5.60
N ASN A 49 11.26 1.94 6.38
CA ASN A 49 10.05 1.06 6.33
C ASN A 49 8.87 1.78 5.60
N VAL A 50 8.04 1.02 4.87
CA VAL A 50 6.74 1.54 4.34
C VAL A 50 5.66 0.52 4.81
N GLN A 51 4.86 0.88 5.83
CA GLN A 51 3.84 -0.05 6.41
C GLN A 51 2.44 0.20 5.79
N ILE A 52 2.25 -0.25 4.55
CA ILE A 52 1.10 0.12 3.67
C ILE A 52 -0.11 -0.84 3.91
N THR A 53 -1.33 -0.32 4.06
CA THR A 53 -2.51 -1.16 4.47
C THR A 53 -3.70 -0.94 3.51
N ILE A 54 -4.20 -2.01 2.87
CA ILE A 54 -5.41 -1.94 2.01
C ILE A 54 -6.65 -2.52 2.78
N SER A 55 -7.62 -1.66 3.12
CA SER A 55 -8.94 -2.13 3.65
C SER A 55 -9.83 -2.70 2.49
N ALA A 56 -9.89 -4.03 2.39
CA ALA A 56 -10.55 -4.74 1.25
C ALA A 56 -11.96 -5.29 1.60
N GLU A 57 -12.84 -5.29 0.58
CA GLU A 57 -14.25 -5.77 0.73
C GLU A 57 -14.46 -7.31 0.87
N ASN A 58 -13.75 -8.13 0.06
CA ASN A 58 -13.93 -9.62 0.01
C ASN A 58 -12.56 -10.38 -0.07
N ASP A 59 -12.58 -11.71 0.09
CA ASP A 59 -11.38 -12.59 -0.07
C ASP A 59 -10.63 -12.55 -1.46
N GLU A 60 -11.32 -12.77 -2.59
CA GLU A 60 -10.72 -12.58 -3.95
C GLU A 60 -10.29 -11.11 -4.31
N GLN A 61 -11.06 -10.08 -3.87
CA GLN A 61 -10.56 -8.66 -3.78
C GLN A 61 -9.24 -8.49 -2.95
N ALA A 62 -9.19 -8.94 -1.69
CA ALA A 62 -7.96 -8.97 -0.86
C ALA A 62 -6.70 -9.69 -1.44
N LYS A 63 -6.84 -10.78 -2.23
CA LYS A 63 -5.73 -11.33 -3.05
C LYS A 63 -5.15 -10.30 -4.08
N GLU A 64 -5.92 -9.85 -5.10
CA GLU A 64 -5.41 -8.83 -6.05
C GLU A 64 -5.04 -7.43 -5.46
N LEU A 65 -5.71 -6.92 -4.42
CA LEU A 65 -5.27 -5.72 -3.66
C LEU A 65 -3.93 -5.90 -2.85
N LEU A 66 -3.69 -7.04 -2.17
CA LEU A 66 -2.32 -7.51 -1.81
C LEU A 66 -1.29 -7.58 -2.99
N GLU A 67 -1.60 -8.36 -4.04
CA GLU A 67 -0.65 -8.63 -5.16
C GLU A 67 -0.36 -7.40 -6.08
N LEU A 68 -1.33 -6.52 -6.38
CA LEU A 68 -1.09 -5.12 -6.86
C LEU A 68 -0.10 -4.26 -5.99
N ILE A 69 -0.21 -4.25 -4.65
CA ILE A 69 0.84 -3.69 -3.75
C ILE A 69 2.23 -4.42 -3.88
N ALA A 70 2.31 -5.76 -3.88
CA ALA A 70 3.57 -6.50 -4.18
C ALA A 70 4.21 -6.19 -5.56
N ARG A 71 3.46 -6.21 -6.69
CA ARG A 71 3.88 -5.58 -7.97
C ARG A 71 4.41 -4.09 -7.87
N LEU A 72 3.72 -3.19 -7.14
CA LEU A 72 4.23 -1.82 -6.82
C LEU A 72 5.57 -1.79 -6.02
N LEU A 73 5.64 -2.39 -4.82
CA LEU A 73 6.88 -2.38 -3.96
C LEU A 73 8.09 -3.23 -4.46
N GLN A 74 7.88 -4.32 -5.23
CA GLN A 74 8.93 -4.93 -6.10
C GLN A 74 9.45 -4.00 -7.27
N LYS A 75 8.56 -3.26 -7.96
CA LYS A 75 8.96 -2.14 -8.88
C LYS A 75 9.77 -0.98 -8.23
N LEU A 76 9.44 -0.51 -7.00
CA LEU A 76 10.36 0.35 -6.19
C LEU A 76 11.70 -0.31 -5.74
N GLY A 77 11.70 -1.57 -5.30
CA GLY A 77 12.91 -2.27 -4.76
C GLY A 77 12.96 -2.48 -3.23
N TYR A 78 11.87 -2.99 -2.63
CA TYR A 78 11.77 -3.25 -1.16
C TYR A 78 11.84 -4.78 -0.92
N LYS A 79 12.98 -5.27 -0.42
CA LYS A 79 13.27 -6.74 -0.34
C LYS A 79 12.53 -7.57 0.76
N ASP A 80 12.43 -7.08 2.00
CA ASP A 80 11.79 -7.84 3.12
C ASP A 80 10.30 -7.40 3.26
N ILE A 81 9.37 -8.36 3.07
CA ILE A 81 7.92 -8.09 2.88
C ILE A 81 7.13 -9.02 3.88
N ASN A 82 6.61 -8.46 4.98
CA ASN A 82 5.70 -9.20 5.91
C ASN A 82 4.20 -8.98 5.52
N VAL A 83 3.40 -10.06 5.42
CA VAL A 83 1.97 -9.98 4.96
C VAL A 83 1.02 -10.34 6.14
N ARG A 84 0.27 -9.37 6.68
CA ARG A 84 -0.80 -9.62 7.69
C ARG A 84 -2.22 -9.40 7.06
N VAL A 85 -2.99 -10.49 6.88
CA VAL A 85 -4.42 -10.42 6.46
C VAL A 85 -5.32 -10.35 7.74
N ASN A 86 -5.97 -9.21 8.00
CA ASN A 86 -6.93 -9.04 9.13
C ASN A 86 -8.40 -9.37 8.66
N GLY A 87 -8.69 -10.67 8.47
CA GLY A 87 -9.95 -11.11 7.77
C GLY A 87 -9.93 -10.88 6.24
N THR A 88 -10.28 -9.66 5.85
CA THR A 88 -10.05 -9.14 4.45
C THR A 88 -8.94 -8.03 4.36
N GLU A 89 -8.82 -7.12 5.36
CA GLU A 89 -7.92 -5.94 5.30
C GLU A 89 -6.41 -6.34 5.40
N VAL A 90 -5.62 -6.06 4.35
CA VAL A 90 -4.23 -6.60 4.24
C VAL A 90 -3.22 -5.47 4.60
N LYS A 91 -2.45 -5.66 5.68
CA LYS A 91 -1.29 -4.80 6.03
C LYS A 91 0.02 -5.43 5.45
N ILE A 92 0.62 -4.78 4.44
CA ILE A 92 1.89 -5.23 3.79
C ILE A 92 3.04 -4.39 4.43
N GLU A 93 3.89 -5.06 5.22
CA GLU A 93 4.94 -4.43 6.04
C GLU A 93 6.32 -4.55 5.34
N VAL A 94 6.71 -3.53 4.56
CA VAL A 94 7.90 -3.63 3.65
C VAL A 94 9.10 -2.79 4.18
N ARG A 95 10.33 -3.26 3.96
CA ARG A 95 11.57 -2.52 4.33
C ARG A 95 12.76 -2.83 3.35
N VAL A 96 13.69 -1.86 3.24
CA VAL A 96 14.81 -1.91 2.25
C VAL A 96 15.95 -2.76 2.84
N HIS A 3 -20.12 -1.84 -5.52
CA HIS A 3 -18.79 -1.50 -4.96
C HIS A 3 -18.91 -0.37 -3.88
N MET A 4 -18.71 -0.72 -2.60
CA MET A 4 -18.82 0.24 -1.47
C MET A 4 -17.61 0.06 -0.50
N LYS A 5 -16.67 1.03 -0.48
CA LYS A 5 -15.48 1.05 0.45
C LYS A 5 -14.22 0.34 -0.15
N VAL A 6 -13.32 1.11 -0.79
CA VAL A 6 -11.86 0.81 -0.81
C VAL A 6 -11.21 1.74 0.27
N ASP A 7 -10.92 1.12 1.43
CA ASP A 7 -10.28 1.77 2.61
C ASP A 7 -8.75 1.49 2.55
N ILE A 8 -7.94 2.53 2.28
CA ILE A 8 -6.47 2.36 2.09
C ILE A 8 -5.68 3.37 3.00
N THR A 9 -4.76 2.83 3.82
CA THR A 9 -4.03 3.62 4.84
C THR A 9 -2.51 3.38 4.61
N ILE A 10 -1.79 4.38 4.07
CA ILE A 10 -0.41 4.20 3.53
C ILE A 10 0.59 5.01 4.44
N LYS A 11 1.19 4.35 5.46
CA LYS A 11 2.14 5.01 6.40
C LYS A 11 3.62 4.85 5.91
N ILE A 12 4.24 5.97 5.48
CA ILE A 12 5.58 5.94 4.82
C ILE A 12 6.64 6.50 5.84
N GLN A 13 7.47 5.64 6.48
CA GLN A 13 8.48 6.11 7.49
C GLN A 13 9.76 6.72 6.84
N ARG A 14 9.96 8.03 7.06
CA ARG A 14 11.26 8.71 6.79
C ARG A 14 11.86 9.21 8.14
N ASP A 15 12.61 8.32 8.82
CA ASP A 15 13.25 8.57 10.16
C ASP A 15 12.26 9.04 11.28
N GLY A 16 11.50 8.09 11.86
CA GLY A 16 10.39 8.43 12.79
C GLY A 16 9.03 8.87 12.17
N GLN A 17 9.08 9.68 11.11
CA GLN A 17 7.91 10.37 10.53
C GLN A 17 7.07 9.41 9.61
N GLU A 18 5.94 8.88 10.12
CA GLU A 18 4.95 8.15 9.27
C GLU A 18 4.12 9.17 8.42
N ILE A 19 4.50 9.32 7.13
CA ILE A 19 3.81 10.26 6.20
C ILE A 19 2.56 9.51 5.64
N GLU A 20 1.40 9.77 6.27
CA GLU A 20 0.20 8.92 6.12
C GLU A 20 -0.79 9.46 5.05
N ILE A 21 -1.03 8.65 4.01
CA ILE A 21 -2.11 8.91 3.01
C ILE A 21 -3.27 7.93 3.35
N ASP A 22 -4.27 8.43 4.12
CA ASP A 22 -5.49 7.68 4.47
C ASP A 22 -6.69 8.17 3.59
N ILE A 23 -7.15 7.35 2.63
CA ILE A 23 -8.36 7.67 1.80
C ILE A 23 -9.38 6.48 1.82
N ARG A 24 -10.67 6.82 1.78
CA ARG A 24 -11.77 5.84 2.06
C ARG A 24 -12.91 6.04 1.02
N VAL A 25 -12.70 5.53 -0.21
CA VAL A 25 -13.52 5.91 -1.41
C VAL A 25 -13.89 4.59 -2.17
N SER A 26 -15.01 4.56 -2.92
CA SER A 26 -15.29 3.42 -3.86
C SER A 26 -14.55 3.64 -5.23
N THR A 27 -13.27 3.24 -5.28
CA THR A 27 -12.29 3.77 -6.28
C THR A 27 -12.33 3.02 -7.66
N GLY A 28 -12.36 3.79 -8.76
CA GLY A 28 -12.14 3.27 -10.13
C GLY A 28 -10.66 3.32 -10.56
N LYS A 29 -10.25 4.34 -11.34
CA LYS A 29 -8.80 4.68 -11.52
C LYS A 29 -8.23 5.73 -10.49
N GLU A 30 -8.82 5.84 -9.28
CA GLU A 30 -8.43 6.84 -8.24
C GLU A 30 -7.26 6.34 -7.33
N LEU A 31 -7.33 5.11 -6.78
CA LEU A 31 -6.14 4.35 -6.29
C LEU A 31 -4.96 4.21 -7.33
N GLU A 32 -5.24 3.98 -8.63
CA GLU A 32 -4.22 4.06 -9.71
C GLU A 32 -3.47 5.44 -9.83
N ARG A 33 -4.20 6.57 -9.94
CA ARG A 33 -3.59 7.95 -9.88
C ARG A 33 -2.80 8.30 -8.57
N ALA A 34 -3.34 7.96 -7.37
CA ALA A 34 -2.56 7.97 -6.12
C ALA A 34 -1.27 7.08 -6.12
N LEU A 35 -1.36 5.78 -6.49
CA LEU A 35 -0.18 4.89 -6.73
C LEU A 35 0.90 5.41 -7.74
N GLN A 36 0.50 6.00 -8.89
CA GLN A 36 1.41 6.72 -9.82
C GLN A 36 2.26 7.88 -9.18
N GLU A 37 1.63 8.85 -8.50
CA GLU A 37 2.35 9.86 -7.67
C GLU A 37 3.10 9.30 -6.42
N LEU A 38 2.52 8.35 -5.65
CA LEU A 38 3.20 7.70 -4.49
C LEU A 38 4.46 6.84 -4.82
N GLU A 39 4.52 6.04 -5.91
CA GLU A 39 5.81 5.46 -6.41
C GLU A 39 6.93 6.51 -6.70
N LYS A 40 6.63 7.54 -7.52
CA LYS A 40 7.47 8.76 -7.69
C LYS A 40 7.92 9.48 -6.37
N ALA A 41 6.98 9.92 -5.51
CA ALA A 41 7.29 10.54 -4.20
C ALA A 41 8.07 9.65 -3.17
N LEU A 42 7.72 8.36 -3.02
CA LEU A 42 8.49 7.38 -2.20
C LEU A 42 9.93 7.08 -2.74
N ALA A 43 10.10 6.72 -4.03
CA ALA A 43 11.45 6.54 -4.65
C ALA A 43 12.38 7.80 -4.66
N ARG A 44 11.85 9.00 -4.95
CA ARG A 44 12.58 10.29 -4.74
C ARG A 44 12.91 10.67 -3.25
N ALA A 45 12.03 10.40 -2.27
CA ALA A 45 12.31 10.62 -0.83
C ALA A 45 13.27 9.61 -0.13
N GLY A 46 13.09 8.28 -0.33
CA GLY A 46 13.90 7.25 0.38
C GLY A 46 13.32 6.75 1.72
N ALA A 47 12.23 5.97 1.65
CA ALA A 47 11.56 5.43 2.86
C ALA A 47 11.90 3.94 3.15
N ARG A 48 12.27 3.64 4.41
CA ARG A 48 12.68 2.27 4.83
C ARG A 48 11.58 1.36 5.45
N ASN A 49 10.75 1.85 6.39
CA ASN A 49 9.64 1.05 6.99
C ASN A 49 8.28 1.54 6.41
N VAL A 50 7.70 0.79 5.46
CA VAL A 50 6.51 1.28 4.68
C VAL A 50 5.30 0.33 4.96
N GLN A 51 4.31 0.78 5.76
CA GLN A 51 3.08 -0.01 6.04
C GLN A 51 1.97 0.34 4.99
N ILE A 52 1.75 -0.54 4.00
CA ILE A 52 0.67 -0.38 2.98
C ILE A 52 -0.55 -1.25 3.42
N THR A 53 -1.62 -0.64 3.97
CA THR A 53 -2.81 -1.40 4.45
C THR A 53 -3.99 -1.26 3.44
N ILE A 54 -4.41 -2.39 2.85
CA ILE A 54 -5.60 -2.48 1.94
C ILE A 54 -6.76 -3.16 2.72
N SER A 55 -7.82 -2.40 3.05
CA SER A 55 -9.08 -2.90 3.63
C SER A 55 -10.17 -2.88 2.51
N ALA A 56 -10.51 -4.06 1.95
CA ALA A 56 -11.56 -4.17 0.91
C ALA A 56 -12.95 -4.64 1.45
N GLU A 57 -13.95 -4.78 0.57
CA GLU A 57 -15.24 -5.46 0.92
C GLU A 57 -15.07 -6.97 1.32
N ASN A 58 -14.35 -7.75 0.52
CA ASN A 58 -13.95 -9.16 0.85
C ASN A 58 -12.46 -9.40 0.44
N ASP A 59 -11.82 -10.47 0.95
CA ASP A 59 -10.50 -10.94 0.44
C ASP A 59 -10.55 -11.75 -0.93
N GLU A 60 -11.29 -11.20 -1.91
CA GLU A 60 -11.02 -11.39 -3.36
C GLU A 60 -10.44 -10.06 -3.97
N GLN A 61 -11.08 -8.89 -3.75
CA GLN A 61 -10.50 -7.55 -3.98
C GLN A 61 -9.11 -7.28 -3.28
N ALA A 62 -8.99 -7.48 -1.95
CA ALA A 62 -7.68 -7.42 -1.24
C ALA A 62 -6.61 -8.49 -1.65
N LYS A 63 -7.02 -9.73 -1.92
CA LYS A 63 -6.19 -10.79 -2.59
C LYS A 63 -5.60 -10.42 -3.99
N GLU A 64 -6.38 -9.85 -4.93
CA GLU A 64 -5.83 -9.27 -6.20
C GLU A 64 -4.98 -7.96 -6.01
N LEU A 65 -5.41 -7.00 -5.17
CA LEU A 65 -4.56 -5.84 -4.74
C LEU A 65 -3.21 -6.21 -4.01
N LEU A 66 -3.16 -7.23 -3.14
CA LEU A 66 -1.91 -7.92 -2.70
C LEU A 66 -0.87 -8.26 -3.82
N GLU A 67 -1.31 -8.98 -4.87
CA GLU A 67 -0.51 -9.20 -6.12
C GLU A 67 -0.06 -7.88 -6.85
N LEU A 68 -0.96 -6.91 -7.07
CA LEU A 68 -0.60 -5.53 -7.53
C LEU A 68 0.48 -4.79 -6.65
N ILE A 69 0.32 -4.78 -5.31
CA ILE A 69 1.39 -4.31 -4.36
C ILE A 69 2.71 -5.13 -4.47
N ALA A 70 2.70 -6.48 -4.46
CA ALA A 70 3.89 -7.31 -4.80
C ALA A 70 4.61 -6.98 -6.16
N ARG A 71 3.86 -6.84 -7.28
CA ARG A 71 4.38 -6.24 -8.54
C ARG A 71 5.02 -4.81 -8.42
N LEU A 72 4.38 -3.84 -7.74
CA LEU A 72 5.03 -2.57 -7.30
C LEU A 72 6.37 -2.73 -6.49
N LEU A 73 6.34 -3.49 -5.38
CA LEU A 73 7.51 -3.66 -4.47
C LEU A 73 8.70 -4.51 -5.02
N GLN A 74 8.43 -5.61 -5.75
CA GLN A 74 9.46 -6.32 -6.56
C GLN A 74 10.06 -5.49 -7.76
N LYS A 75 9.25 -4.69 -8.49
CA LYS A 75 9.77 -3.66 -9.44
C LYS A 75 10.66 -2.53 -8.80
N LEU A 76 10.27 -1.93 -7.67
CA LEU A 76 11.15 -1.02 -6.87
C LEU A 76 12.44 -1.69 -6.27
N GLY A 77 12.32 -2.88 -5.66
CA GLY A 77 13.49 -3.67 -5.20
C GLY A 77 13.61 -3.84 -3.67
N TYR A 78 12.65 -4.57 -3.05
CA TYR A 78 12.57 -4.69 -1.57
C TYR A 78 12.60 -6.18 -1.12
N LYS A 79 13.52 -6.54 -0.22
CA LYS A 79 13.72 -7.95 0.24
C LYS A 79 12.87 -8.40 1.49
N ASP A 80 12.81 -7.63 2.59
CA ASP A 80 11.96 -7.98 3.76
C ASP A 80 10.58 -7.27 3.60
N ILE A 81 9.56 -8.06 3.24
CA ILE A 81 8.18 -7.57 3.06
C ILE A 81 7.28 -8.46 3.99
N ASN A 82 6.83 -7.91 5.13
CA ASN A 82 5.90 -8.60 6.05
C ASN A 82 4.42 -8.55 5.51
N VAL A 83 4.06 -9.60 4.76
CA VAL A 83 2.71 -9.75 4.15
C VAL A 83 1.74 -10.34 5.22
N ARG A 84 0.73 -9.57 5.68
CA ARG A 84 -0.18 -9.99 6.78
C ARG A 84 -1.68 -9.71 6.45
N VAL A 85 -2.44 -10.79 6.21
CA VAL A 85 -3.91 -10.73 5.93
C VAL A 85 -4.68 -10.86 7.29
N ASN A 86 -5.30 -9.77 7.79
CA ASN A 86 -6.24 -9.84 8.94
C ASN A 86 -7.71 -9.79 8.41
N GLY A 87 -8.26 -10.91 7.94
CA GLY A 87 -9.64 -10.94 7.36
C GLY A 87 -9.80 -10.18 6.02
N THR A 88 -10.36 -8.97 6.07
CA THR A 88 -10.31 -8.01 4.90
C THR A 88 -9.05 -7.07 4.86
N GLU A 89 -8.32 -6.91 5.99
CA GLU A 89 -7.37 -5.80 6.22
C GLU A 89 -5.93 -6.31 5.97
N VAL A 90 -5.40 -6.04 4.77
CA VAL A 90 -4.15 -6.67 4.27
C VAL A 90 -2.99 -5.64 4.40
N LYS A 91 -2.15 -5.77 5.45
CA LYS A 91 -0.95 -4.91 5.61
C LYS A 91 0.31 -5.55 4.94
N ILE A 92 0.85 -4.85 3.92
CA ILE A 92 2.10 -5.23 3.23
C ILE A 92 3.23 -4.29 3.79
N GLU A 93 4.02 -4.80 4.74
CA GLU A 93 5.00 -3.97 5.50
C GLU A 93 6.46 -4.18 4.98
N VAL A 94 6.98 -3.21 4.21
CA VAL A 94 8.41 -3.18 3.78
C VAL A 94 9.35 -2.85 4.99
N ARG A 95 10.51 -3.50 5.08
CA ARG A 95 11.54 -3.22 6.12
C ARG A 95 12.95 -3.16 5.46
N VAL A 96 13.45 -1.95 5.11
CA VAL A 96 14.79 -1.80 4.47
C VAL A 96 15.85 -1.64 5.59
N HIS A 3 -20.56 -0.49 4.44
CA HIS A 3 -19.37 -1.34 4.21
C HIS A 3 -18.11 -0.51 3.79
N MET A 4 -16.92 -0.97 4.22
CA MET A 4 -15.63 -0.34 3.84
C MET A 4 -15.20 -0.76 2.39
N LYS A 5 -15.16 0.19 1.44
CA LYS A 5 -14.93 -0.11 -0.01
C LYS A 5 -13.40 -0.24 -0.31
N VAL A 6 -12.77 0.67 -1.10
CA VAL A 6 -11.30 0.67 -1.33
C VAL A 6 -10.69 1.91 -0.60
N ASP A 7 -10.42 1.74 0.70
CA ASP A 7 -9.55 2.63 1.49
C ASP A 7 -8.07 2.17 1.32
N ILE A 8 -7.21 2.99 0.69
CA ILE A 8 -5.73 2.80 0.84
C ILE A 8 -5.23 3.80 1.93
N THR A 9 -4.86 3.25 3.10
CA THR A 9 -4.31 4.04 4.24
C THR A 9 -2.79 3.69 4.36
N ILE A 10 -1.93 4.70 4.19
CA ILE A 10 -0.44 4.52 4.12
C ILE A 10 0.18 5.27 5.34
N LYS A 11 0.99 4.56 6.15
CA LYS A 11 1.96 5.22 7.08
C LYS A 11 3.40 5.03 6.50
N ILE A 12 4.01 6.12 5.98
CA ILE A 12 5.43 6.10 5.49
C ILE A 12 6.35 6.36 6.73
N GLN A 13 6.80 5.27 7.36
CA GLN A 13 7.52 5.29 8.66
C GLN A 13 9.05 5.54 8.45
N ARG A 14 9.42 6.82 8.41
CA ARG A 14 10.84 7.28 8.41
C ARG A 14 11.35 7.41 9.88
N ASP A 15 12.66 7.24 10.11
CA ASP A 15 13.24 7.18 11.49
C ASP A 15 13.21 8.59 12.20
N GLY A 16 12.13 8.85 12.96
CA GLY A 16 11.76 10.23 13.36
C GLY A 16 10.34 10.73 12.95
N GLN A 17 9.80 10.34 11.78
CA GLN A 17 8.50 10.89 11.25
C GLN A 17 7.67 9.78 10.54
N GLU A 18 6.42 9.52 10.97
CA GLU A 18 5.42 8.78 10.13
C GLU A 18 4.68 9.79 9.19
N ILE A 19 5.10 9.84 7.91
CA ILE A 19 4.48 10.74 6.89
C ILE A 19 3.23 10.00 6.30
N GLU A 20 2.04 10.33 6.82
CA GLU A 20 0.85 9.44 6.69
C GLU A 20 -0.37 10.06 5.95
N ILE A 21 -1.12 9.20 5.23
CA ILE A 21 -2.35 9.61 4.48
C ILE A 21 -3.43 8.47 4.47
N ASP A 22 -4.71 8.84 4.72
CA ASP A 22 -5.89 8.00 4.40
C ASP A 22 -6.60 8.54 3.11
N ILE A 23 -6.61 7.75 2.01
CA ILE A 23 -7.37 8.13 0.77
C ILE A 23 -8.30 6.95 0.34
N ARG A 24 -9.62 7.22 0.27
CA ARG A 24 -10.66 6.15 0.14
C ARG A 24 -11.66 6.43 -1.02
N VAL A 25 -11.68 5.52 -2.01
CA VAL A 25 -12.33 5.74 -3.33
C VAL A 25 -13.18 4.49 -3.78
N SER A 26 -13.92 4.61 -4.89
CA SER A 26 -14.62 3.47 -5.54
C SER A 26 -14.76 3.75 -7.07
N THR A 27 -13.74 3.35 -7.85
CA THR A 27 -13.47 3.92 -9.21
C THR A 27 -12.45 3.08 -10.04
N GLY A 28 -11.25 2.80 -9.50
CA GLY A 28 -10.10 2.29 -10.31
C GLY A 28 -9.12 3.40 -10.75
N LYS A 29 -9.54 4.30 -11.65
CA LYS A 29 -8.63 5.31 -12.26
C LYS A 29 -8.04 6.41 -11.30
N GLU A 30 -8.78 6.98 -10.34
CA GLU A 30 -8.18 7.84 -9.26
C GLU A 30 -7.17 7.10 -8.31
N LEU A 31 -7.42 5.82 -7.96
CA LEU A 31 -6.38 4.92 -7.39
C LEU A 31 -5.12 4.70 -8.30
N GLU A 32 -5.25 4.49 -9.64
CA GLU A 32 -4.09 4.51 -10.59
C GLU A 32 -3.18 5.79 -10.54
N ARG A 33 -3.78 7.01 -10.56
CA ARG A 33 -3.03 8.27 -10.26
C ARG A 33 -2.38 8.34 -8.83
N ALA A 34 -3.12 8.04 -7.73
CA ALA A 34 -2.52 7.90 -6.37
C ALA A 34 -1.40 6.83 -6.19
N LEU A 35 -1.59 5.59 -6.70
CA LEU A 35 -0.52 4.57 -6.87
C LEU A 35 0.76 5.03 -7.63
N GLN A 36 0.63 5.63 -8.84
CA GLN A 36 1.76 6.24 -9.58
C GLN A 36 2.46 7.48 -8.91
N GLU A 37 1.73 8.39 -8.25
CA GLU A 37 2.33 9.41 -7.34
C GLU A 37 3.04 8.82 -6.07
N LEU A 38 2.41 7.89 -5.32
CA LEU A 38 3.09 7.11 -4.24
C LEU A 38 4.40 6.36 -4.65
N GLU A 39 4.42 5.61 -5.77
CA GLU A 39 5.68 5.04 -6.34
C GLU A 39 6.81 6.09 -6.66
N LYS A 40 6.46 7.19 -7.35
CA LYS A 40 7.37 8.35 -7.58
C LYS A 40 7.85 9.09 -6.27
N ALA A 41 6.93 9.55 -5.40
CA ALA A 41 7.26 10.18 -4.10
C ALA A 41 7.97 9.31 -3.01
N LEU A 42 7.74 7.98 -2.95
CA LEU A 42 8.57 7.04 -2.14
C LEU A 42 10.02 6.84 -2.73
N ALA A 43 10.16 6.46 -4.02
CA ALA A 43 11.48 6.29 -4.69
C ALA A 43 12.37 7.57 -4.77
N ARG A 44 11.85 8.73 -5.23
CA ARG A 44 12.57 10.04 -5.14
C ARG A 44 12.44 10.70 -3.72
N ALA A 45 12.94 9.99 -2.68
CA ALA A 45 12.86 10.38 -1.25
C ALA A 45 13.64 9.39 -0.32
N GLY A 46 13.34 8.08 -0.34
CA GLY A 46 14.06 7.06 0.47
C GLY A 46 13.46 6.76 1.85
N ALA A 47 12.34 6.04 1.90
CA ALA A 47 11.73 5.57 3.19
C ALA A 47 12.20 4.13 3.59
N ARG A 48 12.63 3.98 4.85
CA ARG A 48 13.08 2.67 5.41
C ARG A 48 11.95 1.67 5.85
N ASN A 49 10.89 2.14 6.54
CA ASN A 49 9.75 1.28 6.96
C ASN A 49 8.44 1.79 6.28
N VAL A 50 7.60 0.93 5.69
CA VAL A 50 6.37 1.39 4.95
C VAL A 50 5.15 0.45 5.25
N GLN A 51 4.15 0.93 6.01
CA GLN A 51 2.85 0.21 6.17
C GLN A 51 1.84 0.66 5.06
N ILE A 52 1.52 -0.23 4.10
CA ILE A 52 0.44 0.03 3.09
C ILE A 52 -0.78 -0.86 3.49
N THR A 53 -1.90 -0.26 3.94
CA THR A 53 -3.18 -0.98 4.17
C THR A 53 -4.13 -0.72 2.98
N ILE A 54 -4.74 -1.77 2.41
CA ILE A 54 -5.84 -1.62 1.42
C ILE A 54 -7.07 -2.49 1.81
N SER A 55 -8.28 -1.90 1.89
CA SER A 55 -9.54 -2.66 2.17
C SER A 55 -10.17 -3.33 0.91
N ALA A 56 -10.66 -4.56 1.06
CA ALA A 56 -11.30 -5.33 -0.03
C ALA A 56 -12.83 -5.61 0.20
N GLU A 57 -13.56 -5.84 -0.92
CA GLU A 57 -14.94 -6.39 -0.89
C GLU A 57 -15.08 -7.87 -0.37
N ASN A 58 -14.13 -8.77 -0.72
CA ASN A 58 -14.14 -10.20 -0.32
C ASN A 58 -12.68 -10.75 -0.12
N ASP A 59 -12.53 -12.01 0.35
CA ASP A 59 -11.20 -12.69 0.51
C ASP A 59 -10.39 -12.90 -0.84
N GLU A 60 -11.02 -13.37 -1.93
CA GLU A 60 -10.38 -13.40 -3.28
C GLU A 60 -10.01 -11.99 -3.88
N GLN A 61 -10.85 -10.95 -3.68
CA GLN A 61 -10.43 -9.52 -3.88
C GLN A 61 -9.26 -9.02 -2.97
N ALA A 62 -9.19 -9.42 -1.68
CA ALA A 62 -7.98 -9.25 -0.83
C ALA A 62 -6.68 -9.95 -1.34
N LYS A 63 -6.76 -11.22 -1.84
CA LYS A 63 -5.70 -11.81 -2.71
C LYS A 63 -5.32 -10.95 -3.97
N GLU A 64 -6.27 -10.55 -4.83
CA GLU A 64 -5.94 -9.76 -6.06
C GLU A 64 -5.42 -8.30 -5.82
N LEU A 65 -5.88 -7.59 -4.76
CA LEU A 65 -5.20 -6.38 -4.23
C LEU A 65 -3.78 -6.63 -3.59
N LEU A 66 -3.56 -7.73 -2.83
CA LEU A 66 -2.19 -8.26 -2.54
C LEU A 66 -1.29 -8.54 -3.79
N GLU A 67 -1.76 -9.32 -4.79
CA GLU A 67 -1.09 -9.47 -6.12
C GLU A 67 -0.83 -8.14 -6.93
N LEU A 68 -1.68 -7.10 -6.81
CA LEU A 68 -1.35 -5.71 -7.24
C LEU A 68 -0.20 -5.03 -6.43
N ILE A 69 -0.30 -4.91 -5.09
CA ILE A 69 0.79 -4.32 -4.23
C ILE A 69 2.13 -5.13 -4.28
N ALA A 70 2.15 -6.47 -4.18
CA ALA A 70 3.36 -7.29 -4.42
C ALA A 70 4.12 -7.04 -5.78
N ARG A 71 3.40 -6.97 -6.91
CA ARG A 71 3.97 -6.48 -8.20
C ARG A 71 4.47 -4.98 -8.21
N LEU A 72 3.74 -4.02 -7.60
CA LEU A 72 4.29 -2.66 -7.28
C LEU A 72 5.61 -2.65 -6.43
N LEU A 73 5.66 -3.39 -5.30
CA LEU A 73 6.87 -3.52 -4.45
C LEU A 73 8.07 -4.31 -5.10
N GLN A 74 7.83 -5.35 -5.92
CA GLN A 74 8.82 -5.90 -6.88
C GLN A 74 9.32 -4.91 -8.00
N LYS A 75 8.41 -4.16 -8.67
CA LYS A 75 8.78 -3.00 -9.56
C LYS A 75 9.66 -1.89 -8.87
N LEU A 76 9.30 -1.42 -7.67
CA LEU A 76 10.17 -0.52 -6.85
C LEU A 76 11.52 -1.14 -6.35
N GLY A 77 11.52 -2.38 -5.82
CA GLY A 77 12.77 -3.12 -5.49
C GLY A 77 13.08 -3.18 -3.99
N TYR A 78 12.36 -4.05 -3.24
CA TYR A 78 12.48 -4.12 -1.77
C TYR A 78 12.77 -5.57 -1.27
N LYS A 79 13.59 -5.68 -0.21
CA LYS A 79 13.93 -6.99 0.44
C LYS A 79 12.78 -7.60 1.31
N ASP A 80 12.34 -6.93 2.40
CA ASP A 80 11.46 -7.55 3.42
C ASP A 80 10.00 -7.08 3.21
N ILE A 81 9.28 -7.76 2.30
CA ILE A 81 7.86 -7.43 1.95
C ILE A 81 6.95 -8.32 2.86
N ASN A 82 6.49 -7.78 4.00
CA ASN A 82 5.84 -8.59 5.07
C ASN A 82 4.29 -8.53 4.93
N VAL A 83 3.69 -9.61 4.44
CA VAL A 83 2.20 -9.75 4.32
C VAL A 83 1.51 -9.95 5.72
N ARG A 84 0.57 -9.06 6.06
CA ARG A 84 -0.04 -8.98 7.42
C ARG A 84 -1.58 -8.74 7.27
N VAL A 85 -2.33 -9.75 6.79
CA VAL A 85 -3.74 -9.56 6.33
C VAL A 85 -4.74 -9.69 7.52
N ASN A 86 -5.45 -8.59 7.81
CA ASN A 86 -6.51 -8.53 8.85
C ASN A 86 -7.93 -8.78 8.19
N GLY A 87 -8.20 -10.04 7.79
CA GLY A 87 -9.41 -10.39 7.00
C GLY A 87 -9.44 -9.83 5.56
N THR A 88 -10.25 -8.79 5.36
CA THR A 88 -10.22 -7.97 4.10
C THR A 88 -9.29 -6.69 4.16
N GLU A 89 -8.76 -6.28 5.33
CA GLU A 89 -7.76 -5.20 5.48
C GLU A 89 -6.32 -5.76 5.21
N VAL A 90 -5.79 -5.48 4.01
CA VAL A 90 -4.52 -6.09 3.52
C VAL A 90 -3.35 -5.14 3.89
N LYS A 91 -2.67 -5.38 5.03
CA LYS A 91 -1.50 -4.57 5.45
C LYS A 91 -0.19 -5.24 4.93
N ILE A 92 0.52 -4.58 3.99
CA ILE A 92 1.81 -5.11 3.46
C ILE A 92 2.92 -4.13 3.97
N GLU A 93 3.84 -4.70 4.77
CA GLU A 93 4.73 -3.93 5.67
C GLU A 93 6.20 -4.08 5.21
N VAL A 94 6.73 -3.04 4.54
CA VAL A 94 8.10 -3.05 3.95
C VAL A 94 9.16 -2.74 5.04
N ARG A 95 10.22 -3.56 5.12
CA ARG A 95 11.51 -3.15 5.76
C ARG A 95 12.64 -3.08 4.67
N VAL A 96 13.42 -1.99 4.66
CA VAL A 96 14.56 -1.79 3.72
C VAL A 96 15.85 -2.07 4.53
N HIS A 3 -18.43 3.50 5.94
CA HIS A 3 -18.51 2.12 6.45
C HIS A 3 -17.25 1.33 5.97
N MET A 4 -17.27 0.66 4.80
CA MET A 4 -16.08 -0.04 4.23
C MET A 4 -15.99 0.29 2.71
N LYS A 5 -14.84 0.79 2.22
CA LYS A 5 -14.61 0.95 0.76
C LYS A 5 -13.31 0.21 0.33
N VAL A 6 -12.36 0.85 -0.38
CA VAL A 6 -10.99 0.30 -0.56
C VAL A 6 -10.07 1.34 0.15
N ASP A 7 -9.84 1.14 1.47
CA ASP A 7 -9.25 2.17 2.35
C ASP A 7 -7.70 2.07 2.30
N ILE A 8 -7.07 2.84 1.41
CA ILE A 8 -5.62 2.70 1.07
C ILE A 8 -4.81 3.61 2.07
N THR A 9 -4.37 3.04 3.21
CA THR A 9 -3.68 3.79 4.29
C THR A 9 -2.16 3.47 4.24
N ILE A 10 -1.36 4.41 3.72
CA ILE A 10 0.09 4.20 3.45
C ILE A 10 0.89 4.93 4.58
N LYS A 11 1.47 4.17 5.52
CA LYS A 11 2.33 4.71 6.60
C LYS A 11 3.83 4.68 6.15
N ILE A 12 4.37 5.85 5.78
CA ILE A 12 5.76 6.00 5.25
C ILE A 12 6.67 6.36 6.48
N GLN A 13 7.32 5.36 7.11
CA GLN A 13 7.97 5.50 8.44
C GLN A 13 9.50 5.83 8.29
N ARG A 14 9.88 7.09 8.59
CA ARG A 14 11.25 7.62 8.32
C ARG A 14 11.93 8.16 9.61
N ASP A 15 12.41 7.27 10.50
CA ASP A 15 13.13 7.64 11.77
C ASP A 15 12.43 8.74 12.66
N GLY A 16 11.20 8.45 13.15
CA GLY A 16 10.33 9.49 13.75
C GLY A 16 9.36 10.22 12.80
N GLN A 17 9.77 10.55 11.56
CA GLN A 17 8.88 11.19 10.53
C GLN A 17 7.93 10.13 9.86
N GLU A 18 6.83 9.79 10.54
CA GLU A 18 5.84 8.81 10.02
C GLU A 18 4.69 9.53 9.24
N ILE A 19 4.74 9.45 7.90
CA ILE A 19 3.80 10.19 7.01
C ILE A 19 2.66 9.20 6.61
N GLU A 20 1.46 9.39 7.18
CA GLU A 20 0.29 8.49 6.97
C GLU A 20 -0.78 9.11 6.01
N ILE A 21 -1.06 8.42 4.88
CA ILE A 21 -1.96 8.94 3.81
C ILE A 21 -3.13 7.91 3.61
N ASP A 22 -4.37 8.27 3.99
CA ASP A 22 -5.58 7.43 3.76
C ASP A 22 -6.42 7.92 2.54
N ILE A 23 -6.72 7.03 1.57
CA ILE A 23 -7.60 7.35 0.40
C ILE A 23 -8.66 6.21 0.18
N ARG A 24 -9.97 6.54 0.20
CA ARG A 24 -11.07 5.57 -0.10
C ARG A 24 -11.49 5.63 -1.61
N VAL A 25 -11.27 4.54 -2.37
CA VAL A 25 -11.51 4.53 -3.86
C VAL A 25 -12.35 3.26 -4.26
N SER A 26 -13.23 3.34 -5.28
CA SER A 26 -13.75 2.12 -5.98
C SER A 26 -14.28 2.47 -7.39
N THR A 27 -13.51 2.21 -8.46
CA THR A 27 -13.85 2.67 -9.85
C THR A 27 -13.09 2.01 -11.03
N GLY A 28 -11.77 1.71 -10.95
CA GLY A 28 -10.95 1.39 -12.16
C GLY A 28 -10.65 2.59 -13.10
N LYS A 29 -9.84 3.54 -12.60
CA LYS A 29 -9.48 4.81 -13.34
C LYS A 29 -8.60 5.75 -12.45
N GLU A 30 -9.12 6.21 -11.29
CA GLU A 30 -8.37 7.13 -10.39
C GLU A 30 -7.39 6.44 -9.38
N LEU A 31 -7.59 5.16 -9.02
CA LEU A 31 -6.51 4.29 -8.46
C LEU A 31 -5.22 4.23 -9.34
N GLU A 32 -5.34 3.97 -10.65
CA GLU A 32 -4.19 3.91 -11.59
C GLU A 32 -3.36 5.23 -11.72
N ARG A 33 -4.00 6.41 -11.67
CA ARG A 33 -3.32 7.71 -11.37
C ARG A 33 -2.73 7.83 -9.93
N ALA A 34 -3.55 7.65 -8.86
CA ALA A 34 -3.08 7.78 -7.45
C ALA A 34 -1.98 6.77 -6.98
N LEU A 35 -2.13 5.45 -7.24
CA LEU A 35 -1.04 4.44 -7.05
C LEU A 35 0.31 4.74 -7.79
N GLN A 36 0.33 5.21 -9.05
CA GLN A 36 1.59 5.65 -9.73
C GLN A 36 2.24 6.95 -9.15
N GLU A 37 1.48 8.02 -8.81
CA GLU A 37 2.02 9.15 -7.99
C GLU A 37 2.40 8.78 -6.51
N LEU A 38 1.74 7.82 -5.83
CA LEU A 38 2.21 7.26 -4.52
C LEU A 38 3.50 6.37 -4.58
N GLU A 39 3.64 5.47 -5.59
CA GLU A 39 4.96 4.94 -6.06
C GLU A 39 6.09 6.01 -6.24
N LYS A 40 5.85 7.03 -7.08
CA LYS A 40 6.71 8.24 -7.22
C LYS A 40 6.97 9.05 -5.90
N ALA A 41 5.95 9.29 -5.05
CA ALA A 41 6.13 9.85 -3.68
C ALA A 41 7.06 9.09 -2.69
N LEU A 42 7.10 7.74 -2.71
CA LEU A 42 8.18 6.95 -2.06
C LEU A 42 9.63 7.25 -2.59
N ALA A 43 9.84 7.37 -3.91
CA ALA A 43 11.08 7.96 -4.50
C ALA A 43 11.36 9.48 -4.19
N ARG A 44 10.34 10.37 -4.15
CA ARG A 44 10.46 11.74 -3.56
C ARG A 44 10.92 11.78 -2.03
N ALA A 45 10.30 10.93 -1.18
CA ALA A 45 10.58 10.89 0.27
C ALA A 45 11.87 10.14 0.75
N GLY A 46 12.13 8.91 0.25
CA GLY A 46 13.18 8.03 0.82
C GLY A 46 12.80 7.37 2.15
N ALA A 47 12.16 6.19 2.11
CA ALA A 47 11.74 5.46 3.34
C ALA A 47 12.07 3.94 3.26
N ARG A 48 12.82 3.43 4.26
CA ARG A 48 13.04 1.97 4.42
C ARG A 48 11.81 1.17 4.96
N ASN A 49 11.10 1.64 6.01
CA ASN A 49 9.93 0.93 6.60
C ASN A 49 8.60 1.49 5.98
N VAL A 50 7.83 0.65 5.25
CA VAL A 50 6.58 1.12 4.57
C VAL A 50 5.41 0.16 4.98
N GLN A 51 4.55 0.62 5.91
CA GLN A 51 3.33 -0.12 6.35
C GLN A 51 2.12 0.25 5.43
N ILE A 52 1.77 -0.63 4.48
CA ILE A 52 0.68 -0.38 3.50
C ILE A 52 -0.55 -1.21 3.96
N THR A 53 -1.60 -0.54 4.49
CA THR A 53 -2.91 -1.21 4.80
C THR A 53 -3.94 -0.89 3.68
N ILE A 54 -4.51 -1.91 3.03
CA ILE A 54 -5.72 -1.72 2.18
C ILE A 54 -6.91 -2.47 2.87
N SER A 55 -7.84 -1.76 3.53
CA SER A 55 -9.09 -2.40 4.05
C SER A 55 -10.18 -2.46 2.92
N ALA A 56 -10.35 -3.64 2.32
CA ALA A 56 -11.21 -3.82 1.12
C ALA A 56 -12.70 -4.16 1.42
N GLU A 57 -13.55 -4.11 0.38
CA GLU A 57 -14.96 -4.59 0.45
C GLU A 57 -15.08 -6.15 0.63
N ASN A 58 -14.36 -6.93 -0.19
CA ASN A 58 -14.48 -8.41 -0.25
C ASN A 58 -13.07 -9.09 -0.14
N ASP A 59 -13.05 -10.33 0.36
CA ASP A 59 -11.92 -11.28 0.17
C ASP A 59 -11.44 -11.57 -1.31
N GLU A 60 -12.37 -11.59 -2.30
CA GLU A 60 -12.02 -11.53 -3.75
C GLU A 60 -11.17 -10.29 -4.20
N GLN A 61 -11.48 -9.05 -3.74
CA GLN A 61 -10.57 -7.87 -3.90
C GLN A 61 -9.15 -7.99 -3.24
N ALA A 62 -9.03 -8.58 -2.03
CA ALA A 62 -7.74 -8.80 -1.35
C ALA A 62 -6.63 -9.57 -2.13
N LYS A 63 -6.97 -10.56 -3.00
CA LYS A 63 -5.99 -11.25 -3.90
C LYS A 63 -5.23 -10.30 -4.90
N GLU A 64 -5.93 -9.59 -5.81
CA GLU A 64 -5.26 -8.60 -6.72
C GLU A 64 -4.56 -7.39 -6.02
N LEU A 65 -5.12 -6.85 -4.91
CA LEU A 65 -4.38 -5.91 -4.00
C LEU A 65 -3.05 -6.48 -3.41
N LEU A 66 -3.03 -7.71 -2.86
CA LEU A 66 -1.78 -8.45 -2.51
C LEU A 66 -0.72 -8.58 -3.66
N GLU A 67 -1.11 -9.13 -4.81
CA GLU A 67 -0.22 -9.28 -6.00
C GLU A 67 0.26 -7.93 -6.65
N LEU A 68 -0.63 -6.92 -6.81
CA LEU A 68 -0.26 -5.55 -7.26
C LEU A 68 0.76 -4.77 -6.35
N ILE A 69 0.56 -4.71 -5.01
CA ILE A 69 1.54 -4.05 -4.08
C ILE A 69 2.93 -4.77 -4.04
N ALA A 70 3.00 -6.11 -3.84
CA ALA A 70 4.28 -6.87 -3.94
C ALA A 70 5.06 -6.74 -5.29
N ARG A 71 4.38 -6.84 -6.45
CA ARG A 71 4.92 -6.35 -7.77
C ARG A 71 5.47 -4.87 -7.78
N LEU A 72 4.68 -3.88 -7.34
CA LEU A 72 5.12 -2.46 -7.19
C LEU A 72 6.41 -2.22 -6.32
N LEU A 73 6.44 -2.75 -5.08
CA LEU A 73 7.60 -2.61 -4.16
C LEU A 73 8.85 -3.51 -4.51
N GLN A 74 8.68 -4.73 -5.05
CA GLN A 74 9.76 -5.47 -5.76
C GLN A 74 10.40 -4.73 -6.99
N LYS A 75 9.62 -4.02 -7.85
CA LYS A 75 10.16 -3.07 -8.86
C LYS A 75 11.03 -1.89 -8.30
N LEU A 76 10.60 -1.19 -7.24
CA LEU A 76 11.42 -0.15 -6.56
C LEU A 76 12.70 -0.68 -5.83
N GLY A 77 12.58 -1.73 -5.00
CA GLY A 77 13.74 -2.45 -4.42
C GLY A 77 13.58 -2.86 -2.95
N TYR A 78 12.53 -3.63 -2.62
CA TYR A 78 12.17 -3.97 -1.23
C TYR A 78 12.03 -5.52 -1.11
N LYS A 79 13.07 -6.19 -0.59
CA LYS A 79 13.05 -7.67 -0.39
C LYS A 79 12.18 -8.22 0.80
N ASP A 80 12.11 -7.51 1.94
CA ASP A 80 11.56 -8.07 3.21
C ASP A 80 10.02 -7.79 3.29
N ILE A 81 9.24 -8.62 2.60
CA ILE A 81 7.78 -8.36 2.34
C ILE A 81 6.95 -9.20 3.38
N ASN A 82 6.47 -8.56 4.46
CA ASN A 82 5.81 -9.27 5.60
C ASN A 82 4.31 -8.88 5.68
N VAL A 83 3.39 -9.81 5.34
CA VAL A 83 1.94 -9.54 5.27
C VAL A 83 1.11 -10.10 6.48
N ARG A 84 0.19 -9.29 7.01
CA ARG A 84 -1.04 -9.80 7.68
C ARG A 84 -2.27 -9.63 6.72
N VAL A 85 -2.88 -10.75 6.30
CA VAL A 85 -4.24 -10.74 5.66
C VAL A 85 -5.27 -10.78 6.84
N ASN A 86 -5.76 -9.61 7.27
CA ASN A 86 -6.52 -9.48 8.56
C ASN A 86 -8.01 -9.09 8.29
N GLY A 87 -8.87 -10.10 8.06
CA GLY A 87 -10.28 -9.87 7.61
C GLY A 87 -10.40 -9.51 6.12
N THR A 88 -10.63 -8.22 5.85
CA THR A 88 -10.40 -7.62 4.50
C THR A 88 -9.16 -6.64 4.40
N GLU A 89 -8.33 -6.50 5.45
CA GLU A 89 -7.00 -5.83 5.35
C GLU A 89 -6.00 -6.66 4.48
N VAL A 90 -5.39 -5.98 3.50
CA VAL A 90 -4.05 -6.36 2.99
C VAL A 90 -3.03 -5.43 3.73
N LYS A 91 -2.53 -5.87 4.91
CA LYS A 91 -1.50 -5.13 5.69
C LYS A 91 -0.09 -5.68 5.31
N ILE A 92 0.57 -5.07 4.32
CA ILE A 92 1.95 -5.46 3.90
C ILE A 92 2.96 -4.43 4.52
N GLU A 93 3.83 -4.88 5.43
CA GLU A 93 5.06 -4.13 5.80
C GLU A 93 6.25 -4.57 4.88
N VAL A 94 6.76 -3.64 4.06
CA VAL A 94 7.97 -3.89 3.22
C VAL A 94 9.23 -3.19 3.83
N ARG A 95 10.38 -3.89 3.83
CA ARG A 95 11.70 -3.30 4.16
C ARG A 95 12.78 -3.60 3.08
N VAL A 96 13.87 -2.79 3.05
CA VAL A 96 14.94 -2.88 2.02
C VAL A 96 15.93 -4.00 2.45
N HIS A 3 -18.42 4.99 2.72
CA HIS A 3 -17.36 5.07 3.76
C HIS A 3 -16.24 4.01 3.57
N MET A 4 -16.56 2.70 3.68
CA MET A 4 -15.56 1.60 3.54
C MET A 4 -15.74 0.87 2.17
N LYS A 5 -14.77 1.02 1.24
CA LYS A 5 -14.78 0.26 -0.04
C LYS A 5 -13.38 -0.36 -0.30
N VAL A 6 -12.49 0.33 -1.04
CA VAL A 6 -11.07 -0.09 -1.24
C VAL A 6 -10.20 0.97 -0.49
N ASP A 7 -9.98 0.75 0.81
CA ASP A 7 -9.53 1.84 1.73
C ASP A 7 -7.97 1.85 1.86
N ILE A 8 -7.33 2.73 1.09
CA ILE A 8 -5.85 2.76 0.93
C ILE A 8 -5.22 3.58 2.11
N THR A 9 -4.58 2.92 3.09
CA THR A 9 -3.80 3.62 4.15
C THR A 9 -2.28 3.43 3.84
N ILE A 10 -1.63 4.46 3.26
CA ILE A 10 -0.18 4.43 2.89
C ILE A 10 0.65 4.89 4.13
N LYS A 11 1.33 3.97 4.85
CA LYS A 11 2.21 4.35 6.00
C LYS A 11 3.71 4.33 5.56
N ILE A 12 4.31 5.51 5.33
CA ILE A 12 5.75 5.65 4.95
C ILE A 12 6.56 6.02 6.24
N GLN A 13 7.33 5.06 6.78
CA GLN A 13 8.20 5.29 7.97
C GLN A 13 9.67 5.56 7.53
N ARG A 14 10.19 6.74 7.90
CA ARG A 14 11.60 7.13 7.68
C ARG A 14 12.16 7.79 8.98
N ASP A 15 13.34 7.39 9.49
CA ASP A 15 14.13 8.22 10.45
C ASP A 15 13.36 8.74 11.74
N GLY A 16 12.60 7.86 12.40
CA GLY A 16 11.60 8.25 13.44
C GLY A 16 10.34 9.07 13.02
N GLN A 17 9.83 8.92 11.79
CA GLN A 17 8.70 9.73 11.25
C GLN A 17 7.77 8.83 10.39
N GLU A 18 6.66 8.34 11.00
CA GLU A 18 5.63 7.52 10.30
C GLU A 18 4.50 8.41 9.69
N ILE A 19 4.56 8.65 8.36
CA ILE A 19 3.56 9.48 7.62
C ILE A 19 2.45 8.51 7.10
N GLU A 20 1.26 8.56 7.74
CA GLU A 20 0.09 7.72 7.35
C GLU A 20 -1.00 8.52 6.58
N ILE A 21 -1.20 8.17 5.30
CA ILE A 21 -2.11 8.89 4.37
C ILE A 21 -3.32 7.96 4.04
N ASP A 22 -4.54 8.35 4.48
CA ASP A 22 -5.81 7.76 3.96
C ASP A 22 -6.11 8.35 2.54
N ILE A 23 -6.13 7.49 1.51
CA ILE A 23 -6.53 7.89 0.13
C ILE A 23 -7.52 6.85 -0.47
N ARG A 24 -8.68 6.68 0.18
CA ARG A 24 -9.66 5.60 -0.10
C ARG A 24 -10.47 5.72 -1.44
N VAL A 25 -10.69 4.57 -2.09
CA VAL A 25 -11.12 4.52 -3.53
C VAL A 25 -12.51 3.81 -3.63
N SER A 26 -13.50 4.52 -4.23
CA SER A 26 -14.74 3.89 -4.76
C SER A 26 -15.09 4.52 -6.14
N THR A 27 -14.51 3.98 -7.23
CA THR A 27 -14.54 4.65 -8.58
C THR A 27 -14.22 3.61 -9.71
N GLY A 28 -12.97 3.13 -9.84
CA GLY A 28 -12.56 2.25 -10.97
C GLY A 28 -11.75 3.01 -12.04
N LYS A 29 -10.54 2.51 -12.39
CA LYS A 29 -9.52 3.24 -13.22
C LYS A 29 -8.80 4.45 -12.53
N GLU A 30 -9.52 5.29 -11.76
CA GLU A 30 -8.92 6.40 -10.95
C GLU A 30 -8.25 5.83 -9.65
N LEU A 31 -7.12 5.16 -9.89
CA LEU A 31 -6.50 4.17 -8.97
C LEU A 31 -5.06 3.85 -9.51
N GLU A 32 -4.91 3.39 -10.78
CA GLU A 32 -3.60 3.35 -11.49
C GLU A 32 -2.85 4.74 -11.59
N ARG A 33 -3.56 5.83 -11.96
CA ARG A 33 -3.07 7.23 -11.81
C ARG A 33 -2.60 7.64 -10.37
N ALA A 34 -3.42 7.39 -9.33
CA ALA A 34 -3.00 7.54 -7.91
C ALA A 34 -1.82 6.63 -7.45
N LEU A 35 -1.84 5.31 -7.73
CA LEU A 35 -0.68 4.38 -7.55
C LEU A 35 0.69 4.86 -8.14
N GLN A 36 0.73 5.39 -9.38
CA GLN A 36 1.94 6.01 -9.97
C GLN A 36 2.44 7.34 -9.27
N GLU A 37 1.55 8.32 -8.98
CA GLU A 37 1.89 9.48 -8.10
C GLU A 37 2.28 9.12 -6.62
N LEU A 38 1.59 8.16 -5.99
CA LEU A 38 2.04 7.54 -4.70
C LEU A 38 3.42 6.81 -4.74
N GLU A 39 3.77 6.02 -5.79
CA GLU A 39 5.15 5.48 -5.98
C GLU A 39 6.29 6.57 -6.13
N LYS A 40 6.05 7.61 -6.94
CA LYS A 40 6.81 8.90 -6.91
C LYS A 40 6.95 9.56 -5.49
N ALA A 41 5.86 9.83 -4.75
CA ALA A 41 5.93 10.30 -3.33
C ALA A 41 6.64 9.36 -2.31
N LEU A 42 6.36 8.04 -2.35
CA LEU A 42 7.15 6.98 -1.64
C LEU A 42 8.70 7.02 -1.88
N ALA A 43 9.15 7.04 -3.15
CA ALA A 43 10.58 7.24 -3.50
C ALA A 43 11.17 8.66 -3.16
N ARG A 44 10.51 9.77 -3.56
CA ARG A 44 10.99 11.16 -3.30
C ARG A 44 11.02 11.63 -1.81
N ALA A 45 10.14 11.14 -0.92
CA ALA A 45 10.26 11.35 0.55
C ALA A 45 11.50 10.71 1.28
N GLY A 46 12.08 9.62 0.77
CA GLY A 46 13.22 8.91 1.41
C GLY A 46 12.82 7.84 2.46
N ALA A 47 12.10 6.80 2.03
CA ALA A 47 11.53 5.78 2.94
C ALA A 47 12.56 4.75 3.51
N ARG A 48 12.22 4.15 4.67
CA ARG A 48 12.95 2.97 5.22
C ARG A 48 12.02 1.73 5.43
N ASN A 49 10.92 1.87 6.19
CA ASN A 49 9.89 0.79 6.36
C ASN A 49 8.51 1.31 5.85
N VAL A 50 8.00 0.74 4.75
CA VAL A 50 6.69 1.18 4.17
C VAL A 50 5.63 0.07 4.48
N GLN A 51 4.59 0.38 5.27
CA GLN A 51 3.46 -0.56 5.52
C GLN A 51 2.13 -0.02 4.94
N ILE A 52 1.72 -0.53 3.76
CA ILE A 52 0.44 -0.15 3.11
C ILE A 52 -0.67 -1.11 3.65
N THR A 53 -1.63 -0.57 4.41
CA THR A 53 -2.82 -1.34 4.87
C THR A 53 -4.01 -1.00 3.93
N ILE A 54 -4.39 -1.97 3.07
CA ILE A 54 -5.54 -1.81 2.14
C ILE A 54 -6.74 -2.65 2.69
N SER A 55 -7.83 -1.98 3.14
CA SER A 55 -9.04 -2.68 3.65
C SER A 55 -10.13 -2.79 2.55
N ALA A 56 -10.34 -4.01 2.02
CA ALA A 56 -11.20 -4.26 0.83
C ALA A 56 -12.62 -4.80 1.15
N GLU A 57 -13.49 -4.76 0.13
CA GLU A 57 -14.88 -5.31 0.21
C GLU A 57 -14.98 -6.87 0.35
N ASN A 58 -14.28 -7.63 -0.52
CA ASN A 58 -14.32 -9.12 -0.52
C ASN A 58 -12.88 -9.75 -0.45
N ASP A 59 -12.80 -11.03 -0.05
CA ASP A 59 -11.57 -11.86 -0.15
C ASP A 59 -10.92 -12.02 -1.58
N GLU A 60 -11.72 -12.18 -2.65
CA GLU A 60 -11.29 -11.99 -4.07
C GLU A 60 -10.56 -10.63 -4.40
N GLN A 61 -11.10 -9.48 -3.93
CA GLN A 61 -10.40 -8.17 -3.95
C GLN A 61 -9.06 -8.15 -3.14
N ALA A 62 -9.08 -8.53 -1.84
CA ALA A 62 -7.85 -8.76 -1.04
C ALA A 62 -6.73 -9.65 -1.66
N LYS A 63 -7.07 -10.78 -2.32
CA LYS A 63 -6.12 -11.60 -3.12
C LYS A 63 -5.38 -10.84 -4.28
N GLU A 64 -6.09 -10.19 -5.23
CA GLU A 64 -5.44 -9.33 -6.27
C GLU A 64 -4.78 -8.01 -5.75
N LEU A 65 -5.35 -7.32 -4.75
CA LEU A 65 -4.69 -6.15 -4.08
C LEU A 65 -3.38 -6.47 -3.29
N LEU A 66 -3.31 -7.57 -2.51
CA LEU A 66 -2.02 -8.24 -2.11
C LEU A 66 -0.95 -8.39 -3.25
N GLU A 67 -1.32 -9.04 -4.37
CA GLU A 67 -0.43 -9.23 -5.55
C GLU A 67 -0.01 -7.91 -6.28
N LEU A 68 -0.95 -7.00 -6.57
CA LEU A 68 -0.64 -5.61 -7.03
C LEU A 68 0.30 -4.76 -6.11
N ILE A 69 0.08 -4.71 -4.78
CA ILE A 69 1.04 -4.06 -3.82
C ILE A 69 2.43 -4.80 -3.75
N ALA A 70 2.49 -6.14 -3.61
CA ALA A 70 3.76 -6.91 -3.78
C ALA A 70 4.53 -6.64 -5.12
N ARG A 71 3.86 -6.73 -6.29
CA ARG A 71 4.41 -6.29 -7.60
C ARG A 71 4.91 -4.79 -7.67
N LEU A 72 4.13 -3.80 -7.17
CA LEU A 72 4.62 -2.42 -6.90
C LEU A 72 5.93 -2.30 -6.07
N LEU A 73 5.95 -2.86 -4.84
CA LEU A 73 7.11 -2.76 -3.90
C LEU A 73 8.37 -3.58 -4.33
N GLN A 74 8.21 -4.81 -4.86
CA GLN A 74 9.28 -5.54 -5.62
C GLN A 74 9.85 -4.78 -6.87
N LYS A 75 9.02 -4.18 -7.73
CA LYS A 75 9.45 -3.23 -8.80
C LYS A 75 10.26 -1.97 -8.31
N LEU A 76 9.83 -1.30 -7.23
CA LEU A 76 10.60 -0.17 -6.61
C LEU A 76 12.01 -0.55 -6.03
N GLY A 77 12.10 -1.56 -5.16
CA GLY A 77 13.40 -2.06 -4.63
C GLY A 77 13.36 -2.39 -3.12
N TYR A 78 12.63 -3.45 -2.75
CA TYR A 78 12.31 -3.76 -1.33
C TYR A 78 12.49 -5.29 -1.04
N LYS A 79 13.12 -5.62 0.10
CA LYS A 79 13.50 -7.04 0.44
C LYS A 79 12.67 -7.70 1.59
N ASP A 80 12.50 -7.04 2.77
CA ASP A 80 11.91 -7.68 3.97
C ASP A 80 10.36 -7.59 3.94
N ILE A 81 9.69 -8.52 3.21
CA ILE A 81 8.24 -8.35 2.86
C ILE A 81 7.38 -9.12 3.92
N ASN A 82 6.84 -8.38 4.91
CA ASN A 82 6.12 -8.95 6.08
C ASN A 82 4.58 -8.75 5.91
N VAL A 83 3.88 -9.82 5.51
CA VAL A 83 2.44 -9.77 5.14
C VAL A 83 1.56 -10.22 6.36
N ARG A 84 0.53 -9.42 6.73
CA ARG A 84 -0.59 -9.90 7.59
C ARG A 84 -1.96 -9.50 6.96
N VAL A 85 -2.88 -10.47 6.84
CA VAL A 85 -4.25 -10.26 6.28
C VAL A 85 -5.28 -10.56 7.41
N ASN A 86 -5.94 -9.52 7.98
CA ASN A 86 -7.06 -9.72 8.95
C ASN A 86 -8.43 -9.67 8.19
N GLY A 87 -8.86 -10.81 7.63
CA GLY A 87 -10.07 -10.89 6.77
C GLY A 87 -9.87 -10.25 5.37
N THR A 88 -10.31 -9.00 5.23
CA THR A 88 -9.96 -8.14 4.05
C THR A 88 -8.95 -6.97 4.35
N GLU A 89 -8.42 -6.80 5.59
CA GLU A 89 -7.40 -5.79 5.95
C GLU A 89 -5.97 -6.30 5.59
N VAL A 90 -5.46 -5.92 4.42
CA VAL A 90 -4.19 -6.48 3.85
C VAL A 90 -3.04 -5.47 4.17
N LYS A 91 -2.20 -5.74 5.19
CA LYS A 91 -0.97 -4.93 5.46
C LYS A 91 0.30 -5.56 4.83
N ILE A 92 0.92 -4.84 3.88
CA ILE A 92 2.20 -5.28 3.24
C ILE A 92 3.36 -4.39 3.82
N GLU A 93 4.06 -4.89 4.85
CA GLU A 93 5.19 -4.15 5.50
C GLU A 93 6.55 -4.51 4.85
N VAL A 94 7.23 -3.50 4.27
CA VAL A 94 8.46 -3.73 3.45
C VAL A 94 9.65 -2.88 3.97
N ARG A 95 10.82 -3.51 4.23
CA ARG A 95 12.09 -2.76 4.51
C ARG A 95 13.05 -2.77 3.27
N VAL A 96 13.81 -1.68 3.06
CA VAL A 96 14.72 -1.49 1.89
C VAL A 96 15.87 -2.54 1.87
N HIS A 3 -19.82 -1.51 3.51
CA HIS A 3 -18.93 -0.32 3.40
C HIS A 3 -18.23 -0.30 2.01
N MET A 4 -18.92 0.21 0.96
CA MET A 4 -18.37 0.23 -0.43
C MET A 4 -17.48 1.48 -0.72
N LYS A 5 -16.30 1.53 -0.07
CA LYS A 5 -15.25 2.56 -0.33
C LYS A 5 -13.88 1.99 0.16
N VAL A 6 -12.92 1.83 -0.76
CA VAL A 6 -11.64 1.11 -0.51
C VAL A 6 -10.63 2.08 0.17
N ASP A 7 -10.28 1.85 1.45
CA ASP A 7 -9.14 2.55 2.10
C ASP A 7 -7.77 1.97 1.61
N ILE A 8 -6.94 2.82 0.99
CA ILE A 8 -5.51 2.49 0.73
C ILE A 8 -4.66 3.43 1.66
N THR A 9 -4.43 3.03 2.92
CA THR A 9 -3.64 3.85 3.90
C THR A 9 -2.12 3.57 3.72
N ILE A 10 -1.37 4.61 3.30
CA ILE A 10 0.11 4.54 3.14
C ILE A 10 0.74 5.22 4.39
N LYS A 11 1.43 4.45 5.26
CA LYS A 11 2.23 5.03 6.38
C LYS A 11 3.76 4.87 6.07
N ILE A 12 4.46 5.99 5.81
CA ILE A 12 5.94 5.99 5.58
C ILE A 12 6.62 6.18 6.98
N GLN A 13 7.18 5.10 7.54
CA GLN A 13 7.69 5.09 8.93
C GLN A 13 9.24 5.35 8.97
N ARG A 14 9.64 6.63 9.06
CA ARG A 14 11.08 7.03 9.03
C ARG A 14 11.68 7.12 10.46
N ASP A 15 11.94 5.95 11.07
CA ASP A 15 12.58 5.79 12.41
C ASP A 15 11.90 6.62 13.56
N GLY A 16 10.60 6.37 13.81
CA GLY A 16 9.76 7.30 14.62
C GLY A 16 8.87 8.30 13.83
N GLN A 17 9.42 9.03 12.86
CA GLN A 17 8.66 10.06 12.07
C GLN A 17 7.70 9.39 11.04
N GLU A 18 6.40 9.28 11.39
CA GLU A 18 5.44 8.37 10.71
C GLU A 18 4.41 9.15 9.84
N ILE A 19 4.65 9.23 8.52
CA ILE A 19 3.77 9.99 7.58
C ILE A 19 2.57 9.08 7.15
N GLU A 20 1.43 9.15 7.88
CA GLU A 20 0.18 8.44 7.49
C GLU A 20 -0.71 9.27 6.52
N ILE A 21 -1.05 8.68 5.36
CA ILE A 21 -2.00 9.31 4.37
C ILE A 21 -3.09 8.27 3.93
N ASP A 22 -4.37 8.62 4.13
CA ASP A 22 -5.53 7.70 3.92
C ASP A 22 -6.22 7.92 2.53
N ILE A 23 -5.79 7.16 1.49
CA ILE A 23 -6.29 7.35 0.09
C ILE A 23 -7.59 6.48 -0.11
N ARG A 24 -8.77 7.08 0.09
CA ARG A 24 -10.05 6.32 0.19
C ARG A 24 -10.89 6.43 -1.13
N VAL A 25 -10.98 5.34 -1.91
CA VAL A 25 -11.39 5.37 -3.35
C VAL A 25 -12.78 4.66 -3.55
N SER A 26 -13.68 5.26 -4.36
CA SER A 26 -14.97 4.59 -4.75
C SER A 26 -15.37 4.91 -6.22
N THR A 27 -14.81 4.17 -7.20
CA THR A 27 -14.96 4.51 -8.66
C THR A 27 -14.55 3.36 -9.62
N GLY A 28 -13.24 3.05 -9.76
CA GLY A 28 -12.74 2.22 -10.89
C GLY A 28 -11.31 2.56 -11.34
N LYS A 29 -11.10 3.80 -11.84
CA LYS A 29 -9.72 4.37 -11.99
C LYS A 29 -9.27 5.05 -10.65
N GLU A 30 -8.79 6.32 -10.62
CA GLU A 30 -8.45 7.07 -9.38
C GLU A 30 -7.24 6.56 -8.54
N LEU A 31 -7.33 5.32 -8.07
CA LEU A 31 -6.16 4.53 -7.58
C LEU A 31 -4.98 4.39 -8.60
N GLU A 32 -5.23 4.04 -9.88
CA GLU A 32 -4.20 4.08 -10.96
C GLU A 32 -3.40 5.43 -11.11
N ARG A 33 -4.08 6.60 -11.08
CA ARG A 33 -3.42 7.93 -10.97
C ARG A 33 -2.61 8.17 -9.65
N ALA A 34 -3.18 7.88 -8.46
CA ALA A 34 -2.43 7.86 -7.18
C ALA A 34 -1.22 6.86 -7.08
N LEU A 35 -1.37 5.61 -7.55
CA LEU A 35 -0.26 4.62 -7.70
C LEU A 35 1.00 5.10 -8.50
N GLN A 36 0.80 5.77 -9.66
CA GLN A 36 1.89 6.47 -10.40
C GLN A 36 2.64 7.60 -9.61
N GLU A 37 1.91 8.54 -8.95
CA GLU A 37 2.51 9.49 -7.99
C GLU A 37 3.13 8.86 -6.70
N LEU A 38 2.54 7.80 -6.09
CA LEU A 38 3.19 7.00 -5.01
C LEU A 38 4.55 6.34 -5.40
N GLU A 39 4.67 5.64 -6.56
CA GLU A 39 5.98 5.24 -7.14
C GLU A 39 7.05 6.39 -7.25
N LYS A 40 6.67 7.50 -7.90
CA LYS A 40 7.44 8.78 -7.91
C LYS A 40 7.81 9.35 -6.50
N ALA A 41 6.83 9.58 -5.60
CA ALA A 41 7.07 10.08 -4.22
C ALA A 41 7.88 9.14 -3.26
N LEU A 42 7.62 7.82 -3.22
CA LEU A 42 8.48 6.85 -2.45
C LEU A 42 9.97 6.75 -2.93
N ALA A 43 10.24 6.75 -4.25
CA ALA A 43 11.62 6.95 -4.79
C ALA A 43 12.25 8.36 -4.53
N ARG A 44 11.55 9.46 -4.87
CA ARG A 44 12.07 10.85 -4.71
C ARG A 44 12.26 11.36 -3.23
N ALA A 45 11.38 11.01 -2.28
CA ALA A 45 11.63 11.23 -0.83
C ALA A 45 12.70 10.30 -0.15
N GLY A 46 12.81 9.02 -0.55
CA GLY A 46 13.69 8.03 0.11
C GLY A 46 12.99 7.21 1.21
N ALA A 47 12.04 6.34 0.83
CA ALA A 47 11.18 5.62 1.80
C ALA A 47 11.79 4.27 2.30
N ARG A 48 12.51 4.30 3.43
CA ARG A 48 13.14 3.09 4.03
C ARG A 48 12.15 2.04 4.64
N ASN A 49 11.10 2.46 5.39
CA ASN A 49 9.98 1.58 5.78
C ASN A 49 8.64 2.19 5.26
N VAL A 50 7.82 1.39 4.57
CA VAL A 50 6.45 1.79 4.16
C VAL A 50 5.48 0.64 4.59
N GLN A 51 4.47 0.94 5.44
CA GLN A 51 3.35 -0.01 5.69
C GLN A 51 2.06 0.42 4.95
N ILE A 52 1.66 -0.40 3.96
CA ILE A 52 0.44 -0.17 3.14
C ILE A 52 -0.68 -1.07 3.73
N THR A 53 -1.72 -0.46 4.32
CA THR A 53 -2.91 -1.21 4.83
C THR A 53 -4.11 -0.96 3.87
N ILE A 54 -4.51 -2.00 3.12
CA ILE A 54 -5.63 -1.90 2.14
C ILE A 54 -6.91 -2.63 2.66
N SER A 55 -8.00 -1.88 2.88
CA SER A 55 -9.29 -2.45 3.37
C SER A 55 -10.18 -2.92 2.19
N ALA A 56 -10.29 -4.25 2.00
CA ALA A 56 -10.98 -4.86 0.84
C ALA A 56 -12.41 -5.42 1.17
N GLU A 57 -13.23 -5.59 0.12
CA GLU A 57 -14.61 -6.18 0.23
C GLU A 57 -14.68 -7.70 0.64
N ASN A 58 -13.79 -8.55 0.08
CA ASN A 58 -13.84 -10.03 0.22
C ASN A 58 -12.38 -10.62 0.29
N ASP A 59 -12.24 -11.90 0.71
CA ASP A 59 -10.97 -12.68 0.58
C ASP A 59 -10.38 -12.77 -0.88
N GLU A 60 -11.20 -13.01 -1.93
CA GLU A 60 -10.75 -12.88 -3.35
C GLU A 60 -10.29 -11.44 -3.79
N GLN A 61 -11.02 -10.36 -3.45
CA GLN A 61 -10.53 -8.96 -3.58
C GLN A 61 -9.20 -8.64 -2.81
N ALA A 62 -9.09 -9.01 -1.51
CA ALA A 62 -7.79 -9.08 -0.79
C ALA A 62 -6.63 -9.89 -1.46
N LYS A 63 -6.90 -11.09 -2.02
CA LYS A 63 -5.93 -11.86 -2.84
C LYS A 63 -5.45 -11.16 -4.16
N GLU A 64 -6.35 -10.57 -4.98
CA GLU A 64 -5.94 -9.77 -6.18
C GLU A 64 -5.16 -8.45 -5.84
N LEU A 65 -5.66 -7.64 -4.88
CA LEU A 65 -4.92 -6.47 -4.32
C LEU A 65 -3.51 -6.76 -3.69
N LEU A 66 -3.32 -7.92 -3.01
CA LEU A 66 -1.97 -8.44 -2.64
C LEU A 66 -0.95 -8.56 -3.82
N GLU A 67 -1.30 -9.17 -4.97
CA GLU A 67 -0.49 -9.03 -6.22
C GLU A 67 -0.19 -7.57 -6.67
N LEU A 68 -1.21 -6.71 -6.85
CA LEU A 68 -1.04 -5.28 -7.25
C LEU A 68 -0.08 -4.42 -6.36
N ILE A 69 -0.18 -4.51 -5.02
CA ILE A 69 0.83 -3.91 -4.09
C ILE A 69 2.21 -4.65 -4.18
N ALA A 70 2.31 -5.98 -3.94
CA ALA A 70 3.60 -6.74 -4.04
C ALA A 70 4.41 -6.62 -5.37
N ARG A 71 3.75 -6.64 -6.54
CA ARG A 71 4.33 -6.27 -7.87
C ARG A 71 4.91 -4.82 -7.98
N LEU A 72 4.22 -3.77 -7.48
CA LEU A 72 4.83 -2.43 -7.24
C LEU A 72 6.10 -2.44 -6.32
N LEU A 73 5.99 -3.05 -5.12
CA LEU A 73 7.10 -3.19 -4.14
C LEU A 73 8.37 -3.96 -4.66
N GLN A 74 8.20 -5.17 -5.25
CA GLN A 74 9.29 -5.89 -5.96
C GLN A 74 9.88 -5.16 -7.23
N LYS A 75 9.08 -4.44 -8.03
CA LYS A 75 9.60 -3.47 -9.06
C LYS A 75 10.40 -2.25 -8.48
N LEU A 76 9.97 -1.63 -7.36
CA LEU A 76 10.75 -0.59 -6.63
C LEU A 76 12.14 -1.06 -6.07
N GLY A 77 12.17 -2.20 -5.36
CA GLY A 77 13.41 -2.74 -4.73
C GLY A 77 13.36 -2.82 -3.18
N TYR A 78 12.37 -3.55 -2.65
CA TYR A 78 12.20 -3.74 -1.18
C TYR A 78 12.56 -5.22 -0.82
N LYS A 79 13.66 -5.42 -0.09
CA LYS A 79 14.11 -6.79 0.35
C LYS A 79 13.15 -7.59 1.31
N ASP A 80 12.55 -6.90 2.29
CA ASP A 80 11.60 -7.48 3.27
C ASP A 80 10.17 -7.02 2.86
N ILE A 81 9.28 -7.98 2.61
CA ILE A 81 7.87 -7.70 2.20
C ILE A 81 6.97 -8.49 3.22
N ASN A 82 6.53 -7.82 4.29
CA ASN A 82 6.10 -8.50 5.55
C ASN A 82 4.56 -8.43 5.72
N VAL A 83 3.86 -9.53 5.37
CA VAL A 83 2.39 -9.51 5.07
C VAL A 83 1.56 -10.08 6.28
N ARG A 84 0.52 -9.36 6.74
CA ARG A 84 -0.55 -9.93 7.63
C ARG A 84 -1.95 -9.38 7.22
N VAL A 85 -2.91 -10.28 6.94
CA VAL A 85 -4.34 -9.89 6.69
C VAL A 85 -5.19 -9.92 8.02
N ASN A 86 -5.84 -8.79 8.37
CA ASN A 86 -6.86 -8.76 9.46
C ASN A 86 -8.29 -8.88 8.85
N GLY A 87 -8.77 -10.13 8.66
CA GLY A 87 -10.05 -10.39 7.94
C GLY A 87 -9.97 -10.18 6.42
N THR A 88 -10.33 -8.96 5.98
CA THR A 88 -10.00 -8.46 4.59
C THR A 88 -8.92 -7.31 4.53
N GLU A 89 -8.40 -6.79 5.67
CA GLU A 89 -7.43 -5.67 5.71
C GLU A 89 -5.97 -6.20 5.46
N VAL A 90 -5.44 -6.02 4.24
CA VAL A 90 -4.10 -6.55 3.87
C VAL A 90 -3.01 -5.51 4.29
N LYS A 91 -2.35 -5.75 5.43
CA LYS A 91 -1.25 -4.89 5.95
C LYS A 91 0.12 -5.46 5.48
N ILE A 92 0.70 -4.82 4.45
CA ILE A 92 2.05 -5.21 3.91
C ILE A 92 3.06 -4.14 4.43
N GLU A 93 3.95 -4.52 5.38
CA GLU A 93 5.08 -3.66 5.81
C GLU A 93 6.37 -4.03 5.03
N VAL A 94 6.85 -3.09 4.20
CA VAL A 94 8.16 -3.24 3.52
C VAL A 94 9.32 -2.53 4.28
N ARG A 95 10.51 -3.17 4.27
CA ARG A 95 11.75 -2.57 4.81
C ARG A 95 12.89 -2.70 3.74
N VAL A 96 13.57 -1.58 3.40
CA VAL A 96 14.63 -1.56 2.33
C VAL A 96 15.89 -2.36 2.77
N HIS A 3 -18.67 5.24 1.53
CA HIS A 3 -19.67 4.16 1.32
C HIS A 3 -18.99 2.79 1.01
N MET A 4 -18.25 2.67 -0.10
CA MET A 4 -17.57 1.40 -0.50
C MET A 4 -16.18 1.25 0.21
N LYS A 5 -15.83 0.01 0.61
CA LYS A 5 -14.48 -0.28 1.18
C LYS A 5 -13.39 -0.37 0.05
N VAL A 6 -12.77 0.76 -0.28
CA VAL A 6 -11.46 0.77 -1.02
C VAL A 6 -10.58 1.85 -0.33
N ASP A 7 -9.97 1.51 0.83
CA ASP A 7 -9.06 2.43 1.55
C ASP A 7 -7.58 2.13 1.17
N ILE A 8 -6.77 3.18 0.90
CA ILE A 8 -5.29 3.07 0.99
C ILE A 8 -4.83 3.87 2.26
N THR A 9 -4.34 3.14 3.28
CA THR A 9 -3.72 3.74 4.50
C THR A 9 -2.18 3.46 4.42
N ILE A 10 -1.40 4.48 4.04
CA ILE A 10 0.05 4.34 3.71
C ILE A 10 0.85 5.08 4.82
N LYS A 11 1.51 4.37 5.74
CA LYS A 11 2.31 5.00 6.81
C LYS A 11 3.82 4.73 6.56
N ILE A 12 4.60 5.81 6.36
CA ILE A 12 6.08 5.73 6.16
C ILE A 12 6.74 6.02 7.55
N GLN A 13 7.33 4.98 8.19
CA GLN A 13 8.05 5.14 9.48
C GLN A 13 9.51 5.65 9.21
N ARG A 14 9.67 6.98 9.03
CA ARG A 14 10.88 7.55 8.39
C ARG A 14 11.90 8.04 9.46
N ASP A 15 12.90 7.21 9.76
CA ASP A 15 13.98 7.50 10.77
C ASP A 15 13.48 7.32 12.24
N GLY A 16 12.73 8.32 12.70
CA GLY A 16 11.67 8.12 13.72
C GLY A 16 10.47 9.08 13.56
N GLN A 17 9.82 9.06 12.39
CA GLN A 17 8.73 10.02 12.05
C GLN A 17 7.65 9.30 11.17
N GLU A 18 6.51 8.94 11.78
CA GLU A 18 5.43 8.18 11.12
C GLU A 18 4.52 9.06 10.21
N ILE A 19 4.74 9.01 8.88
CA ILE A 19 4.05 9.90 7.90
C ILE A 19 2.79 9.14 7.35
N GLU A 20 1.60 9.42 7.90
CA GLU A 20 0.31 8.77 7.51
C GLU A 20 -0.35 9.45 6.25
N ILE A 21 -0.63 8.66 5.20
CA ILE A 21 -1.48 9.09 4.05
C ILE A 21 -2.73 8.14 4.04
N ASP A 22 -3.84 8.59 4.66
CA ASP A 22 -5.07 7.78 4.87
C ASP A 22 -6.26 8.32 4.03
N ILE A 23 -6.52 7.73 2.84
CA ILE A 23 -7.57 8.22 1.89
C ILE A 23 -8.30 7.03 1.17
N ARG A 24 -9.61 7.17 0.91
CA ARG A 24 -10.43 6.13 0.21
C ARG A 24 -10.80 6.49 -1.27
N VAL A 25 -10.82 5.48 -2.16
CA VAL A 25 -10.77 5.69 -3.63
C VAL A 25 -11.73 4.67 -4.34
N SER A 26 -13.00 5.05 -4.55
CA SER A 26 -14.09 4.06 -4.87
C SER A 26 -14.53 4.03 -6.36
N THR A 27 -13.78 3.27 -7.18
CA THR A 27 -13.93 3.25 -8.67
C THR A 27 -12.94 2.27 -9.36
N GLY A 28 -11.62 2.38 -9.12
CA GLY A 28 -10.58 1.89 -10.07
C GLY A 28 -9.68 3.01 -10.64
N LYS A 29 -10.26 4.01 -11.33
CA LYS A 29 -9.51 5.19 -11.85
C LYS A 29 -8.84 6.13 -10.78
N GLU A 30 -9.53 6.48 -9.68
CA GLU A 30 -8.89 7.03 -8.44
C GLU A 30 -7.73 6.14 -7.84
N LEU A 31 -7.93 4.81 -7.68
CA LEU A 31 -6.86 3.87 -7.25
C LEU A 31 -5.64 3.77 -8.23
N GLU A 32 -5.86 3.62 -9.55
CA GLU A 32 -4.82 3.81 -10.60
C GLU A 32 -4.02 5.16 -10.52
N ARG A 33 -4.70 6.32 -10.49
CA ARG A 33 -4.06 7.64 -10.25
C ARG A 33 -3.30 7.80 -8.88
N ALA A 34 -3.90 7.40 -7.74
CA ALA A 34 -3.21 7.31 -6.43
C ALA A 34 -1.99 6.32 -6.38
N LEU A 35 -2.15 5.04 -6.75
CA LEU A 35 -1.03 4.06 -6.84
C LEU A 35 0.14 4.43 -7.82
N GLN A 36 -0.15 4.99 -9.02
CA GLN A 36 0.88 5.65 -9.88
C GLN A 36 1.72 6.76 -9.17
N GLU A 37 1.09 7.77 -8.51
CA GLU A 37 1.82 8.71 -7.62
C GLU A 37 2.43 8.09 -6.31
N LEU A 38 1.87 7.05 -5.65
CA LEU A 38 2.61 6.26 -4.61
C LEU A 38 3.96 5.63 -5.09
N GLU A 39 3.97 4.92 -6.24
CA GLU A 39 5.22 4.51 -6.96
C GLU A 39 6.27 5.65 -7.17
N LYS A 40 5.84 6.78 -7.75
CA LYS A 40 6.64 8.04 -7.83
C LYS A 40 7.06 8.63 -6.43
N ALA A 41 6.13 8.87 -5.49
CA ALA A 41 6.41 9.33 -4.10
C ALA A 41 7.37 8.46 -3.23
N LEU A 42 7.29 7.12 -3.26
CA LEU A 42 8.29 6.21 -2.62
C LEU A 42 9.77 6.43 -3.09
N ALA A 43 10.03 6.57 -4.41
CA ALA A 43 11.33 7.08 -4.94
C ALA A 43 11.64 8.60 -4.69
N ARG A 44 10.70 9.53 -4.95
CA ARG A 44 10.87 11.00 -4.67
C ARG A 44 11.19 11.39 -3.19
N ALA A 45 10.41 10.93 -2.21
CA ALA A 45 10.68 11.16 -0.77
C ALA A 45 11.79 10.30 -0.07
N GLY A 46 12.18 9.13 -0.63
CA GLY A 46 13.09 8.17 0.05
C GLY A 46 12.43 7.34 1.17
N ALA A 47 11.47 6.48 0.80
CA ALA A 47 10.59 5.82 1.79
C ALA A 47 11.18 4.48 2.34
N ARG A 48 11.93 4.60 3.45
CA ARG A 48 12.66 3.47 4.08
C ARG A 48 11.81 2.29 4.66
N ASN A 49 10.71 2.60 5.38
CA ASN A 49 9.92 1.59 6.14
C ASN A 49 8.41 1.88 5.89
N VAL A 50 7.72 1.12 5.03
CA VAL A 50 6.37 1.50 4.51
C VAL A 50 5.36 0.35 4.83
N GLN A 51 4.35 0.61 5.69
CA GLN A 51 3.14 -0.26 5.76
C GLN A 51 2.06 0.23 4.75
N ILE A 52 1.73 -0.63 3.77
CA ILE A 52 0.62 -0.39 2.81
C ILE A 52 -0.59 -1.21 3.37
N THR A 53 -1.55 -0.56 4.06
CA THR A 53 -2.79 -1.25 4.53
C THR A 53 -3.93 -0.92 3.53
N ILE A 54 -4.31 -1.93 2.73
CA ILE A 54 -5.44 -1.80 1.76
C ILE A 54 -6.71 -2.53 2.31
N SER A 55 -7.80 -1.79 2.58
CA SER A 55 -9.07 -2.37 3.09
C SER A 55 -10.10 -2.53 1.94
N ALA A 56 -10.33 -3.78 1.49
CA ALA A 56 -11.26 -4.10 0.38
C ALA A 56 -12.69 -4.58 0.85
N GLU A 57 -13.65 -4.68 -0.09
CA GLU A 57 -14.99 -5.27 0.18
C GLU A 57 -15.00 -6.84 0.23
N ASN A 58 -14.33 -7.53 -0.70
CA ASN A 58 -14.26 -9.03 -0.73
C ASN A 58 -12.83 -9.55 -0.32
N ASP A 59 -12.78 -10.79 0.20
CA ASP A 59 -11.50 -11.56 0.36
C ASP A 59 -10.77 -11.85 -1.00
N GLU A 60 -11.49 -12.30 -2.06
CA GLU A 60 -10.97 -12.35 -3.46
C GLU A 60 -10.42 -10.99 -4.04
N GLN A 61 -11.05 -9.83 -3.77
CA GLN A 61 -10.43 -8.49 -4.04
C GLN A 61 -9.07 -8.25 -3.30
N ALA A 62 -9.01 -8.41 -1.96
CA ALA A 62 -7.74 -8.37 -1.19
C ALA A 62 -6.62 -9.39 -1.60
N LYS A 63 -6.97 -10.66 -1.90
CA LYS A 63 -6.11 -11.65 -2.63
C LYS A 63 -5.50 -11.14 -3.99
N GLU A 64 -6.31 -10.61 -4.92
CA GLU A 64 -5.81 -9.93 -6.16
C GLU A 64 -4.97 -8.63 -5.92
N LEU A 65 -5.41 -7.72 -5.03
CA LEU A 65 -4.61 -6.55 -4.56
C LEU A 65 -3.25 -6.90 -3.87
N LEU A 66 -3.12 -8.01 -3.11
CA LEU A 66 -1.80 -8.56 -2.66
C LEU A 66 -0.77 -8.85 -3.80
N GLU A 67 -1.12 -9.63 -4.85
CA GLU A 67 -0.35 -9.68 -6.14
C GLU A 67 0.01 -8.27 -6.73
N LEU A 68 -1.00 -7.42 -7.00
CA LEU A 68 -0.80 -6.06 -7.58
C LEU A 68 0.13 -5.10 -6.76
N ILE A 69 -0.04 -4.99 -5.42
CA ILE A 69 0.93 -4.27 -4.54
C ILE A 69 2.32 -5.00 -4.47
N ALA A 70 2.44 -6.30 -4.09
CA ALA A 70 3.75 -7.03 -4.05
C ALA A 70 4.62 -7.00 -5.36
N ARG A 71 3.99 -7.19 -6.53
CA ARG A 71 4.60 -6.93 -7.86
C ARG A 71 5.10 -5.45 -8.11
N LEU A 72 4.34 -4.43 -7.67
CA LEU A 72 4.87 -3.03 -7.56
C LEU A 72 6.07 -2.85 -6.56
N LEU A 73 5.98 -3.36 -5.32
CA LEU A 73 7.07 -3.30 -4.29
C LEU A 73 8.43 -3.98 -4.69
N GLN A 74 8.39 -5.18 -5.30
CA GLN A 74 9.54 -5.75 -6.09
C GLN A 74 10.14 -4.80 -7.18
N LYS A 75 9.29 -4.16 -8.01
CA LYS A 75 9.72 -3.09 -8.96
C LYS A 75 10.18 -1.71 -8.35
N LEU A 76 9.85 -1.35 -7.09
CA LEU A 76 10.58 -0.29 -6.32
C LEU A 76 12.01 -0.75 -5.85
N GLY A 77 12.12 -1.83 -5.06
CA GLY A 77 13.41 -2.33 -4.51
C GLY A 77 13.41 -2.41 -2.96
N TYR A 78 12.81 -3.46 -2.41
CA TYR A 78 12.67 -3.65 -0.94
C TYR A 78 13.09 -5.11 -0.55
N LYS A 79 14.01 -5.26 0.43
CA LYS A 79 14.45 -6.61 0.91
C LYS A 79 13.41 -7.38 1.80
N ASP A 80 12.79 -6.73 2.79
CA ASP A 80 11.76 -7.34 3.68
C ASP A 80 10.36 -7.05 3.06
N ILE A 81 9.56 -8.11 2.85
CA ILE A 81 8.14 -7.95 2.40
C ILE A 81 7.25 -8.70 3.45
N ASN A 82 6.82 -8.02 4.54
CA ASN A 82 6.07 -8.68 5.65
C ASN A 82 4.53 -8.43 5.53
N VAL A 83 3.81 -9.38 4.90
CA VAL A 83 2.32 -9.35 4.82
C VAL A 83 1.66 -9.96 6.11
N ARG A 84 0.70 -9.22 6.70
CA ARG A 84 -0.22 -9.75 7.74
C ARG A 84 -1.69 -9.43 7.32
N VAL A 85 -2.48 -10.45 6.96
CA VAL A 85 -3.85 -10.28 6.38
C VAL A 85 -4.92 -10.37 7.53
N ASN A 86 -5.83 -9.38 7.64
CA ASN A 86 -7.03 -9.47 8.53
C ASN A 86 -8.34 -9.58 7.69
N GLY A 87 -8.55 -10.76 7.04
CA GLY A 87 -9.66 -10.95 6.05
C GLY A 87 -9.52 -10.11 4.76
N THR A 88 -10.23 -8.98 4.72
CA THR A 88 -10.13 -7.99 3.59
C THR A 88 -9.08 -6.84 3.79
N GLU A 89 -8.48 -6.68 4.99
CA GLU A 89 -7.37 -5.72 5.24
C GLU A 89 -5.99 -6.43 4.97
N VAL A 90 -5.28 -6.00 3.91
CA VAL A 90 -3.93 -6.52 3.59
C VAL A 90 -2.88 -5.44 4.02
N LYS A 91 -2.19 -5.62 5.17
CA LYS A 91 -1.02 -4.77 5.54
C LYS A 91 0.31 -5.38 5.02
N ILE A 92 0.87 -4.85 3.92
CA ILE A 92 2.23 -5.25 3.44
C ILE A 92 3.27 -4.23 4.02
N GLU A 93 4.01 -4.68 5.03
CA GLU A 93 5.11 -3.91 5.68
C GLU A 93 6.44 -4.17 4.92
N VAL A 94 6.90 -3.17 4.15
CA VAL A 94 8.19 -3.27 3.40
C VAL A 94 9.31 -2.44 4.10
N ARG A 95 10.47 -3.07 4.34
CA ARG A 95 11.61 -2.40 5.04
C ARG A 95 12.93 -2.56 4.21
N VAL A 96 13.69 -1.46 4.05
CA VAL A 96 14.98 -1.47 3.30
C VAL A 96 16.09 -1.91 4.30
N HIS A 3 -19.40 -2.19 3.55
CA HIS A 3 -18.31 -3.05 4.06
C HIS A 3 -16.93 -2.37 3.78
N MET A 4 -16.39 -1.59 4.74
CA MET A 4 -15.05 -0.92 4.64
C MET A 4 -14.92 0.27 3.61
N LYS A 5 -15.18 0.00 2.31
CA LYS A 5 -14.86 0.89 1.17
C LYS A 5 -13.33 0.97 0.83
N VAL A 6 -12.94 0.75 -0.44
CA VAL A 6 -11.50 0.65 -0.86
C VAL A 6 -10.61 1.88 -0.45
N ASP A 7 -9.74 1.64 0.53
CA ASP A 7 -8.92 2.68 1.19
C ASP A 7 -7.42 2.30 1.02
N ILE A 8 -6.62 3.04 0.23
CA ILE A 8 -5.14 2.86 0.25
C ILE A 8 -4.52 3.83 1.32
N THR A 9 -4.37 3.34 2.56
CA THR A 9 -3.69 4.08 3.66
C THR A 9 -2.16 3.76 3.60
N ILE A 10 -1.38 4.75 3.12
CA ILE A 10 0.08 4.59 2.87
C ILE A 10 0.83 5.27 4.06
N LYS A 11 1.44 4.45 4.95
CA LYS A 11 2.25 4.96 6.09
C LYS A 11 3.76 4.93 5.75
N ILE A 12 4.33 6.07 5.31
CA ILE A 12 5.81 6.24 5.13
C ILE A 12 6.41 6.56 6.55
N GLN A 13 6.95 5.55 7.25
CA GLN A 13 7.75 5.78 8.48
C GLN A 13 9.25 5.93 8.08
N ARG A 14 9.66 7.19 7.88
CA ARG A 14 11.03 7.55 7.45
C ARG A 14 11.76 8.27 8.61
N ASP A 15 12.93 7.77 9.06
CA ASP A 15 13.85 8.49 9.99
C ASP A 15 13.19 9.36 11.13
N GLY A 16 12.57 8.68 12.12
CA GLY A 16 11.74 9.36 13.17
C GLY A 16 10.48 10.17 12.75
N GLN A 17 9.79 9.81 11.66
CA GLN A 17 8.65 10.61 11.13
C GLN A 17 7.58 9.68 10.45
N GLU A 18 6.44 9.50 11.13
CA GLU A 18 5.29 8.72 10.61
C GLU A 18 4.38 9.60 9.68
N ILE A 19 4.49 9.41 8.35
CA ILE A 19 3.71 10.22 7.35
C ILE A 19 2.55 9.32 6.80
N GLU A 20 1.32 9.49 7.32
CA GLU A 20 0.15 8.68 6.87
C GLU A 20 -0.75 9.40 5.82
N ILE A 21 -0.92 8.79 4.64
CA ILE A 21 -1.78 9.32 3.54
C ILE A 21 -2.99 8.34 3.39
N ASP A 22 -4.13 8.66 4.01
CA ASP A 22 -5.41 7.91 3.86
C ASP A 22 -6.29 8.52 2.72
N ILE A 23 -6.42 7.81 1.58
CA ILE A 23 -7.31 8.26 0.45
C ILE A 23 -8.28 7.12 0.03
N ARG A 24 -9.58 7.45 -0.08
CA ARG A 24 -10.68 6.45 -0.14
C ARG A 24 -11.38 6.51 -1.54
N VAL A 25 -11.31 5.40 -2.29
CA VAL A 25 -11.43 5.41 -3.77
C VAL A 25 -12.22 4.14 -4.25
N SER A 26 -13.55 4.27 -4.41
CA SER A 26 -14.41 3.17 -4.94
C SER A 26 -14.52 3.16 -6.50
N THR A 27 -13.39 2.87 -7.19
CA THR A 27 -13.17 3.32 -8.61
C THR A 27 -11.91 2.62 -9.27
N GLY A 28 -11.90 2.57 -10.61
CA GLY A 28 -10.72 2.11 -11.40
C GLY A 28 -10.11 3.20 -12.31
N LYS A 29 -8.81 3.04 -12.65
CA LYS A 29 -7.98 4.12 -13.30
C LYS A 29 -7.57 5.32 -12.37
N GLU A 30 -8.52 5.90 -11.61
CA GLU A 30 -8.22 6.76 -10.43
C GLU A 30 -7.35 6.09 -9.30
N LEU A 31 -7.72 4.86 -8.84
CA LEU A 31 -6.84 4.01 -7.96
C LEU A 31 -5.41 3.71 -8.54
N GLU A 32 -5.31 3.24 -9.80
CA GLU A 32 -4.03 3.18 -10.58
C GLU A 32 -3.17 4.50 -10.58
N ARG A 33 -3.74 5.64 -10.97
CA ARG A 33 -3.07 6.97 -10.91
C ARG A 33 -2.66 7.46 -9.48
N ALA A 34 -3.55 7.37 -8.47
CA ALA A 34 -3.18 7.60 -7.04
C ALA A 34 -2.08 6.65 -6.46
N LEU A 35 -2.20 5.31 -6.64
CA LEU A 35 -1.09 4.35 -6.36
C LEU A 35 0.25 4.61 -7.15
N GLN A 36 0.23 4.98 -8.44
CA GLN A 36 1.44 5.42 -9.20
C GLN A 36 2.12 6.76 -8.70
N GLU A 37 1.38 7.83 -8.34
CA GLU A 37 1.99 8.98 -7.60
C GLU A 37 2.44 8.68 -6.13
N LEU A 38 1.72 7.86 -5.37
CA LEU A 38 2.20 7.33 -4.06
C LEU A 38 3.43 6.37 -4.13
N GLU A 39 3.53 5.44 -5.10
CA GLU A 39 4.83 4.86 -5.60
C GLU A 39 6.00 5.87 -5.83
N LYS A 40 5.77 6.92 -6.66
CA LYS A 40 6.74 8.03 -6.89
C LYS A 40 7.14 8.82 -5.60
N ALA A 41 6.18 9.32 -4.80
CA ALA A 41 6.43 9.85 -3.43
C ALA A 41 7.16 8.89 -2.42
N LEU A 42 6.80 7.60 -2.34
CA LEU A 42 7.54 6.56 -1.56
C LEU A 42 9.06 6.42 -1.90
N ALA A 43 9.43 6.23 -3.19
CA ALA A 43 10.85 6.26 -3.64
C ALA A 43 11.57 7.65 -3.50
N ARG A 44 10.95 8.74 -3.98
CA ARG A 44 11.44 10.14 -3.80
C ARG A 44 11.62 10.65 -2.32
N ALA A 45 10.79 10.21 -1.36
CA ALA A 45 11.01 10.43 0.09
C ALA A 45 12.26 9.74 0.76
N GLY A 46 12.68 8.55 0.30
CA GLY A 46 13.85 7.83 0.88
C GLY A 46 13.60 7.17 2.26
N ALA A 47 12.80 6.09 2.26
CA ALA A 47 12.19 5.56 3.51
C ALA A 47 12.75 4.18 3.98
N ARG A 48 12.90 4.02 5.30
CA ARG A 48 13.33 2.72 5.91
C ARG A 48 12.15 1.72 6.19
N ASN A 49 11.01 2.17 6.77
CA ASN A 49 9.90 1.28 7.18
C ASN A 49 8.58 1.77 6.51
N VAL A 50 8.13 1.14 5.42
CA VAL A 50 6.93 1.63 4.64
C VAL A 50 5.75 0.65 4.87
N GLN A 51 4.68 1.13 5.52
CA GLN A 51 3.54 0.29 5.95
C GLN A 51 2.28 0.55 5.05
N ILE A 52 2.04 -0.32 4.06
CA ILE A 52 0.91 -0.19 3.08
C ILE A 52 -0.29 -1.00 3.66
N THR A 53 -1.36 -0.34 4.14
CA THR A 53 -2.59 -1.03 4.60
C THR A 53 -3.75 -0.67 3.63
N ILE A 54 -4.21 -1.65 2.82
CA ILE A 54 -5.45 -1.47 2.00
C ILE A 54 -6.65 -2.15 2.72
N SER A 55 -7.62 -1.33 3.19
CA SER A 55 -8.90 -1.86 3.76
C SER A 55 -9.93 -2.19 2.62
N ALA A 56 -10.00 -3.47 2.21
CA ALA A 56 -10.85 -3.89 1.06
C ALA A 56 -12.28 -4.34 1.45
N GLU A 57 -13.22 -4.25 0.50
CA GLU A 57 -14.64 -4.66 0.69
C GLU A 57 -14.89 -6.21 0.65
N ASN A 58 -14.27 -6.92 -0.32
CA ASN A 58 -14.47 -8.38 -0.53
C ASN A 58 -13.12 -9.18 -0.45
N ASP A 59 -13.22 -10.49 -0.18
CA ASP A 59 -12.12 -11.47 -0.43
C ASP A 59 -11.52 -11.49 -1.89
N GLU A 60 -12.36 -11.58 -2.93
CA GLU A 60 -11.94 -11.38 -4.36
C GLU A 60 -11.24 -10.02 -4.68
N GLN A 61 -11.61 -8.90 -4.03
CA GLN A 61 -10.74 -7.68 -4.00
C GLN A 61 -9.37 -7.89 -3.26
N ALA A 62 -9.36 -8.33 -1.99
CA ALA A 62 -8.12 -8.61 -1.21
C ALA A 62 -7.03 -9.53 -1.87
N LYS A 63 -7.41 -10.66 -2.50
CA LYS A 63 -6.47 -11.49 -3.32
C LYS A 63 -5.77 -10.78 -4.53
N GLU A 64 -6.50 -10.10 -5.42
CA GLU A 64 -5.88 -9.26 -6.50
C GLU A 64 -5.22 -7.91 -6.04
N LEU A 65 -5.73 -7.23 -5.00
CA LEU A 65 -5.01 -6.12 -4.32
C LEU A 65 -3.67 -6.52 -3.59
N LEU A 66 -3.59 -7.69 -2.91
CA LEU A 66 -2.30 -8.37 -2.58
C LEU A 66 -1.27 -8.51 -3.75
N GLU A 67 -1.70 -9.11 -4.88
CA GLU A 67 -0.87 -9.18 -6.12
C GLU A 67 -0.52 -7.78 -6.76
N LEU A 68 -1.48 -6.84 -6.90
CA LEU A 68 -1.21 -5.42 -7.29
C LEU A 68 -0.18 -4.64 -6.41
N ILE A 69 -0.28 -4.68 -5.06
CA ILE A 69 0.77 -4.12 -4.15
C ILE A 69 2.13 -4.89 -4.28
N ALA A 70 2.17 -6.24 -4.25
CA ALA A 70 3.40 -7.03 -4.56
C ALA A 70 4.12 -6.71 -5.92
N ARG A 71 3.40 -6.59 -7.05
CA ARG A 71 3.92 -5.99 -8.32
C ARG A 71 4.61 -4.59 -8.18
N LEU A 72 3.92 -3.63 -7.54
CA LEU A 72 4.47 -2.30 -7.18
C LEU A 72 5.79 -2.34 -6.31
N LEU A 73 5.80 -3.12 -5.22
CA LEU A 73 6.99 -3.36 -4.35
C LEU A 73 8.19 -4.11 -5.03
N GLN A 74 7.93 -5.16 -5.84
CA GLN A 74 8.95 -5.76 -6.75
C GLN A 74 9.55 -4.76 -7.81
N LYS A 75 8.71 -3.94 -8.50
CA LYS A 75 9.18 -2.75 -9.27
C LYS A 75 10.00 -1.68 -8.46
N LEU A 76 9.53 -1.25 -7.27
CA LEU A 76 10.29 -0.33 -6.36
C LEU A 76 11.68 -0.87 -5.84
N GLY A 77 11.74 -2.12 -5.35
CA GLY A 77 13.03 -2.75 -4.91
C GLY A 77 13.18 -2.87 -3.40
N TYR A 78 12.44 -3.81 -2.78
CA TYR A 78 12.42 -3.99 -1.30
C TYR A 78 12.57 -5.50 -0.94
N LYS A 79 13.48 -5.83 -0.01
CA LYS A 79 13.69 -7.23 0.47
C LYS A 79 12.68 -7.73 1.56
N ASP A 80 12.43 -6.96 2.64
CA ASP A 80 11.78 -7.48 3.88
C ASP A 80 10.24 -7.23 3.81
N ILE A 81 9.50 -8.13 3.12
CA ILE A 81 8.07 -7.90 2.76
C ILE A 81 7.17 -8.60 3.83
N ASN A 82 6.72 -7.85 4.85
CA ASN A 82 5.93 -8.36 6.00
C ASN A 82 4.39 -8.34 5.69
N VAL A 83 3.86 -9.49 5.25
CA VAL A 83 2.46 -9.63 4.76
C VAL A 83 1.52 -10.13 5.92
N ARG A 84 0.47 -9.35 6.26
CA ARG A 84 -0.70 -9.86 7.02
C ARG A 84 -2.00 -9.58 6.21
N VAL A 85 -2.73 -10.64 5.82
CA VAL A 85 -4.14 -10.51 5.33
C VAL A 85 -5.09 -10.67 6.58
N ASN A 86 -5.54 -9.55 7.14
CA ASN A 86 -6.42 -9.51 8.35
C ASN A 86 -7.92 -9.50 7.93
N GLY A 87 -8.44 -10.65 7.46
CA GLY A 87 -9.76 -10.73 6.79
C GLY A 87 -9.76 -10.18 5.34
N THR A 88 -10.31 -8.97 5.17
CA THR A 88 -10.15 -8.18 3.90
C THR A 88 -9.10 -7.01 3.97
N GLU A 89 -8.64 -6.59 5.17
CA GLU A 89 -7.49 -5.67 5.34
C GLU A 89 -6.14 -6.34 4.92
N VAL A 90 -5.53 -5.84 3.84
CA VAL A 90 -4.24 -6.37 3.32
C VAL A 90 -3.12 -5.39 3.81
N LYS A 91 -2.44 -5.78 4.90
CA LYS A 91 -1.33 -5.01 5.51
C LYS A 91 0.01 -5.58 4.99
N ILE A 92 0.64 -4.91 4.01
CA ILE A 92 1.96 -5.33 3.45
C ILE A 92 2.99 -4.23 3.86
N GLU A 93 3.83 -4.54 4.84
CA GLU A 93 4.88 -3.62 5.35
C GLU A 93 6.27 -3.99 4.75
N VAL A 94 6.88 -3.07 3.99
CA VAL A 94 8.23 -3.29 3.41
C VAL A 94 9.34 -2.57 4.22
N ARG A 95 10.40 -3.32 4.53
CA ARG A 95 11.60 -2.79 5.22
C ARG A 95 12.90 -3.04 4.36
N VAL A 96 13.92 -2.19 4.55
CA VAL A 96 15.15 -2.20 3.70
C VAL A 96 16.18 -3.10 4.39
#